data_7G0T
# 
_entry.id   7G0T 
# 
_audit_conform.dict_name       mmcif_pdbx.dic 
_audit_conform.dict_version    5.404 
_audit_conform.dict_location   http://mmcif.pdb.org/dictionaries/ascii/mmcif_pdbx.dic 
# 
loop_
_database_2.database_id 
_database_2.database_code 
_database_2.pdbx_database_accession 
_database_2.pdbx_DOI 
PDB   7G0T         pdb_00007g0t 10.2210/pdb7g0t/pdb 
WWPDB D_1001405590 ?            ?                   
# 
loop_
_pdbx_audit_revision_history.ordinal 
_pdbx_audit_revision_history.data_content_type 
_pdbx_audit_revision_history.major_revision 
_pdbx_audit_revision_history.minor_revision 
_pdbx_audit_revision_history.revision_date 
_pdbx_audit_revision_history.part_number 
1 'Structure model' 1 0 2023-06-14 ? 
2 'Structure model' 1 1 2024-04-03 ? 
3 'Structure model' 1 2 2024-11-20 ? 
4 'Structure model' 1 3 2025-08-13 ? 
# 
_pdbx_audit_revision_details.ordinal             1 
_pdbx_audit_revision_details.revision_ordinal    1 
_pdbx_audit_revision_details.data_content_type   'Structure model' 
_pdbx_audit_revision_details.provider            repository 
_pdbx_audit_revision_details.type                'Initial release' 
_pdbx_audit_revision_details.description         ? 
_pdbx_audit_revision_details.details             ? 
# 
loop_
_pdbx_audit_revision_group.ordinal 
_pdbx_audit_revision_group.revision_ordinal 
_pdbx_audit_revision_group.data_content_type 
_pdbx_audit_revision_group.group 
1 2 'Structure model' 'Data collection'        
2 2 'Structure model' 'Refinement description' 
3 3 'Structure model' 'Structure summary'      
4 4 'Structure model' 'Database references'    
# 
loop_
_pdbx_audit_revision_category.ordinal 
_pdbx_audit_revision_category.revision_ordinal 
_pdbx_audit_revision_category.data_content_type 
_pdbx_audit_revision_category.category 
1 2 'Structure model' chem_comp_atom                
2 2 'Structure model' chem_comp_bond                
3 2 'Structure model' pdbx_initial_refinement_model 
4 3 'Structure model' pdbx_entry_details            
5 3 'Structure model' struct                        
6 4 'Structure model' citation                      
7 4 'Structure model' citation_author               
# 
loop_
_pdbx_audit_revision_item.ordinal 
_pdbx_audit_revision_item.revision_ordinal 
_pdbx_audit_revision_item.data_content_type 
_pdbx_audit_revision_item.item 
1  3 'Structure model' '_pdbx_entry_details.has_protein_modification' 
2  3 'Structure model' '_struct.title'                                
3  4 'Structure model' '_citation.journal_abbrev'                     
4  4 'Structure model' '_citation.journal_id_CSD'                     
5  4 'Structure model' '_citation.journal_id_ISSN'                    
6  4 'Structure model' '_citation.journal_volume'                     
7  4 'Structure model' '_citation.page_first'                         
8  4 'Structure model' '_citation.page_last'                          
9  4 'Structure model' '_citation.pdbx_database_id_DOI'               
10 4 'Structure model' '_citation.pdbx_database_id_PubMed'            
11 4 'Structure model' '_citation.title'                              
12 4 'Structure model' '_citation.year'                               
# 
_pdbx_database_status.entry_id                        7G0T 
_pdbx_database_status.status_code                     REL 
_pdbx_database_status.status_code_sf                  REL 
_pdbx_database_status.status_code_mr                  ? 
_pdbx_database_status.status_code_cs                  ? 
_pdbx_database_status.recvd_initial_deposition_date   2023-04-27 
_pdbx_database_status.status_code_nmr_data            ? 
_pdbx_database_status.deposit_site                    RCSB 
_pdbx_database_status.process_site                    RCSB 
_pdbx_database_status.SG_entry                        ? 
_pdbx_database_status.pdb_format_compatible           Y 
_pdbx_database_status.methods_development_category    ? 
# 
_pdbx_contact_author.id                 1 
_pdbx_contact_author.name_first         Markus 
_pdbx_contact_author.name_last          Rudolph 
_pdbx_contact_author.name_mi            G. 
_pdbx_contact_author.role               'principal investigator/group leader' 
_pdbx_contact_author.email              Markus.Rudolph@roche.com 
_pdbx_contact_author.identifier_ORCID   0000-0003-0447-1101 
# 
loop_
_audit_author.pdbx_ordinal 
_audit_author.name 
1 'Ehler, A.'     
2 'Benz, J.'      
3 'Obst, U.'      
4 'Maurer, M.'    
5 'Rudolph, M.G.' 
# 
_citation.id                        primary 
_citation.journal_abbrev            'Acta Crystallogr D Struct Biol' 
_citation.title                     
'A high-resolution data set of fatty acid-binding protein structures. III. Unexpectedly high occurrence of wrong ligands.' 
_citation.year                      2025 
_citation.journal_volume            81 
_citation.page_first                451 
_citation.page_last                 464 
_citation.journal_id_ASTM           ? 
_citation.country                   ? 
_citation.journal_id_ISSN           2059-7983 
_citation.journal_id_CSD            ? 
_citation.book_publisher            ? 
_citation.pdbx_database_id_PubMed   40748031 
_citation.pdbx_database_id_DOI      10.1107/S2059798325006096 
# 
loop_
_citation_author.citation_id 
_citation_author.name 
_citation_author.ordinal 
_citation_author.identifier_ORCID 
primary 'Ehler, A.'     1 ?                   
primary 'Bartelmus, C.' 2 0000-0002-1527-4325 
primary 'Benz, J.'      3 ?                   
primary 'Plitzko, I.'   4 ?                   
primary 'Rudolph, M.G.' 5 0000-0003-0447-1101 
# 
loop_
_entity.id 
_entity.type 
_entity.src_method 
_entity.pdbx_description 
_entity.formula_weight 
_entity.pdbx_number_of_molecules 
_entity.pdbx_ec 
_entity.pdbx_mutation 
_entity.pdbx_fragment 
_entity.details 
1 polymer     man 'Fatty acid-binding protein, adipocyte'                                             15022.176 1   ? ? ? ? 
2 non-polymer syn '1-{[4-chloro-2-(trifluoromethyl)phenyl]carbamamido}cyclopentane-1-carboxylic acid' 350.721   1   ? ? ? ? 
3 non-polymer syn 'SULFATE ION'                                                                       96.063    2   ? ? ? ? 
4 non-polymer syn 'FORMIC ACID'                                                                       46.025    1   ? ? ? ? 
5 non-polymer syn 'DIMETHYL SULFOXIDE'                                                                78.133    1   ? ? ? ? 
6 water       nat water                                                                               18.015    103 ? ? ? ? 
# 
_entity_name_com.entity_id   1 
_entity_name_com.name        
'Adipocyte lipid-binding protein,ALBP,Adipocyte-type fatty acid-binding protein,A-FABP,AFABP,Fatty acid-binding protein 4' 
# 
_entity_poly.entity_id                      1 
_entity_poly.type                           'polypeptide(L)' 
_entity_poly.nstd_linkage                   no 
_entity_poly.nstd_monomer                   no 
_entity_poly.pdbx_seq_one_letter_code       
;GSHMCDAFVGTWKLVSSENFDDYMKEVGVGFATRKVAGMAKPNMIISVNGDVITIKSESTFKNTEISFILGQEFDEVTAD
DRKVKSTITLDGGVLVHVQKWDGKSTTIKRKREDDKLVVECVMKGVTSTRVYERA
;
_entity_poly.pdbx_seq_one_letter_code_can   
;GSHMCDAFVGTWKLVSSENFDDYMKEVGVGFATRKVAGMAKPNMIISVNGDVITIKSESTFKNTEISFILGQEFDEVTAD
DRKVKSTITLDGGVLVHVQKWDGKSTTIKRKREDDKLVVECVMKGVTSTRVYERA
;
_entity_poly.pdbx_strand_id                 A 
_entity_poly.pdbx_target_identifier         ? 
# 
loop_
_pdbx_entity_nonpoly.entity_id 
_pdbx_entity_nonpoly.name 
_pdbx_entity_nonpoly.comp_id 
2 '1-{[4-chloro-2-(trifluoromethyl)phenyl]carbamamido}cyclopentane-1-carboxylic acid' WLF 
3 'SULFATE ION'                                                                       SO4 
4 'FORMIC ACID'                                                                       FMT 
5 'DIMETHYL SULFOXIDE'                                                                DMS 
6 water                                                                               HOH 
# 
loop_
_entity_poly_seq.entity_id 
_entity_poly_seq.num 
_entity_poly_seq.mon_id 
_entity_poly_seq.hetero 
1 1   GLY n 
1 2   SER n 
1 3   HIS n 
1 4   MET n 
1 5   CYS n 
1 6   ASP n 
1 7   ALA n 
1 8   PHE n 
1 9   VAL n 
1 10  GLY n 
1 11  THR n 
1 12  TRP n 
1 13  LYS n 
1 14  LEU n 
1 15  VAL n 
1 16  SER n 
1 17  SER n 
1 18  GLU n 
1 19  ASN n 
1 20  PHE n 
1 21  ASP n 
1 22  ASP n 
1 23  TYR n 
1 24  MET n 
1 25  LYS n 
1 26  GLU n 
1 27  VAL n 
1 28  GLY n 
1 29  VAL n 
1 30  GLY n 
1 31  PHE n 
1 32  ALA n 
1 33  THR n 
1 34  ARG n 
1 35  LYS n 
1 36  VAL n 
1 37  ALA n 
1 38  GLY n 
1 39  MET n 
1 40  ALA n 
1 41  LYS n 
1 42  PRO n 
1 43  ASN n 
1 44  MET n 
1 45  ILE n 
1 46  ILE n 
1 47  SER n 
1 48  VAL n 
1 49  ASN n 
1 50  GLY n 
1 51  ASP n 
1 52  VAL n 
1 53  ILE n 
1 54  THR n 
1 55  ILE n 
1 56  LYS n 
1 57  SER n 
1 58  GLU n 
1 59  SER n 
1 60  THR n 
1 61  PHE n 
1 62  LYS n 
1 63  ASN n 
1 64  THR n 
1 65  GLU n 
1 66  ILE n 
1 67  SER n 
1 68  PHE n 
1 69  ILE n 
1 70  LEU n 
1 71  GLY n 
1 72  GLN n 
1 73  GLU n 
1 74  PHE n 
1 75  ASP n 
1 76  GLU n 
1 77  VAL n 
1 78  THR n 
1 79  ALA n 
1 80  ASP n 
1 81  ASP n 
1 82  ARG n 
1 83  LYS n 
1 84  VAL n 
1 85  LYS n 
1 86  SER n 
1 87  THR n 
1 88  ILE n 
1 89  THR n 
1 90  LEU n 
1 91  ASP n 
1 92  GLY n 
1 93  GLY n 
1 94  VAL n 
1 95  LEU n 
1 96  VAL n 
1 97  HIS n 
1 98  VAL n 
1 99  GLN n 
1 100 LYS n 
1 101 TRP n 
1 102 ASP n 
1 103 GLY n 
1 104 LYS n 
1 105 SER n 
1 106 THR n 
1 107 THR n 
1 108 ILE n 
1 109 LYS n 
1 110 ARG n 
1 111 LYS n 
1 112 ARG n 
1 113 GLU n 
1 114 ASP n 
1 115 ASP n 
1 116 LYS n 
1 117 LEU n 
1 118 VAL n 
1 119 VAL n 
1 120 GLU n 
1 121 CYS n 
1 122 VAL n 
1 123 MET n 
1 124 LYS n 
1 125 GLY n 
1 126 VAL n 
1 127 THR n 
1 128 SER n 
1 129 THR n 
1 130 ARG n 
1 131 VAL n 
1 132 TYR n 
1 133 GLU n 
1 134 ARG n 
1 135 ALA n 
# 
_entity_src_gen.entity_id                          1 
_entity_src_gen.pdbx_src_id                        1 
_entity_src_gen.pdbx_alt_source_flag               sample 
_entity_src_gen.pdbx_seq_type                      'Biological sequence' 
_entity_src_gen.pdbx_beg_seq_num                   1 
_entity_src_gen.pdbx_end_seq_num                   135 
_entity_src_gen.gene_src_common_name               human 
_entity_src_gen.gene_src_genus                     ? 
_entity_src_gen.pdbx_gene_src_gene                 FABP4 
_entity_src_gen.gene_src_species                   ? 
_entity_src_gen.gene_src_strain                    ? 
_entity_src_gen.gene_src_tissue                    ? 
_entity_src_gen.gene_src_tissue_fraction           ? 
_entity_src_gen.gene_src_details                   ? 
_entity_src_gen.pdbx_gene_src_fragment             ? 
_entity_src_gen.pdbx_gene_src_scientific_name      'Homo sapiens' 
_entity_src_gen.pdbx_gene_src_ncbi_taxonomy_id     9606 
_entity_src_gen.pdbx_gene_src_variant              ? 
_entity_src_gen.pdbx_gene_src_cell_line            ? 
_entity_src_gen.pdbx_gene_src_atcc                 ? 
_entity_src_gen.pdbx_gene_src_organ                ? 
_entity_src_gen.pdbx_gene_src_organelle            ? 
_entity_src_gen.pdbx_gene_src_cell                 ? 
_entity_src_gen.pdbx_gene_src_cellular_location    ? 
_entity_src_gen.host_org_common_name               ? 
_entity_src_gen.pdbx_host_org_scientific_name      'Escherichia coli BL21(DE3)' 
_entity_src_gen.pdbx_host_org_ncbi_taxonomy_id     469008 
_entity_src_gen.host_org_genus                     ? 
_entity_src_gen.pdbx_host_org_gene                 ? 
_entity_src_gen.pdbx_host_org_organ                ? 
_entity_src_gen.host_org_species                   ? 
_entity_src_gen.pdbx_host_org_tissue               ? 
_entity_src_gen.pdbx_host_org_tissue_fraction      ? 
_entity_src_gen.pdbx_host_org_strain               ? 
_entity_src_gen.pdbx_host_org_variant              ? 
_entity_src_gen.pdbx_host_org_cell_line            ? 
_entity_src_gen.pdbx_host_org_atcc                 ? 
_entity_src_gen.pdbx_host_org_culture_collection   ? 
_entity_src_gen.pdbx_host_org_cell                 ? 
_entity_src_gen.pdbx_host_org_organelle            ? 
_entity_src_gen.pdbx_host_org_cellular_location    ? 
_entity_src_gen.pdbx_host_org_vector_type          plasmid 
_entity_src_gen.pdbx_host_org_vector               ? 
_entity_src_gen.host_org_details                   ? 
_entity_src_gen.expression_system_id               ? 
_entity_src_gen.plasmid_name                       PET15b 
_entity_src_gen.plasmid_details                    ? 
_entity_src_gen.pdbx_description                   ? 
# 
loop_
_chem_comp.id 
_chem_comp.type 
_chem_comp.mon_nstd_flag 
_chem_comp.name 
_chem_comp.pdbx_synonyms 
_chem_comp.formula 
_chem_comp.formula_weight 
ALA 'L-peptide linking' y ALANINE                                                                             ? 'C3 H7 N O2' 
89.093  
ARG 'L-peptide linking' y ARGININE                                                                            ? 'C6 H15 N4 O2 1' 
175.209 
ASN 'L-peptide linking' y ASPARAGINE                                                                          ? 'C4 H8 N2 O3' 
132.118 
ASP 'L-peptide linking' y 'ASPARTIC ACID'                                                                     ? 'C4 H7 N O4' 
133.103 
CYS 'L-peptide linking' y CYSTEINE                                                                            ? 'C3 H7 N O2 S' 
121.158 
DMS non-polymer         . 'DIMETHYL SULFOXIDE'                                                                ? 'C2 H6 O S' 78.133 
FMT non-polymer         . 'FORMIC ACID'                                                                       ? 'C H2 O2' 46.025  
GLN 'L-peptide linking' y GLUTAMINE                                                                           ? 'C5 H10 N2 O3' 
146.144 
GLU 'L-peptide linking' y 'GLUTAMIC ACID'                                                                     ? 'C5 H9 N O4' 
147.129 
GLY 'peptide linking'   y GLYCINE                                                                             ? 'C2 H5 N O2' 
75.067  
HIS 'L-peptide linking' y HISTIDINE                                                                           ? 'C6 H10 N3 O2 1' 
156.162 
HOH non-polymer         . WATER                                                                               ? 'H2 O' 18.015  
ILE 'L-peptide linking' y ISOLEUCINE                                                                          ? 'C6 H13 N O2' 
131.173 
LEU 'L-peptide linking' y LEUCINE                                                                             ? 'C6 H13 N O2' 
131.173 
LYS 'L-peptide linking' y LYSINE                                                                              ? 'C6 H15 N2 O2 1' 
147.195 
MET 'L-peptide linking' y METHIONINE                                                                          ? 'C5 H11 N O2 S' 
149.211 
PHE 'L-peptide linking' y PHENYLALANINE                                                                       ? 'C9 H11 N O2' 
165.189 
PRO 'L-peptide linking' y PROLINE                                                                             ? 'C5 H9 N O2' 
115.130 
SER 'L-peptide linking' y SERINE                                                                              ? 'C3 H7 N O3' 
105.093 
SO4 non-polymer         . 'SULFATE ION'                                                                       ? 'O4 S -2' 96.063  
THR 'L-peptide linking' y THREONINE                                                                           ? 'C4 H9 N O3' 
119.119 
TRP 'L-peptide linking' y TRYPTOPHAN                                                                          ? 'C11 H12 N2 O2' 
204.225 
TYR 'L-peptide linking' y TYROSINE                                                                            ? 'C9 H11 N O3' 
181.189 
VAL 'L-peptide linking' y VALINE                                                                              ? 'C5 H11 N O2' 
117.146 
WLF non-polymer         . '1-{[4-chloro-2-(trifluoromethyl)phenyl]carbamamido}cyclopentane-1-carboxylic acid' ? 
'C14 H14 Cl F3 N2 O3' 350.721 
# 
loop_
_pdbx_poly_seq_scheme.asym_id 
_pdbx_poly_seq_scheme.entity_id 
_pdbx_poly_seq_scheme.seq_id 
_pdbx_poly_seq_scheme.mon_id 
_pdbx_poly_seq_scheme.ndb_seq_num 
_pdbx_poly_seq_scheme.pdb_seq_num 
_pdbx_poly_seq_scheme.auth_seq_num 
_pdbx_poly_seq_scheme.pdb_mon_id 
_pdbx_poly_seq_scheme.auth_mon_id 
_pdbx_poly_seq_scheme.pdb_strand_id 
_pdbx_poly_seq_scheme.pdb_ins_code 
_pdbx_poly_seq_scheme.hetero 
A 1 1   GLY 1   -3  -3  GLY GLY A . n 
A 1 2   SER 2   -2  -2  SER SER A . n 
A 1 3   HIS 3   -1  -1  HIS HIS A . n 
A 1 4   MET 4   0   0   MET MET A . n 
A 1 5   CYS 5   1   1   CYS CYS A . n 
A 1 6   ASP 6   2   2   ASP ASP A . n 
A 1 7   ALA 7   3   3   ALA ALA A . n 
A 1 8   PHE 8   4   4   PHE PHE A . n 
A 1 9   VAL 9   5   5   VAL VAL A . n 
A 1 10  GLY 10  6   6   GLY GLY A . n 
A 1 11  THR 11  7   7   THR THR A . n 
A 1 12  TRP 12  8   8   TRP TRP A . n 
A 1 13  LYS 13  9   9   LYS LYS A . n 
A 1 14  LEU 14  10  10  LEU LEU A . n 
A 1 15  VAL 15  11  11  VAL VAL A . n 
A 1 16  SER 16  12  12  SER SER A . n 
A 1 17  SER 17  13  13  SER SER A . n 
A 1 18  GLU 18  14  14  GLU GLU A . n 
A 1 19  ASN 19  15  15  ASN ASN A . n 
A 1 20  PHE 20  16  16  PHE PHE A . n 
A 1 21  ASP 21  17  17  ASP ASP A . n 
A 1 22  ASP 22  18  18  ASP ASP A . n 
A 1 23  TYR 23  19  19  TYR TYR A . n 
A 1 24  MET 24  20  20  MET MET A . n 
A 1 25  LYS 25  21  21  LYS LYS A . n 
A 1 26  GLU 26  22  22  GLU GLU A . n 
A 1 27  VAL 27  23  23  VAL VAL A . n 
A 1 28  GLY 28  24  24  GLY GLY A . n 
A 1 29  VAL 29  25  25  VAL VAL A . n 
A 1 30  GLY 30  26  26  GLY GLY A . n 
A 1 31  PHE 31  27  27  PHE PHE A . n 
A 1 32  ALA 32  28  28  ALA ALA A . n 
A 1 33  THR 33  29  29  THR THR A . n 
A 1 34  ARG 34  30  30  ARG ARG A . n 
A 1 35  LYS 35  31  31  LYS LYS A . n 
A 1 36  VAL 36  32  32  VAL VAL A . n 
A 1 37  ALA 37  33  33  ALA ALA A . n 
A 1 38  GLY 38  34  34  GLY GLY A . n 
A 1 39  MET 39  35  35  MET MET A . n 
A 1 40  ALA 40  36  36  ALA ALA A . n 
A 1 41  LYS 41  37  37  LYS LYS A . n 
A 1 42  PRO 42  38  38  PRO PRO A . n 
A 1 43  ASN 43  39  39  ASN ASN A . n 
A 1 44  MET 44  40  40  MET MET A . n 
A 1 45  ILE 45  41  41  ILE ILE A . n 
A 1 46  ILE 46  42  42  ILE ILE A . n 
A 1 47  SER 47  43  43  SER SER A . n 
A 1 48  VAL 48  44  44  VAL VAL A . n 
A 1 49  ASN 49  45  45  ASN ASN A . n 
A 1 50  GLY 50  46  46  GLY GLY A . n 
A 1 51  ASP 51  47  47  ASP ASP A . n 
A 1 52  VAL 52  48  48  VAL VAL A . n 
A 1 53  ILE 53  49  49  ILE ILE A . n 
A 1 54  THR 54  50  50  THR THR A . n 
A 1 55  ILE 55  51  51  ILE ILE A . n 
A 1 56  LYS 56  52  52  LYS LYS A . n 
A 1 57  SER 57  53  53  SER SER A . n 
A 1 58  GLU 58  54  54  GLU GLU A . n 
A 1 59  SER 59  55  55  SER SER A . n 
A 1 60  THR 60  56  56  THR THR A . n 
A 1 61  PHE 61  57  57  PHE PHE A . n 
A 1 62  LYS 62  58  58  LYS LYS A . n 
A 1 63  ASN 63  59  59  ASN ASN A . n 
A 1 64  THR 64  60  60  THR THR A . n 
A 1 65  GLU 65  61  61  GLU GLU A . n 
A 1 66  ILE 66  62  62  ILE ILE A . n 
A 1 67  SER 67  63  63  SER SER A . n 
A 1 68  PHE 68  64  64  PHE PHE A . n 
A 1 69  ILE 69  65  65  ILE ILE A . n 
A 1 70  LEU 70  66  66  LEU LEU A . n 
A 1 71  GLY 71  67  67  GLY GLY A . n 
A 1 72  GLN 72  68  68  GLN GLN A . n 
A 1 73  GLU 73  69  69  GLU GLU A . n 
A 1 74  PHE 74  70  70  PHE PHE A . n 
A 1 75  ASP 75  71  71  ASP ASP A . n 
A 1 76  GLU 76  72  72  GLU GLU A . n 
A 1 77  VAL 77  73  73  VAL VAL A . n 
A 1 78  THR 78  74  74  THR THR A . n 
A 1 79  ALA 79  75  75  ALA ALA A . n 
A 1 80  ASP 80  76  76  ASP ASP A . n 
A 1 81  ASP 81  77  77  ASP ASP A . n 
A 1 82  ARG 82  78  78  ARG ARG A . n 
A 1 83  LYS 83  79  79  LYS LYS A . n 
A 1 84  VAL 84  80  80  VAL VAL A . n 
A 1 85  LYS 85  81  81  LYS LYS A . n 
A 1 86  SER 86  82  82  SER SER A . n 
A 1 87  THR 87  83  83  THR THR A . n 
A 1 88  ILE 88  84  84  ILE ILE A . n 
A 1 89  THR 89  85  85  THR THR A . n 
A 1 90  LEU 90  86  86  LEU LEU A . n 
A 1 91  ASP 91  87  87  ASP ASP A . n 
A 1 92  GLY 92  88  88  GLY GLY A . n 
A 1 93  GLY 93  89  89  GLY GLY A . n 
A 1 94  VAL 94  90  90  VAL VAL A . n 
A 1 95  LEU 95  91  91  LEU LEU A . n 
A 1 96  VAL 96  92  92  VAL VAL A . n 
A 1 97  HIS 97  93  93  HIS HIS A . n 
A 1 98  VAL 98  94  94  VAL VAL A . n 
A 1 99  GLN 99  95  95  GLN GLN A . n 
A 1 100 LYS 100 96  96  LYS LYS A . n 
A 1 101 TRP 101 97  97  TRP TRP A . n 
A 1 102 ASP 102 98  98  ASP ASP A . n 
A 1 103 GLY 103 99  99  GLY GLY A . n 
A 1 104 LYS 104 100 100 LYS LYS A . n 
A 1 105 SER 105 101 101 SER SER A . n 
A 1 106 THR 106 102 102 THR THR A . n 
A 1 107 THR 107 103 103 THR THR A . n 
A 1 108 ILE 108 104 104 ILE ILE A . n 
A 1 109 LYS 109 105 105 LYS LYS A . n 
A 1 110 ARG 110 106 106 ARG ARG A . n 
A 1 111 LYS 111 107 107 LYS LYS A . n 
A 1 112 ARG 112 108 108 ARG ARG A . n 
A 1 113 GLU 113 109 109 GLU GLU A . n 
A 1 114 ASP 114 110 110 ASP ASP A . n 
A 1 115 ASP 115 111 111 ASP ASP A . n 
A 1 116 LYS 116 112 112 LYS LYS A . n 
A 1 117 LEU 117 113 113 LEU LEU A . n 
A 1 118 VAL 118 114 114 VAL VAL A . n 
A 1 119 VAL 119 115 115 VAL VAL A . n 
A 1 120 GLU 120 116 116 GLU GLU A . n 
A 1 121 CYS 121 117 117 CYS CYS A . n 
A 1 122 VAL 122 118 118 VAL VAL A . n 
A 1 123 MET 123 119 119 MET MET A . n 
A 1 124 LYS 124 120 120 LYS LYS A . n 
A 1 125 GLY 125 121 121 GLY GLY A . n 
A 1 126 VAL 126 122 122 VAL VAL A . n 
A 1 127 THR 127 123 123 THR THR A . n 
A 1 128 SER 128 124 124 SER SER A . n 
A 1 129 THR 129 125 125 THR THR A . n 
A 1 130 ARG 130 126 126 ARG ARG A . n 
A 1 131 VAL 131 127 127 VAL VAL A . n 
A 1 132 TYR 132 128 128 TYR TYR A . n 
A 1 133 GLU 133 129 129 GLU GLU A . n 
A 1 134 ARG 134 130 130 ARG ARG A . n 
A 1 135 ALA 135 131 131 ALA ALA A . n 
# 
_pdbx_entity_instance_feature.ordinal        1 
_pdbx_entity_instance_feature.comp_id        WLF 
_pdbx_entity_instance_feature.asym_id        ? 
_pdbx_entity_instance_feature.seq_num        ? 
_pdbx_entity_instance_feature.auth_comp_id   WLF 
_pdbx_entity_instance_feature.auth_asym_id   ? 
_pdbx_entity_instance_feature.auth_seq_num   ? 
_pdbx_entity_instance_feature.feature_type   'SUBJECT OF INVESTIGATION' 
_pdbx_entity_instance_feature.details        ? 
# 
loop_
_pdbx_nonpoly_scheme.asym_id 
_pdbx_nonpoly_scheme.entity_id 
_pdbx_nonpoly_scheme.mon_id 
_pdbx_nonpoly_scheme.ndb_seq_num 
_pdbx_nonpoly_scheme.pdb_seq_num 
_pdbx_nonpoly_scheme.auth_seq_num 
_pdbx_nonpoly_scheme.pdb_mon_id 
_pdbx_nonpoly_scheme.auth_mon_id 
_pdbx_nonpoly_scheme.pdb_strand_id 
_pdbx_nonpoly_scheme.pdb_ins_code 
B 2 WLF 1   201 1   WLF L0R A . 
C 3 SO4 1   202 1   SO4 SO4 A . 
D 4 FMT 1   203 1   FMT FMT A . 
E 5 DMS 1   204 1   DMS DMS A . 
F 3 SO4 1   205 3   SO4 SO4 A . 
G 6 HOH 1   301 12  HOH HOH A . 
G 6 HOH 2   302 3   HOH HOH A . 
G 6 HOH 3   303 9   HOH HOH A . 
G 6 HOH 4   304 46  HOH HOH A . 
G 6 HOH 5   305 48  HOH HOH A . 
G 6 HOH 6   306 29  HOH HOH A . 
G 6 HOH 7   307 44  HOH HOH A . 
G 6 HOH 8   308 74  HOH HOH A . 
G 6 HOH 9   309 71  HOH HOH A . 
G 6 HOH 10  310 5   HOH HOH A . 
G 6 HOH 11  311 67  HOH HOH A . 
G 6 HOH 12  312 8   HOH HOH A . 
G 6 HOH 13  313 65  HOH HOH A . 
G 6 HOH 14  314 10  HOH HOH A . 
G 6 HOH 15  315 34  HOH HOH A . 
G 6 HOH 16  316 32  HOH HOH A . 
G 6 HOH 17  317 18  HOH HOH A . 
G 6 HOH 18  318 20  HOH HOH A . 
G 6 HOH 19  319 47  HOH HOH A . 
G 6 HOH 20  320 102 HOH HOH A . 
G 6 HOH 21  321 16  HOH HOH A . 
G 6 HOH 22  322 96  HOH HOH A . 
G 6 HOH 23  323 57  HOH HOH A . 
G 6 HOH 24  324 55  HOH HOH A . 
G 6 HOH 25  325 52  HOH HOH A . 
G 6 HOH 26  326 14  HOH HOH A . 
G 6 HOH 27  327 36  HOH HOH A . 
G 6 HOH 28  328 11  HOH HOH A . 
G 6 HOH 29  329 78  HOH HOH A . 
G 6 HOH 30  330 76  HOH HOH A . 
G 6 HOH 31  331 37  HOH HOH A . 
G 6 HOH 32  332 4   HOH HOH A . 
G 6 HOH 33  333 38  HOH HOH A . 
G 6 HOH 34  334 41  HOH HOH A . 
G 6 HOH 35  335 70  HOH HOH A . 
G 6 HOH 36  336 54  HOH HOH A . 
G 6 HOH 37  337 15  HOH HOH A . 
G 6 HOH 38  338 75  HOH HOH A . 
G 6 HOH 39  339 6   HOH HOH A . 
G 6 HOH 40  340 69  HOH HOH A . 
G 6 HOH 41  341 24  HOH HOH A . 
G 6 HOH 42  342 17  HOH HOH A . 
G 6 HOH 43  343 31  HOH HOH A . 
G 6 HOH 44  344 22  HOH HOH A . 
G 6 HOH 45  345 49  HOH HOH A . 
G 6 HOH 46  346 1   HOH HOH A . 
G 6 HOH 47  347 39  HOH HOH A . 
G 6 HOH 48  348 94  HOH HOH A . 
G 6 HOH 49  349 51  HOH HOH A . 
G 6 HOH 50  350 19  HOH HOH A . 
G 6 HOH 51  351 53  HOH HOH A . 
G 6 HOH 52  352 82  HOH HOH A . 
G 6 HOH 53  353 2   HOH HOH A . 
G 6 HOH 54  354 7   HOH HOH A . 
G 6 HOH 55  355 73  HOH HOH A . 
G 6 HOH 56  356 85  HOH HOH A . 
G 6 HOH 57  357 40  HOH HOH A . 
G 6 HOH 58  358 79  HOH HOH A . 
G 6 HOH 59  359 62  HOH HOH A . 
G 6 HOH 60  360 93  HOH HOH A . 
G 6 HOH 61  361 60  HOH HOH A . 
G 6 HOH 62  362 68  HOH HOH A . 
G 6 HOH 63  363 30  HOH HOH A . 
G 6 HOH 64  364 59  HOH HOH A . 
G 6 HOH 65  365 13  HOH HOH A . 
G 6 HOH 66  366 28  HOH HOH A . 
G 6 HOH 67  367 72  HOH HOH A . 
G 6 HOH 68  368 25  HOH HOH A . 
G 6 HOH 69  369 86  HOH HOH A . 
G 6 HOH 70  370 21  HOH HOH A . 
G 6 HOH 71  371 23  HOH HOH A . 
G 6 HOH 72  372 33  HOH HOH A . 
G 6 HOH 73  373 98  HOH HOH A . 
G 6 HOH 74  374 26  HOH HOH A . 
G 6 HOH 75  375 80  HOH HOH A . 
G 6 HOH 76  376 43  HOH HOH A . 
G 6 HOH 77  377 66  HOH HOH A . 
G 6 HOH 78  378 103 HOH HOH A . 
G 6 HOH 79  379 95  HOH HOH A . 
G 6 HOH 80  380 89  HOH HOH A . 
G 6 HOH 81  381 64  HOH HOH A . 
G 6 HOH 82  382 97  HOH HOH A . 
G 6 HOH 83  383 42  HOH HOH A . 
G 6 HOH 84  384 58  HOH HOH A . 
G 6 HOH 85  385 61  HOH HOH A . 
G 6 HOH 86  386 35  HOH HOH A . 
G 6 HOH 87  387 81  HOH HOH A . 
G 6 HOH 88  388 84  HOH HOH A . 
G 6 HOH 89  389 90  HOH HOH A . 
G 6 HOH 90  390 100 HOH HOH A . 
G 6 HOH 91  391 50  HOH HOH A . 
G 6 HOH 92  392 63  HOH HOH A . 
G 6 HOH 93  393 92  HOH HOH A . 
G 6 HOH 94  394 91  HOH HOH A . 
G 6 HOH 95  395 56  HOH HOH A . 
G 6 HOH 96  396 77  HOH HOH A . 
G 6 HOH 97  397 83  HOH HOH A . 
G 6 HOH 98  398 45  HOH HOH A . 
G 6 HOH 99  399 27  HOH HOH A . 
G 6 HOH 100 400 88  HOH HOH A . 
G 6 HOH 101 401 99  HOH HOH A . 
G 6 HOH 102 402 87  HOH HOH A . 
G 6 HOH 103 403 101 HOH HOH A . 
# 
loop_
_software.pdbx_ordinal 
_software.name 
_software.version 
_software.date 
_software.type 
_software.contact_author 
_software.contact_author_email 
_software.classification 
_software.location 
_software.language 
_software.citation_id 
1 XSCALE      .        ?               package 'Wolfgang Kabsch'    ?                        'data scaling'    
http://www.mpimf-heidelberg.mpg.de/~kabsch/xds/html_doc/xscale_program.html ?          ? 
2 REFMAC      5.7.0018 ?               program 'Garib N. Murshudov' garib@ysbl.york.ac.uk    refinement        
http://www.ccp4.ac.uk/dist/html/refmac5.html                                Fortran_77 ? 
3 PDB_EXTRACT 3.27     'Oct. 31, 2020' package PDB                  deposit@deposit.rcsb.org 'data extraction' 
http://sw-tools.pdb.org/apps/PDB_EXTRACT/                                   C++        ? 
4 XDS         .        ?               ?       ?                    ?                        'data reduction'  ? ?          ? 
5 PHASER      .        ?               ?       ?                    ?                        phasing           ? ?          ? 
# 
_cell.entry_id           7G0T 
_cell.length_a           35.599 
_cell.length_b           54.690 
_cell.length_c           73.636 
_cell.angle_alpha        90.000 
_cell.angle_beta         90.000 
_cell.angle_gamma        90.000 
_cell.Z_PDB              4 
_cell.pdbx_unique_axis   ? 
# 
_symmetry.entry_id                         7G0T 
_symmetry.space_group_name_H-M             'P 21 21 21' 
_symmetry.pdbx_full_space_group_name_H-M   ? 
_symmetry.cell_setting                     ? 
_symmetry.Int_Tables_number                19 
# 
_exptl.crystals_number   1 
_exptl.entry_id          7G0T 
_exptl.method            'X-RAY DIFFRACTION' 
# 
_exptl_crystal.id                    1 
_exptl_crystal.density_meas          ? 
_exptl_crystal.density_Matthews      2.39 
_exptl_crystal.density_percent_sol   48.45 
_exptl_crystal.description           ? 
_exptl_crystal.preparation           ? 
# 
_exptl_crystal_grow.crystal_id      1 
_exptl_crystal_grow.method          'VAPOR DIFFUSION, SITTING DROP' 
_exptl_crystal_grow.pH              7.0 
_exptl_crystal_grow.temp            293 
_exptl_crystal_grow.pdbx_details    'protein in 25mM Tris/HCl pH 7.5 100mM NaCl, see also PMID 27658368' 
_exptl_crystal_grow.temp_details    ? 
_exptl_crystal_grow.pdbx_pH_range   ? 
# 
_diffrn.id                               1 
_diffrn.crystal_id                       1 
_diffrn.ambient_temp                     100 
_diffrn.ambient_temp_details             ? 
_diffrn.pdbx_serial_crystal_experiment   ? 
# 
_diffrn_detector.diffrn_id              1 
_diffrn_detector.detector               PIXEL 
_diffrn_detector.type                   'PSI PILATUS 6M' 
_diffrn_detector.pdbx_collection_date   2012-03-30 
_diffrn_detector.details                ? 
# 
_diffrn_radiation.diffrn_id                        1 
_diffrn_radiation.pdbx_diffrn_protocol             'SINGLE WAVELENGTH' 
_diffrn_radiation.monochromator                    ? 
_diffrn_radiation.pdbx_monochromatic_or_laue_m_l   M 
_diffrn_radiation.wavelength_id                    1 
_diffrn_radiation.pdbx_scattering_type             x-ray 
# 
_diffrn_radiation_wavelength.id           1 
_diffrn_radiation_wavelength.wavelength   0.700010 
_diffrn_radiation_wavelength.wt           1.0 
# 
_diffrn_source.diffrn_id                   1 
_diffrn_source.source                      SYNCHROTRON 
_diffrn_source.type                        'SLS BEAMLINE X10SA' 
_diffrn_source.pdbx_wavelength_list        0.700010 
_diffrn_source.pdbx_synchrotron_site       SLS 
_diffrn_source.pdbx_synchrotron_beamline   X10SA 
_diffrn_source.pdbx_wavelength             ? 
# 
_reflns.entry_id                     7G0T 
_reflns.pdbx_diffrn_id               1 
_reflns.pdbx_ordinal                 1 
_reflns.observed_criterion_sigma_I   ? 
_reflns.observed_criterion_sigma_F   ? 
_reflns.d_resolution_low             36.82 
_reflns.d_resolution_high            1.650 
_reflns.number_obs                   16066 
_reflns.number_all                   ? 
_reflns.percent_possible_obs         89.300 
_reflns.pdbx_Rmerge_I_obs            0.070 
_reflns.pdbx_Rsym_value              0.070 
_reflns.pdbx_netI_over_sigmaI        11.390 
_reflns.B_iso_Wilson_estimate        31.626 
_reflns.pdbx_redundancy              4.460 
_reflns.pdbx_Rrim_I_all              0.075 
_reflns.pdbx_Rpim_I_all              ? 
_reflns.pdbx_CC_half                 0.998 
_reflns.pdbx_netI_over_av_sigmaI     ? 
_reflns.pdbx_number_measured_all     79470 
_reflns.pdbx_scaling_rejects         33 
_reflns.pdbx_chi_squared             0.841 
_reflns.Rmerge_F_all                 ? 
_reflns.Rmerge_F_obs                 ? 
_reflns.observed_criterion_F_max     ? 
_reflns.observed_criterion_F_min     ? 
_reflns.observed_criterion_I_max     ? 
_reflns.observed_criterion_I_min     ? 
_reflns.pdbx_d_res_high_opt          ? 
_reflns.pdbx_d_res_low_opt           ? 
_reflns.details                      ? 
# 
loop_
_reflns_shell.pdbx_diffrn_id 
_reflns_shell.pdbx_ordinal 
_reflns_shell.d_res_high 
_reflns_shell.d_res_low 
_reflns_shell.number_measured_obs 
_reflns_shell.number_measured_all 
_reflns_shell.number_unique_obs 
_reflns_shell.pdbx_rejects 
_reflns_shell.Rmerge_I_obs 
_reflns_shell.meanI_over_sigI_obs 
_reflns_shell.pdbx_Rsym_value 
_reflns_shell.pdbx_chi_squared 
_reflns_shell.pdbx_redundancy 
_reflns_shell.percent_possible_obs 
_reflns_shell.pdbx_netI_over_sigmaI_obs 
_reflns_shell.number_possible 
_reflns_shell.number_unique_all 
_reflns_shell.Rmerge_F_all 
_reflns_shell.Rmerge_F_obs 
_reflns_shell.Rmerge_I_all 
_reflns_shell.meanI_over_sigI_all 
_reflns_shell.percent_possible_all 
_reflns_shell.pdbx_Rrim_I_all 
_reflns_shell.pdbx_Rpim_I_all 
_reflns_shell.pdbx_CC_half 
1 1  1.650 1.690  4756 ? 1090 ? 1.321 1.320  ? ? 4.363 ? ? 1316 ? ? ? ? ? 82.800 1.484 ? 0.490 
1 2  1.690 1.740  4930 ? 1056 ? 1.208 1.540  ? ? 4.669 ? ? 1255 ? ? ? ? ? 84.100 1.344 ? 0.646 
1 3  1.740 1.790  4915 ? 1046 ? 0.969 2.030  ? ? 4.699 ? ? 1253 ? ? ? ? ? 83.500 1.078 ? 0.755 
1 4  1.790 1.840  4564 ? 987  ? 0.748 2.510  ? ? 4.624 ? ? 1188 ? ? ? ? ? 83.100 0.834 ? 0.773 
1 5  1.840 1.910  4479 ? 981  ? 0.581 3.330  ? ? 4.566 ? ? 1170 ? ? ? ? ? 83.800 0.648 ? 0.873 
1 6  1.910 1.970  4191 ? 942  ? 0.371 4.860  ? ? 4.449 ? ? 1133 ? ? ? ? ? 83.100 0.416 ? 0.945 
1 7  1.970 2.050  4142 ? 928  ? 0.303 5.910  ? ? 4.463 ? ? 1094 ? ? ? ? ? 84.800 0.340 ? 0.955 
1 8  2.050 2.130  4385 ? 890  ? 0.221 7.790  ? ? 4.927 ? ? 1050 ? ? ? ? ? 84.800 0.245 ? 0.982 
1 9  2.130 2.220  4400 ? 881  ? 0.174 9.390  ? ? 4.994 ? ? 1014 ? ? ? ? ? 86.900 0.193 ? 0.987 
1 10 2.220 2.330  4373 ? 867  ? 0.135 11.900 ? ? 5.044 ? ? 962  ? ? ? ? ? 90.100 0.149 ? 0.990 
1 11 2.330 2.460  4196 ? 833  ? 0.123 12.350 ? ? 5.037 ? ? 927  ? ? ? ? ? 89.900 0.136 ? 0.992 
1 12 2.460 2.610  4045 ? 827  ? 0.095 15.060 ? ? 4.891 ? ? 890  ? ? ? ? ? 92.900 0.106 ? 0.995 
1 13 2.610 2.790  3974 ? 779  ? 0.074 18.550 ? ? 5.101 ? ? 824  ? ? ? ? ? 94.500 0.082 ? 0.996 
1 14 2.790 3.010  4209 ? 770  ? 0.063 21.680 ? ? 5.466 ? ? 780  ? ? ? ? ? 98.700 0.070 ? 0.996 
1 15 3.010 3.300  4124 ? 707  ? 0.052 27.260 ? ? 5.833 ? ? 717  ? ? ? ? ? 98.600 0.057 ? 0.997 
1 16 3.300 3.690  3636 ? 648  ? 0.048 31.530 ? ? 5.611 ? ? 661  ? ? ? ? ? 98.000 0.053 ? 0.997 
1 17 3.690 4.260  3412 ? 586  ? 0.045 34.760 ? ? 5.823 ? ? 591  ? ? ? ? ? 99.200 0.049 ? 0.998 
1 18 4.260 5.220  3120 ? 498  ? 0.038 37.890 ? ? 6.265 ? ? 503  ? ? ? ? ? 99.000 0.042 ? 0.998 
1 19 5.220 7.380  2276 ? 406  ? 0.037 34.850 ? ? 5.606 ? ? 407  ? ? ? ? ? 99.800 0.042 ? 0.998 
1 20 7.380 36.810 1343 ? 249  ? 0.031 35.450 ? ? 5.394 ? ? 252  ? ? ? ? ? 98.800 0.035 ? 0.999 
# 
_refine.entry_id                                 7G0T 
_refine.pdbx_refine_id                           'X-RAY DIFFRACTION' 
_refine.ls_d_res_high                            1.6500 
_refine.ls_d_res_low                             36.8100 
_refine.pdbx_ls_sigma_F                          0.000 
_refine.pdbx_data_cutoff_high_absF               ? 
_refine.pdbx_data_cutoff_low_absF                ? 
_refine.ls_percent_reflns_obs                    85.0100 
_refine.ls_number_reflns_obs                     14444 
_refine.ls_number_reflns_all                     ? 
_refine.pdbx_ls_cross_valid_method               THROUGHOUT 
_refine.ls_matrix_type                           ? 
_refine.pdbx_R_Free_selection_details            RANDOM 
_refine.details                                  
'ligand apots unfavorable cis-amide conformation, stabilized by intramolecular H-bond to carboxylate' 
_refine.ls_R_factor_all                          ? 
_refine.ls_R_factor_obs                          0.2066 
_refine.ls_R_factor_R_work                       0.2046 
_refine.ls_wR_factor_R_work                      ? 
_refine.ls_R_factor_R_free                       0.2423 
_refine.ls_wR_factor_R_free                      ? 
_refine.ls_percent_reflns_R_free                 5.3000 
_refine.ls_number_reflns_R_free                  804 
_refine.ls_number_reflns_R_work                  ? 
_refine.ls_R_factor_R_free_error                 ? 
_refine.B_iso_mean                               24.4500 
_refine.solvent_model_param_bsol                 ? 
_refine.solvent_model_param_ksol                 ? 
_refine.pdbx_isotropic_thermal_model             ? 
_refine.aniso_B[1][1]                            0.5400 
_refine.aniso_B[2][2]                            0.9700 
_refine.aniso_B[3][3]                            -1.5100 
_refine.aniso_B[1][2]                            0.0000 
_refine.aniso_B[1][3]                            0.0000 
_refine.aniso_B[2][3]                            0.0000 
_refine.correlation_coeff_Fo_to_Fc               0.9560 
_refine.correlation_coeff_Fo_to_Fc_free          0.9430 
_refine.overall_SU_R_Cruickshank_DPI             ? 
_refine.pdbx_overall_SU_R_free_Cruickshank_DPI   ? 
_refine.pdbx_overall_SU_R_Blow_DPI               ? 
_refine.pdbx_overall_SU_R_free_Blow_DPI          ? 
_refine.overall_SU_R_free                        ? 
_refine.pdbx_overall_ESU_R                       0.1290 
_refine.pdbx_overall_ESU_R_Free                  0.1240 
_refine.overall_SU_ML                            0.0880 
_refine.overall_SU_B                             2.7060 
_refine.solvent_model_details                    MASK 
_refine.pdbx_solvent_vdw_probe_radii             1.2000 
_refine.pdbx_solvent_ion_probe_radii             0.8000 
_refine.pdbx_solvent_shrinkage_radii             0.8000 
_refine.ls_number_parameters                     ? 
_refine.ls_number_restraints                     ? 
_refine.pdbx_starting_model                      'inhouse model' 
_refine.pdbx_method_to_determine_struct          'MOLECULAR REPLACEMENT' 
_refine.pdbx_stereochemistry_target_values       'MAXIMUM LIKELIHOOD' 
_refine.pdbx_stereochem_target_val_spec_case     ? 
_refine.overall_FOM_work_R_set                   ? 
_refine.B_iso_max                                65.970 
_refine.B_iso_min                                13.940 
_refine.pdbx_overall_phase_error                 ? 
_refine.occupancy_max                            ? 
_refine.occupancy_min                            ? 
_refine.pdbx_diffrn_id                           1 
_refine.pdbx_TLS_residual_ADP_flag               ? 
_refine.pdbx_ls_sigma_I                          ? 
_refine.pdbx_data_cutoff_high_rms_absF           ? 
_refine.ls_R_factor_R_free_error_details         ? 
# 
_refine_hist.cycle_id                         final 
_refine_hist.pdbx_refine_id                   'X-RAY DIFFRACTION' 
_refine_hist.d_res_high                       1.6500 
_refine_hist.d_res_low                        36.8100 
_refine_hist.pdbx_number_atoms_ligand         40 
_refine_hist.number_atoms_solvent             103 
_refine_hist.number_atoms_total               1193 
_refine_hist.pdbx_number_residues_total       135 
_refine_hist.pdbx_B_iso_mean_ligand           37.45 
_refine_hist.pdbx_B_iso_mean_solvent          32.80 
_refine_hist.pdbx_number_atoms_protein        1050 
_refine_hist.pdbx_number_atoms_nucleic_acid   0 
# 
loop_
_refine_ls_restr.pdbx_refine_id 
_refine_ls_restr.type 
_refine_ls_restr.number 
_refine_ls_restr.dev_ideal 
_refine_ls_restr.dev_ideal_target 
_refine_ls_restr.weight 
_refine_ls_restr.pdbx_restraint_function 
'X-RAY DIFFRACTION' r_bond_refined_d       1120 0.016  0.019  ? ? 
'X-RAY DIFFRACTION' r_angle_refined_deg    1513 1.896  1.984  ? ? 
'X-RAY DIFFRACTION' r_dihedral_angle_1_deg 140  6.887  5.000  ? ? 
'X-RAY DIFFRACTION' r_dihedral_angle_2_deg 47   33.163 24.894 ? ? 
'X-RAY DIFFRACTION' r_dihedral_angle_3_deg 209  14.736 15.000 ? ? 
'X-RAY DIFFRACTION' r_dihedral_angle_4_deg 6    19.076 15.000 ? ? 
'X-RAY DIFFRACTION' r_chiral_restr         173  0.122  0.200  ? ? 
'X-RAY DIFFRACTION' r_gen_planes_refined   811  0.008  0.020  ? ? 
# 
_refine_ls_shell.d_res_high                       1.6500 
_refine_ls_shell.d_res_low                        1.6930 
_refine_ls_shell.pdbx_total_number_of_bins_used   20 
_refine_ls_shell.percent_reflns_obs               73.1200 
_refine_ls_shell.number_reflns_R_work             901 
_refine_ls_shell.R_factor_all                     ? 
_refine_ls_shell.R_factor_R_work                  0.3420 
_refine_ls_shell.R_factor_R_free                  0.4810 
_refine_ls_shell.percent_reflns_R_free            ? 
_refine_ls_shell.number_reflns_R_free             59 
_refine_ls_shell.R_factor_R_free_error            0.0000 
_refine_ls_shell.number_reflns_all                960 
_refine_ls_shell.number_reflns_obs                ? 
_refine_ls_shell.pdbx_refine_id                   'X-RAY DIFFRACTION' 
# 
_struct.entry_id                  7G0T 
_struct.title                     
;Crystal Structure of human FABP4 in complex with 1-[[4-chloro-2-(trifluoromethyl)phenyl]carbamoylamino]cyclopentane-1-carboxylic acid, i.e. SMILES C1(NC(=O)Nc2c(cc(cc2)Cl)C(F)(F)F)(CCCC1)C(=O)O with IC50=2.54561 microM
;
_struct.pdbx_model_details        ? 
_struct.pdbx_CASP_flag            ? 
_struct.pdbx_model_type_details   ? 
# 
_struct_keywords.entry_id        7G0T 
_struct_keywords.text            
'LIPID BINDING PROTEIN, FATTY ACID BINDING PROTEIN, CYTOPLASM, LIPID-BINDING, TRANSPORT, PROTEIN BINDING' 
_struct_keywords.pdbx_keywords   'LIPID BINDING PROTEIN' 
# 
loop_
_struct_asym.id 
_struct_asym.pdbx_blank_PDB_chainid_flag 
_struct_asym.pdbx_modified 
_struct_asym.entity_id 
_struct_asym.details 
A N N 1 ? 
B N N 2 ? 
C N N 3 ? 
D N N 4 ? 
E N N 5 ? 
F N N 3 ? 
G N N 6 ? 
# 
_struct_ref.id                         1 
_struct_ref.db_name                    UNP 
_struct_ref.db_code                    FABP4_HUMAN 
_struct_ref.pdbx_db_accession          P15090 
_struct_ref.pdbx_db_isoform            ? 
_struct_ref.entity_id                  1 
_struct_ref.pdbx_seq_one_letter_code   
;MCDAFVGTWKLVSSENFDDYMKEVGVGFATRKVAGMAKPNMIISVNGDVITIKSESTFKNTEISFILGQEFDEVTADDRK
VKSTITLDGGVLVHVQKWDGKSTTIKRKREDDKLVVECVMKGVTSTRVYERA
;
_struct_ref.pdbx_align_begin           1 
# 
_struct_ref_seq.align_id                      1 
_struct_ref_seq.ref_id                        1 
_struct_ref_seq.pdbx_PDB_id_code              7G0T 
_struct_ref_seq.pdbx_strand_id                A 
_struct_ref_seq.seq_align_beg                 4 
_struct_ref_seq.pdbx_seq_align_beg_ins_code   ? 
_struct_ref_seq.seq_align_end                 135 
_struct_ref_seq.pdbx_seq_align_end_ins_code   ? 
_struct_ref_seq.pdbx_db_accession             P15090 
_struct_ref_seq.db_align_beg                  1 
_struct_ref_seq.pdbx_db_align_beg_ins_code    ? 
_struct_ref_seq.db_align_end                  132 
_struct_ref_seq.pdbx_db_align_end_ins_code    ? 
_struct_ref_seq.pdbx_auth_seq_align_beg       0 
_struct_ref_seq.pdbx_auth_seq_align_end       131 
# 
loop_
_struct_ref_seq_dif.align_id 
_struct_ref_seq_dif.pdbx_pdb_id_code 
_struct_ref_seq_dif.mon_id 
_struct_ref_seq_dif.pdbx_pdb_strand_id 
_struct_ref_seq_dif.seq_num 
_struct_ref_seq_dif.pdbx_pdb_ins_code 
_struct_ref_seq_dif.pdbx_seq_db_name 
_struct_ref_seq_dif.pdbx_seq_db_accession_code 
_struct_ref_seq_dif.db_mon_id 
_struct_ref_seq_dif.pdbx_seq_db_seq_num 
_struct_ref_seq_dif.details 
_struct_ref_seq_dif.pdbx_auth_seq_num 
_struct_ref_seq_dif.pdbx_ordinal 
1 7G0T GLY A 1 ? UNP P15090 ? ? 'expression tag' -3 1 
1 7G0T SER A 2 ? UNP P15090 ? ? 'expression tag' -2 2 
1 7G0T HIS A 3 ? UNP P15090 ? ? 'expression tag' -1 3 
# 
_pdbx_struct_assembly.id                   1 
_pdbx_struct_assembly.details              author_and_software_defined_assembly 
_pdbx_struct_assembly.method_details       PISA 
_pdbx_struct_assembly.oligomeric_details   monomeric 
_pdbx_struct_assembly.oligomeric_count     1 
# 
_pdbx_struct_assembly_gen.assembly_id       1 
_pdbx_struct_assembly_gen.oper_expression   1 
_pdbx_struct_assembly_gen.asym_id_list      A,B,C,D,E,F,G 
# 
_pdbx_struct_assembly_auth_evidence.id                     1 
_pdbx_struct_assembly_auth_evidence.assembly_id            1 
_pdbx_struct_assembly_auth_evidence.experimental_support   'gel filtration' 
_pdbx_struct_assembly_auth_evidence.details                'elutes as a monomer' 
# 
_pdbx_struct_oper_list.id                   1 
_pdbx_struct_oper_list.type                 'identity operation' 
_pdbx_struct_oper_list.name                 1_555 
_pdbx_struct_oper_list.symmetry_operation   x,y,z 
_pdbx_struct_oper_list.matrix[1][1]         1.0000000000 
_pdbx_struct_oper_list.matrix[1][2]         0.0000000000 
_pdbx_struct_oper_list.matrix[1][3]         0.0000000000 
_pdbx_struct_oper_list.vector[1]            0.0000000000 
_pdbx_struct_oper_list.matrix[2][1]         0.0000000000 
_pdbx_struct_oper_list.matrix[2][2]         1.0000000000 
_pdbx_struct_oper_list.matrix[2][3]         0.0000000000 
_pdbx_struct_oper_list.vector[2]            0.0000000000 
_pdbx_struct_oper_list.matrix[3][1]         0.0000000000 
_pdbx_struct_oper_list.matrix[3][2]         0.0000000000 
_pdbx_struct_oper_list.matrix[3][3]         1.0000000000 
_pdbx_struct_oper_list.vector[3]            0.0000000000 
# 
loop_
_struct_conf.conf_type_id 
_struct_conf.id 
_struct_conf.pdbx_PDB_helix_id 
_struct_conf.beg_label_comp_id 
_struct_conf.beg_label_asym_id 
_struct_conf.beg_label_seq_id 
_struct_conf.pdbx_beg_PDB_ins_code 
_struct_conf.end_label_comp_id 
_struct_conf.end_label_asym_id 
_struct_conf.end_label_seq_id 
_struct_conf.pdbx_end_PDB_ins_code 
_struct_conf.beg_auth_comp_id 
_struct_conf.beg_auth_asym_id 
_struct_conf.beg_auth_seq_id 
_struct_conf.end_auth_comp_id 
_struct_conf.end_auth_asym_id 
_struct_conf.end_auth_seq_id 
_struct_conf.pdbx_PDB_helix_class 
_struct_conf.details 
_struct_conf.pdbx_PDB_helix_length 
HELX_P HELX_P1 AA1 HIS A 3  ? VAL A 9  ? HIS A -1 VAL A 5  5 ? 7  
HELX_P HELX_P2 AA2 ASN A 19 ? GLY A 28 ? ASN A 15 GLY A 24 1 ? 10 
HELX_P HELX_P3 AA3 GLY A 30 ? ALA A 40 ? GLY A 26 ALA A 36 1 ? 11 
# 
_struct_conf_type.id          HELX_P 
_struct_conf_type.criteria    ? 
_struct_conf_type.reference   ? 
# 
_struct_sheet.id               AA1 
_struct_sheet.type             ? 
_struct_sheet.number_strands   10 
_struct_sheet.details          ? 
# 
loop_
_struct_sheet_order.sheet_id 
_struct_sheet_order.range_id_1 
_struct_sheet_order.range_id_2 
_struct_sheet_order.offset 
_struct_sheet_order.sense 
AA1 1 2  ? anti-parallel 
AA1 2 3  ? anti-parallel 
AA1 3 4  ? anti-parallel 
AA1 4 5  ? anti-parallel 
AA1 5 6  ? anti-parallel 
AA1 6 7  ? anti-parallel 
AA1 7 8  ? anti-parallel 
AA1 8 9  ? anti-parallel 
AA1 9 10 ? anti-parallel 
# 
loop_
_struct_sheet_range.sheet_id 
_struct_sheet_range.id 
_struct_sheet_range.beg_label_comp_id 
_struct_sheet_range.beg_label_asym_id 
_struct_sheet_range.beg_label_seq_id 
_struct_sheet_range.pdbx_beg_PDB_ins_code 
_struct_sheet_range.end_label_comp_id 
_struct_sheet_range.end_label_asym_id 
_struct_sheet_range.end_label_seq_id 
_struct_sheet_range.pdbx_end_PDB_ins_code 
_struct_sheet_range.beg_auth_comp_id 
_struct_sheet_range.beg_auth_asym_id 
_struct_sheet_range.beg_auth_seq_id 
_struct_sheet_range.end_auth_comp_id 
_struct_sheet_range.end_auth_asym_id 
_struct_sheet_range.end_auth_seq_id 
AA1 1  ASN A 63  ? PHE A 68  ? ASN A 59  PHE A 64  
AA1 2  VAL A 52  ? GLU A 58  ? VAL A 48  GLU A 54  
AA1 3  ASN A 43  ? ASN A 49  ? ASN A 39  ASN A 45  
AA1 4  GLY A 10  ? GLU A 18  ? GLY A 6   GLU A 14  
AA1 5  VAL A 126 ? ARG A 134 ? VAL A 122 ARG A 130 
AA1 6  LYS A 116 ? MET A 123 ? LYS A 112 MET A 119 
AA1 7  LYS A 104 ? GLU A 113 ? LYS A 100 GLU A 109 
AA1 8  VAL A 94  ? TRP A 101 ? VAL A 90  TRP A 97  
AA1 9  LYS A 83  ? ASP A 91  ? LYS A 79  ASP A 87  
AA1 10 PHE A 74  ? VAL A 77  ? PHE A 70  VAL A 73  
# 
loop_
_pdbx_struct_sheet_hbond.sheet_id 
_pdbx_struct_sheet_hbond.range_id_1 
_pdbx_struct_sheet_hbond.range_id_2 
_pdbx_struct_sheet_hbond.range_1_label_atom_id 
_pdbx_struct_sheet_hbond.range_1_label_comp_id 
_pdbx_struct_sheet_hbond.range_1_label_asym_id 
_pdbx_struct_sheet_hbond.range_1_label_seq_id 
_pdbx_struct_sheet_hbond.range_1_PDB_ins_code 
_pdbx_struct_sheet_hbond.range_1_auth_atom_id 
_pdbx_struct_sheet_hbond.range_1_auth_comp_id 
_pdbx_struct_sheet_hbond.range_1_auth_asym_id 
_pdbx_struct_sheet_hbond.range_1_auth_seq_id 
_pdbx_struct_sheet_hbond.range_2_label_atom_id 
_pdbx_struct_sheet_hbond.range_2_label_comp_id 
_pdbx_struct_sheet_hbond.range_2_label_asym_id 
_pdbx_struct_sheet_hbond.range_2_label_seq_id 
_pdbx_struct_sheet_hbond.range_2_PDB_ins_code 
_pdbx_struct_sheet_hbond.range_2_auth_atom_id 
_pdbx_struct_sheet_hbond.range_2_auth_comp_id 
_pdbx_struct_sheet_hbond.range_2_auth_asym_id 
_pdbx_struct_sheet_hbond.range_2_auth_seq_id 
AA1 1 2  O THR A 64  ? O THR A 60  N SER A 57  ? N SER A 53  
AA1 2 3  O THR A 54  ? O THR A 50  N SER A 47  ? N SER A 43  
AA1 3 4  O ILE A 46  ? O ILE A 42  N GLY A 10  ? N GLY A 6   
AA1 4 5  N VAL A 15  ? N VAL A 11  O VAL A 131 ? O VAL A 127 
AA1 5 6  O ARG A 130 ? O ARG A 126 N VAL A 119 ? N VAL A 115 
AA1 6 7  O GLU A 120 ? O GLU A 116 N LYS A 109 ? N LYS A 105 
AA1 7 8  O LYS A 104 ? O LYS A 100 N TRP A 101 ? N TRP A 97  
AA1 8 9  O VAL A 94  ? O VAL A 90  N ASP A 91  ? N ASP A 87  
AA1 9 10 O SER A 86  ? O SER A 82  N PHE A 74  ? N PHE A 70  
# 
_pdbx_entry_details.entry_id                   7G0T 
_pdbx_entry_details.compound_details           ? 
_pdbx_entry_details.source_details             ? 
_pdbx_entry_details.nonpolymer_details         ? 
_pdbx_entry_details.sequence_details           ? 
_pdbx_entry_details.has_ligand_of_interest     Y 
_pdbx_entry_details.has_protein_modification   N 
# 
_pdbx_validate_close_contact.id               1 
_pdbx_validate_close_contact.PDB_model_num    1 
_pdbx_validate_close_contact.auth_atom_id_1   OE1 
_pdbx_validate_close_contact.auth_asym_id_1   A 
_pdbx_validate_close_contact.auth_comp_id_1   GLN 
_pdbx_validate_close_contact.auth_seq_id_1    68 
_pdbx_validate_close_contact.PDB_ins_code_1   ? 
_pdbx_validate_close_contact.label_alt_id_1   ? 
_pdbx_validate_close_contact.auth_atom_id_2   O 
_pdbx_validate_close_contact.auth_asym_id_2   A 
_pdbx_validate_close_contact.auth_comp_id_2   HOH 
_pdbx_validate_close_contact.auth_seq_id_2    301 
_pdbx_validate_close_contact.PDB_ins_code_2   ? 
_pdbx_validate_close_contact.label_alt_id_2   ? 
_pdbx_validate_close_contact.dist             2.16 
# 
_pdbx_validate_rmsd_angle.id                         1 
_pdbx_validate_rmsd_angle.PDB_model_num              1 
_pdbx_validate_rmsd_angle.auth_atom_id_1             NE 
_pdbx_validate_rmsd_angle.auth_asym_id_1             A 
_pdbx_validate_rmsd_angle.auth_comp_id_1             ARG 
_pdbx_validate_rmsd_angle.auth_seq_id_1              126 
_pdbx_validate_rmsd_angle.PDB_ins_code_1             ? 
_pdbx_validate_rmsd_angle.label_alt_id_1             ? 
_pdbx_validate_rmsd_angle.auth_atom_id_2             CZ 
_pdbx_validate_rmsd_angle.auth_asym_id_2             A 
_pdbx_validate_rmsd_angle.auth_comp_id_2             ARG 
_pdbx_validate_rmsd_angle.auth_seq_id_2              126 
_pdbx_validate_rmsd_angle.PDB_ins_code_2             ? 
_pdbx_validate_rmsd_angle.label_alt_id_2             ? 
_pdbx_validate_rmsd_angle.auth_atom_id_3             NH2 
_pdbx_validate_rmsd_angle.auth_asym_id_3             A 
_pdbx_validate_rmsd_angle.auth_comp_id_3             ARG 
_pdbx_validate_rmsd_angle.auth_seq_id_3              126 
_pdbx_validate_rmsd_angle.PDB_ins_code_3             ? 
_pdbx_validate_rmsd_angle.label_alt_id_3             ? 
_pdbx_validate_rmsd_angle.angle_value                116.28 
_pdbx_validate_rmsd_angle.angle_target_value         120.30 
_pdbx_validate_rmsd_angle.angle_deviation            -4.02 
_pdbx_validate_rmsd_angle.angle_standard_deviation   0.50 
_pdbx_validate_rmsd_angle.linker_flag                N 
# 
loop_
_pdbx_validate_torsion.id 
_pdbx_validate_torsion.PDB_model_num 
_pdbx_validate_torsion.auth_comp_id 
_pdbx_validate_torsion.auth_asym_id 
_pdbx_validate_torsion.auth_seq_id 
_pdbx_validate_torsion.PDB_ins_code 
_pdbx_validate_torsion.label_alt_id 
_pdbx_validate_torsion.phi 
_pdbx_validate_torsion.psi 
1 1 ASP A 110 ? ? 49.42 -132.92 
2 1 LYS A 120 ? ? 52.57 -129.49 
# 
_pdbx_validate_peptide_omega.id               1 
_pdbx_validate_peptide_omega.PDB_model_num    1 
_pdbx_validate_peptide_omega.auth_comp_id_1   GLY 
_pdbx_validate_peptide_omega.auth_asym_id_1   A 
_pdbx_validate_peptide_omega.auth_seq_id_1    121 
_pdbx_validate_peptide_omega.PDB_ins_code_1   ? 
_pdbx_validate_peptide_omega.label_alt_id_1   ? 
_pdbx_validate_peptide_omega.auth_comp_id_2   VAL 
_pdbx_validate_peptide_omega.auth_asym_id_2   A 
_pdbx_validate_peptide_omega.auth_seq_id_2    122 
_pdbx_validate_peptide_omega.PDB_ins_code_2   ? 
_pdbx_validate_peptide_omega.label_alt_id_2   ? 
_pdbx_validate_peptide_omega.omega            -145.64 
# 
loop_
_chem_comp_atom.comp_id 
_chem_comp_atom.atom_id 
_chem_comp_atom.type_symbol 
_chem_comp_atom.pdbx_aromatic_flag 
_chem_comp_atom.pdbx_stereo_config 
_chem_comp_atom.pdbx_ordinal 
ALA N    N  N N 1   
ALA CA   C  N S 2   
ALA C    C  N N 3   
ALA O    O  N N 4   
ALA CB   C  N N 5   
ALA OXT  O  N N 6   
ALA H    H  N N 7   
ALA H2   H  N N 8   
ALA HA   H  N N 9   
ALA HB1  H  N N 10  
ALA HB2  H  N N 11  
ALA HB3  H  N N 12  
ALA HXT  H  N N 13  
ARG N    N  N N 14  
ARG CA   C  N S 15  
ARG C    C  N N 16  
ARG O    O  N N 17  
ARG CB   C  N N 18  
ARG CG   C  N N 19  
ARG CD   C  N N 20  
ARG NE   N  N N 21  
ARG CZ   C  N N 22  
ARG NH1  N  N N 23  
ARG NH2  N  N N 24  
ARG OXT  O  N N 25  
ARG H    H  N N 26  
ARG H2   H  N N 27  
ARG HA   H  N N 28  
ARG HB2  H  N N 29  
ARG HB3  H  N N 30  
ARG HG2  H  N N 31  
ARG HG3  H  N N 32  
ARG HD2  H  N N 33  
ARG HD3  H  N N 34  
ARG HE   H  N N 35  
ARG HH11 H  N N 36  
ARG HH12 H  N N 37  
ARG HH21 H  N N 38  
ARG HH22 H  N N 39  
ARG HXT  H  N N 40  
ASN N    N  N N 41  
ASN CA   C  N S 42  
ASN C    C  N N 43  
ASN O    O  N N 44  
ASN CB   C  N N 45  
ASN CG   C  N N 46  
ASN OD1  O  N N 47  
ASN ND2  N  N N 48  
ASN OXT  O  N N 49  
ASN H    H  N N 50  
ASN H2   H  N N 51  
ASN HA   H  N N 52  
ASN HB2  H  N N 53  
ASN HB3  H  N N 54  
ASN HD21 H  N N 55  
ASN HD22 H  N N 56  
ASN HXT  H  N N 57  
ASP N    N  N N 58  
ASP CA   C  N S 59  
ASP C    C  N N 60  
ASP O    O  N N 61  
ASP CB   C  N N 62  
ASP CG   C  N N 63  
ASP OD1  O  N N 64  
ASP OD2  O  N N 65  
ASP OXT  O  N N 66  
ASP H    H  N N 67  
ASP H2   H  N N 68  
ASP HA   H  N N 69  
ASP HB2  H  N N 70  
ASP HB3  H  N N 71  
ASP HD2  H  N N 72  
ASP HXT  H  N N 73  
CYS N    N  N N 74  
CYS CA   C  N R 75  
CYS C    C  N N 76  
CYS O    O  N N 77  
CYS CB   C  N N 78  
CYS SG   S  N N 79  
CYS OXT  O  N N 80  
CYS H    H  N N 81  
CYS H2   H  N N 82  
CYS HA   H  N N 83  
CYS HB2  H  N N 84  
CYS HB3  H  N N 85  
CYS HG   H  N N 86  
CYS HXT  H  N N 87  
DMS S    S  N N 88  
DMS O    O  N N 89  
DMS C1   C  N N 90  
DMS C2   C  N N 91  
DMS H11  H  N N 92  
DMS H12  H  N N 93  
DMS H13  H  N N 94  
DMS H21  H  N N 95  
DMS H22  H  N N 96  
DMS H23  H  N N 97  
FMT C    C  N N 98  
FMT O1   O  N N 99  
FMT O2   O  N N 100 
FMT H    H  N N 101 
FMT HO2  H  N N 102 
GLN N    N  N N 103 
GLN CA   C  N S 104 
GLN C    C  N N 105 
GLN O    O  N N 106 
GLN CB   C  N N 107 
GLN CG   C  N N 108 
GLN CD   C  N N 109 
GLN OE1  O  N N 110 
GLN NE2  N  N N 111 
GLN OXT  O  N N 112 
GLN H    H  N N 113 
GLN H2   H  N N 114 
GLN HA   H  N N 115 
GLN HB2  H  N N 116 
GLN HB3  H  N N 117 
GLN HG2  H  N N 118 
GLN HG3  H  N N 119 
GLN HE21 H  N N 120 
GLN HE22 H  N N 121 
GLN HXT  H  N N 122 
GLU N    N  N N 123 
GLU CA   C  N S 124 
GLU C    C  N N 125 
GLU O    O  N N 126 
GLU CB   C  N N 127 
GLU CG   C  N N 128 
GLU CD   C  N N 129 
GLU OE1  O  N N 130 
GLU OE2  O  N N 131 
GLU OXT  O  N N 132 
GLU H    H  N N 133 
GLU H2   H  N N 134 
GLU HA   H  N N 135 
GLU HB2  H  N N 136 
GLU HB3  H  N N 137 
GLU HG2  H  N N 138 
GLU HG3  H  N N 139 
GLU HE2  H  N N 140 
GLU HXT  H  N N 141 
GLY N    N  N N 142 
GLY CA   C  N N 143 
GLY C    C  N N 144 
GLY O    O  N N 145 
GLY OXT  O  N N 146 
GLY H    H  N N 147 
GLY H2   H  N N 148 
GLY HA2  H  N N 149 
GLY HA3  H  N N 150 
GLY HXT  H  N N 151 
HIS N    N  N N 152 
HIS CA   C  N S 153 
HIS C    C  N N 154 
HIS O    O  N N 155 
HIS CB   C  N N 156 
HIS CG   C  Y N 157 
HIS ND1  N  Y N 158 
HIS CD2  C  Y N 159 
HIS CE1  C  Y N 160 
HIS NE2  N  Y N 161 
HIS OXT  O  N N 162 
HIS H    H  N N 163 
HIS H2   H  N N 164 
HIS HA   H  N N 165 
HIS HB2  H  N N 166 
HIS HB3  H  N N 167 
HIS HD1  H  N N 168 
HIS HD2  H  N N 169 
HIS HE1  H  N N 170 
HIS HE2  H  N N 171 
HIS HXT  H  N N 172 
HOH O    O  N N 173 
HOH H1   H  N N 174 
HOH H2   H  N N 175 
ILE N    N  N N 176 
ILE CA   C  N S 177 
ILE C    C  N N 178 
ILE O    O  N N 179 
ILE CB   C  N S 180 
ILE CG1  C  N N 181 
ILE CG2  C  N N 182 
ILE CD1  C  N N 183 
ILE OXT  O  N N 184 
ILE H    H  N N 185 
ILE H2   H  N N 186 
ILE HA   H  N N 187 
ILE HB   H  N N 188 
ILE HG12 H  N N 189 
ILE HG13 H  N N 190 
ILE HG21 H  N N 191 
ILE HG22 H  N N 192 
ILE HG23 H  N N 193 
ILE HD11 H  N N 194 
ILE HD12 H  N N 195 
ILE HD13 H  N N 196 
ILE HXT  H  N N 197 
LEU N    N  N N 198 
LEU CA   C  N S 199 
LEU C    C  N N 200 
LEU O    O  N N 201 
LEU CB   C  N N 202 
LEU CG   C  N N 203 
LEU CD1  C  N N 204 
LEU CD2  C  N N 205 
LEU OXT  O  N N 206 
LEU H    H  N N 207 
LEU H2   H  N N 208 
LEU HA   H  N N 209 
LEU HB2  H  N N 210 
LEU HB3  H  N N 211 
LEU HG   H  N N 212 
LEU HD11 H  N N 213 
LEU HD12 H  N N 214 
LEU HD13 H  N N 215 
LEU HD21 H  N N 216 
LEU HD22 H  N N 217 
LEU HD23 H  N N 218 
LEU HXT  H  N N 219 
LYS N    N  N N 220 
LYS CA   C  N S 221 
LYS C    C  N N 222 
LYS O    O  N N 223 
LYS CB   C  N N 224 
LYS CG   C  N N 225 
LYS CD   C  N N 226 
LYS CE   C  N N 227 
LYS NZ   N  N N 228 
LYS OXT  O  N N 229 
LYS H    H  N N 230 
LYS H2   H  N N 231 
LYS HA   H  N N 232 
LYS HB2  H  N N 233 
LYS HB3  H  N N 234 
LYS HG2  H  N N 235 
LYS HG3  H  N N 236 
LYS HD2  H  N N 237 
LYS HD3  H  N N 238 
LYS HE2  H  N N 239 
LYS HE3  H  N N 240 
LYS HZ1  H  N N 241 
LYS HZ2  H  N N 242 
LYS HZ3  H  N N 243 
LYS HXT  H  N N 244 
MET N    N  N N 245 
MET CA   C  N S 246 
MET C    C  N N 247 
MET O    O  N N 248 
MET CB   C  N N 249 
MET CG   C  N N 250 
MET SD   S  N N 251 
MET CE   C  N N 252 
MET OXT  O  N N 253 
MET H    H  N N 254 
MET H2   H  N N 255 
MET HA   H  N N 256 
MET HB2  H  N N 257 
MET HB3  H  N N 258 
MET HG2  H  N N 259 
MET HG3  H  N N 260 
MET HE1  H  N N 261 
MET HE2  H  N N 262 
MET HE3  H  N N 263 
MET HXT  H  N N 264 
PHE N    N  N N 265 
PHE CA   C  N S 266 
PHE C    C  N N 267 
PHE O    O  N N 268 
PHE CB   C  N N 269 
PHE CG   C  Y N 270 
PHE CD1  C  Y N 271 
PHE CD2  C  Y N 272 
PHE CE1  C  Y N 273 
PHE CE2  C  Y N 274 
PHE CZ   C  Y N 275 
PHE OXT  O  N N 276 
PHE H    H  N N 277 
PHE H2   H  N N 278 
PHE HA   H  N N 279 
PHE HB2  H  N N 280 
PHE HB3  H  N N 281 
PHE HD1  H  N N 282 
PHE HD2  H  N N 283 
PHE HE1  H  N N 284 
PHE HE2  H  N N 285 
PHE HZ   H  N N 286 
PHE HXT  H  N N 287 
PRO N    N  N N 288 
PRO CA   C  N S 289 
PRO C    C  N N 290 
PRO O    O  N N 291 
PRO CB   C  N N 292 
PRO CG   C  N N 293 
PRO CD   C  N N 294 
PRO OXT  O  N N 295 
PRO H    H  N N 296 
PRO HA   H  N N 297 
PRO HB2  H  N N 298 
PRO HB3  H  N N 299 
PRO HG2  H  N N 300 
PRO HG3  H  N N 301 
PRO HD2  H  N N 302 
PRO HD3  H  N N 303 
PRO HXT  H  N N 304 
SER N    N  N N 305 
SER CA   C  N S 306 
SER C    C  N N 307 
SER O    O  N N 308 
SER CB   C  N N 309 
SER OG   O  N N 310 
SER OXT  O  N N 311 
SER H    H  N N 312 
SER H2   H  N N 313 
SER HA   H  N N 314 
SER HB2  H  N N 315 
SER HB3  H  N N 316 
SER HG   H  N N 317 
SER HXT  H  N N 318 
SO4 S    S  N N 319 
SO4 O1   O  N N 320 
SO4 O2   O  N N 321 
SO4 O3   O  N N 322 
SO4 O4   O  N N 323 
THR N    N  N N 324 
THR CA   C  N S 325 
THR C    C  N N 326 
THR O    O  N N 327 
THR CB   C  N R 328 
THR OG1  O  N N 329 
THR CG2  C  N N 330 
THR OXT  O  N N 331 
THR H    H  N N 332 
THR H2   H  N N 333 
THR HA   H  N N 334 
THR HB   H  N N 335 
THR HG1  H  N N 336 
THR HG21 H  N N 337 
THR HG22 H  N N 338 
THR HG23 H  N N 339 
THR HXT  H  N N 340 
TRP N    N  N N 341 
TRP CA   C  N S 342 
TRP C    C  N N 343 
TRP O    O  N N 344 
TRP CB   C  N N 345 
TRP CG   C  Y N 346 
TRP CD1  C  Y N 347 
TRP CD2  C  Y N 348 
TRP NE1  N  Y N 349 
TRP CE2  C  Y N 350 
TRP CE3  C  Y N 351 
TRP CZ2  C  Y N 352 
TRP CZ3  C  Y N 353 
TRP CH2  C  Y N 354 
TRP OXT  O  N N 355 
TRP H    H  N N 356 
TRP H2   H  N N 357 
TRP HA   H  N N 358 
TRP HB2  H  N N 359 
TRP HB3  H  N N 360 
TRP HD1  H  N N 361 
TRP HE1  H  N N 362 
TRP HE3  H  N N 363 
TRP HZ2  H  N N 364 
TRP HZ3  H  N N 365 
TRP HH2  H  N N 366 
TRP HXT  H  N N 367 
TYR N    N  N N 368 
TYR CA   C  N S 369 
TYR C    C  N N 370 
TYR O    O  N N 371 
TYR CB   C  N N 372 
TYR CG   C  Y N 373 
TYR CD1  C  Y N 374 
TYR CD2  C  Y N 375 
TYR CE1  C  Y N 376 
TYR CE2  C  Y N 377 
TYR CZ   C  Y N 378 
TYR OH   O  N N 379 
TYR OXT  O  N N 380 
TYR H    H  N N 381 
TYR H2   H  N N 382 
TYR HA   H  N N 383 
TYR HB2  H  N N 384 
TYR HB3  H  N N 385 
TYR HD1  H  N N 386 
TYR HD2  H  N N 387 
TYR HE1  H  N N 388 
TYR HE2  H  N N 389 
TYR HH   H  N N 390 
TYR HXT  H  N N 391 
VAL N    N  N N 392 
VAL CA   C  N S 393 
VAL C    C  N N 394 
VAL O    O  N N 395 
VAL CB   C  N N 396 
VAL CG1  C  N N 397 
VAL CG2  C  N N 398 
VAL OXT  O  N N 399 
VAL H    H  N N 400 
VAL H2   H  N N 401 
VAL HA   H  N N 402 
VAL HB   H  N N 403 
VAL HG11 H  N N 404 
VAL HG12 H  N N 405 
VAL HG13 H  N N 406 
VAL HG21 H  N N 407 
VAL HG22 H  N N 408 
VAL HG23 H  N N 409 
VAL HXT  H  N N 410 
WLF C01  C  N N 411 
WLF C04  C  N N 412 
WLF C05  C  N N 413 
WLF C06  C  N N 414 
WLF C07  C  N N 415 
WLF O12  O  N N 416 
WLF C13  C  Y N 417 
WLF C15  C  Y N 418 
WLF C16  C  Y N 419 
WLF C17  C  N N 420 
WLF C18  C  Y N 421 
WLF C19  C  Y N 422 
WLF N02  N  N N 423 
WLF C03  C  N N 424 
WLF C08  C  N N 425 
WLF O09  O  N N 426 
WLF O10  O  N N 427 
WLF N11  N  N N 428 
WLF C14  C  Y N 429 
WLF F20  F  N N 430 
WLF F21  F  N N 431 
WLF F22  F  N N 432 
WLF CL23 CL N N 433 
WLF H27  H  N N 434 
WLF H28  H  N N 435 
WLF H30  H  N N 436 
WLF H29  H  N N 437 
WLF H35  H  N N 438 
WLF H36  H  N N 439 
WLF H37  H  N N 440 
WLF H24  H  N N 441 
WLF H25  H  N N 442 
WLF H26  H  N N 443 
WLF H31  H  N N 444 
WLF H32  H  N N 445 
WLF H1   H  N N 446 
WLF H34  H  N N 447 
# 
loop_
_chem_comp_bond.comp_id 
_chem_comp_bond.atom_id_1 
_chem_comp_bond.atom_id_2 
_chem_comp_bond.value_order 
_chem_comp_bond.pdbx_aromatic_flag 
_chem_comp_bond.pdbx_stereo_config 
_chem_comp_bond.pdbx_ordinal 
ALA N   CA   sing N N 1   
ALA N   H    sing N N 2   
ALA N   H2   sing N N 3   
ALA CA  C    sing N N 4   
ALA CA  CB   sing N N 5   
ALA CA  HA   sing N N 6   
ALA C   O    doub N N 7   
ALA C   OXT  sing N N 8   
ALA CB  HB1  sing N N 9   
ALA CB  HB2  sing N N 10  
ALA CB  HB3  sing N N 11  
ALA OXT HXT  sing N N 12  
ARG N   CA   sing N N 13  
ARG N   H    sing N N 14  
ARG N   H2   sing N N 15  
ARG CA  C    sing N N 16  
ARG CA  CB   sing N N 17  
ARG CA  HA   sing N N 18  
ARG C   O    doub N N 19  
ARG C   OXT  sing N N 20  
ARG CB  CG   sing N N 21  
ARG CB  HB2  sing N N 22  
ARG CB  HB3  sing N N 23  
ARG CG  CD   sing N N 24  
ARG CG  HG2  sing N N 25  
ARG CG  HG3  sing N N 26  
ARG CD  NE   sing N N 27  
ARG CD  HD2  sing N N 28  
ARG CD  HD3  sing N N 29  
ARG NE  CZ   sing N N 30  
ARG NE  HE   sing N N 31  
ARG CZ  NH1  sing N N 32  
ARG CZ  NH2  doub N N 33  
ARG NH1 HH11 sing N N 34  
ARG NH1 HH12 sing N N 35  
ARG NH2 HH21 sing N N 36  
ARG NH2 HH22 sing N N 37  
ARG OXT HXT  sing N N 38  
ASN N   CA   sing N N 39  
ASN N   H    sing N N 40  
ASN N   H2   sing N N 41  
ASN CA  C    sing N N 42  
ASN CA  CB   sing N N 43  
ASN CA  HA   sing N N 44  
ASN C   O    doub N N 45  
ASN C   OXT  sing N N 46  
ASN CB  CG   sing N N 47  
ASN CB  HB2  sing N N 48  
ASN CB  HB3  sing N N 49  
ASN CG  OD1  doub N N 50  
ASN CG  ND2  sing N N 51  
ASN ND2 HD21 sing N N 52  
ASN ND2 HD22 sing N N 53  
ASN OXT HXT  sing N N 54  
ASP N   CA   sing N N 55  
ASP N   H    sing N N 56  
ASP N   H2   sing N N 57  
ASP CA  C    sing N N 58  
ASP CA  CB   sing N N 59  
ASP CA  HA   sing N N 60  
ASP C   O    doub N N 61  
ASP C   OXT  sing N N 62  
ASP CB  CG   sing N N 63  
ASP CB  HB2  sing N N 64  
ASP CB  HB3  sing N N 65  
ASP CG  OD1  doub N N 66  
ASP CG  OD2  sing N N 67  
ASP OD2 HD2  sing N N 68  
ASP OXT HXT  sing N N 69  
CYS N   CA   sing N N 70  
CYS N   H    sing N N 71  
CYS N   H2   sing N N 72  
CYS CA  C    sing N N 73  
CYS CA  CB   sing N N 74  
CYS CA  HA   sing N N 75  
CYS C   O    doub N N 76  
CYS C   OXT  sing N N 77  
CYS CB  SG   sing N N 78  
CYS CB  HB2  sing N N 79  
CYS CB  HB3  sing N N 80  
CYS SG  HG   sing N N 81  
CYS OXT HXT  sing N N 82  
DMS S   O    doub N N 83  
DMS S   C1   sing N N 84  
DMS S   C2   sing N N 85  
DMS C1  H11  sing N N 86  
DMS C1  H12  sing N N 87  
DMS C1  H13  sing N N 88  
DMS C2  H21  sing N N 89  
DMS C2  H22  sing N N 90  
DMS C2  H23  sing N N 91  
FMT C   O1   doub N N 92  
FMT C   O2   sing N N 93  
FMT C   H    sing N N 94  
FMT O2  HO2  sing N N 95  
GLN N   CA   sing N N 96  
GLN N   H    sing N N 97  
GLN N   H2   sing N N 98  
GLN CA  C    sing N N 99  
GLN CA  CB   sing N N 100 
GLN CA  HA   sing N N 101 
GLN C   O    doub N N 102 
GLN C   OXT  sing N N 103 
GLN CB  CG   sing N N 104 
GLN CB  HB2  sing N N 105 
GLN CB  HB3  sing N N 106 
GLN CG  CD   sing N N 107 
GLN CG  HG2  sing N N 108 
GLN CG  HG3  sing N N 109 
GLN CD  OE1  doub N N 110 
GLN CD  NE2  sing N N 111 
GLN NE2 HE21 sing N N 112 
GLN NE2 HE22 sing N N 113 
GLN OXT HXT  sing N N 114 
GLU N   CA   sing N N 115 
GLU N   H    sing N N 116 
GLU N   H2   sing N N 117 
GLU CA  C    sing N N 118 
GLU CA  CB   sing N N 119 
GLU CA  HA   sing N N 120 
GLU C   O    doub N N 121 
GLU C   OXT  sing N N 122 
GLU CB  CG   sing N N 123 
GLU CB  HB2  sing N N 124 
GLU CB  HB3  sing N N 125 
GLU CG  CD   sing N N 126 
GLU CG  HG2  sing N N 127 
GLU CG  HG3  sing N N 128 
GLU CD  OE1  doub N N 129 
GLU CD  OE2  sing N N 130 
GLU OE2 HE2  sing N N 131 
GLU OXT HXT  sing N N 132 
GLY N   CA   sing N N 133 
GLY N   H    sing N N 134 
GLY N   H2   sing N N 135 
GLY CA  C    sing N N 136 
GLY CA  HA2  sing N N 137 
GLY CA  HA3  sing N N 138 
GLY C   O    doub N N 139 
GLY C   OXT  sing N N 140 
GLY OXT HXT  sing N N 141 
HIS N   CA   sing N N 142 
HIS N   H    sing N N 143 
HIS N   H2   sing N N 144 
HIS CA  C    sing N N 145 
HIS CA  CB   sing N N 146 
HIS CA  HA   sing N N 147 
HIS C   O    doub N N 148 
HIS C   OXT  sing N N 149 
HIS CB  CG   sing N N 150 
HIS CB  HB2  sing N N 151 
HIS CB  HB3  sing N N 152 
HIS CG  ND1  sing Y N 153 
HIS CG  CD2  doub Y N 154 
HIS ND1 CE1  doub Y N 155 
HIS ND1 HD1  sing N N 156 
HIS CD2 NE2  sing Y N 157 
HIS CD2 HD2  sing N N 158 
HIS CE1 NE2  sing Y N 159 
HIS CE1 HE1  sing N N 160 
HIS NE2 HE2  sing N N 161 
HIS OXT HXT  sing N N 162 
HOH O   H1   sing N N 163 
HOH O   H2   sing N N 164 
ILE N   CA   sing N N 165 
ILE N   H    sing N N 166 
ILE N   H2   sing N N 167 
ILE CA  C    sing N N 168 
ILE CA  CB   sing N N 169 
ILE CA  HA   sing N N 170 
ILE C   O    doub N N 171 
ILE C   OXT  sing N N 172 
ILE CB  CG1  sing N N 173 
ILE CB  CG2  sing N N 174 
ILE CB  HB   sing N N 175 
ILE CG1 CD1  sing N N 176 
ILE CG1 HG12 sing N N 177 
ILE CG1 HG13 sing N N 178 
ILE CG2 HG21 sing N N 179 
ILE CG2 HG22 sing N N 180 
ILE CG2 HG23 sing N N 181 
ILE CD1 HD11 sing N N 182 
ILE CD1 HD12 sing N N 183 
ILE CD1 HD13 sing N N 184 
ILE OXT HXT  sing N N 185 
LEU N   CA   sing N N 186 
LEU N   H    sing N N 187 
LEU N   H2   sing N N 188 
LEU CA  C    sing N N 189 
LEU CA  CB   sing N N 190 
LEU CA  HA   sing N N 191 
LEU C   O    doub N N 192 
LEU C   OXT  sing N N 193 
LEU CB  CG   sing N N 194 
LEU CB  HB2  sing N N 195 
LEU CB  HB3  sing N N 196 
LEU CG  CD1  sing N N 197 
LEU CG  CD2  sing N N 198 
LEU CG  HG   sing N N 199 
LEU CD1 HD11 sing N N 200 
LEU CD1 HD12 sing N N 201 
LEU CD1 HD13 sing N N 202 
LEU CD2 HD21 sing N N 203 
LEU CD2 HD22 sing N N 204 
LEU CD2 HD23 sing N N 205 
LEU OXT HXT  sing N N 206 
LYS N   CA   sing N N 207 
LYS N   H    sing N N 208 
LYS N   H2   sing N N 209 
LYS CA  C    sing N N 210 
LYS CA  CB   sing N N 211 
LYS CA  HA   sing N N 212 
LYS C   O    doub N N 213 
LYS C   OXT  sing N N 214 
LYS CB  CG   sing N N 215 
LYS CB  HB2  sing N N 216 
LYS CB  HB3  sing N N 217 
LYS CG  CD   sing N N 218 
LYS CG  HG2  sing N N 219 
LYS CG  HG3  sing N N 220 
LYS CD  CE   sing N N 221 
LYS CD  HD2  sing N N 222 
LYS CD  HD3  sing N N 223 
LYS CE  NZ   sing N N 224 
LYS CE  HE2  sing N N 225 
LYS CE  HE3  sing N N 226 
LYS NZ  HZ1  sing N N 227 
LYS NZ  HZ2  sing N N 228 
LYS NZ  HZ3  sing N N 229 
LYS OXT HXT  sing N N 230 
MET N   CA   sing N N 231 
MET N   H    sing N N 232 
MET N   H2   sing N N 233 
MET CA  C    sing N N 234 
MET CA  CB   sing N N 235 
MET CA  HA   sing N N 236 
MET C   O    doub N N 237 
MET C   OXT  sing N N 238 
MET CB  CG   sing N N 239 
MET CB  HB2  sing N N 240 
MET CB  HB3  sing N N 241 
MET CG  SD   sing N N 242 
MET CG  HG2  sing N N 243 
MET CG  HG3  sing N N 244 
MET SD  CE   sing N N 245 
MET CE  HE1  sing N N 246 
MET CE  HE2  sing N N 247 
MET CE  HE3  sing N N 248 
MET OXT HXT  sing N N 249 
PHE N   CA   sing N N 250 
PHE N   H    sing N N 251 
PHE N   H2   sing N N 252 
PHE CA  C    sing N N 253 
PHE CA  CB   sing N N 254 
PHE CA  HA   sing N N 255 
PHE C   O    doub N N 256 
PHE C   OXT  sing N N 257 
PHE CB  CG   sing N N 258 
PHE CB  HB2  sing N N 259 
PHE CB  HB3  sing N N 260 
PHE CG  CD1  doub Y N 261 
PHE CG  CD2  sing Y N 262 
PHE CD1 CE1  sing Y N 263 
PHE CD1 HD1  sing N N 264 
PHE CD2 CE2  doub Y N 265 
PHE CD2 HD2  sing N N 266 
PHE CE1 CZ   doub Y N 267 
PHE CE1 HE1  sing N N 268 
PHE CE2 CZ   sing Y N 269 
PHE CE2 HE2  sing N N 270 
PHE CZ  HZ   sing N N 271 
PHE OXT HXT  sing N N 272 
PRO N   CA   sing N N 273 
PRO N   CD   sing N N 274 
PRO N   H    sing N N 275 
PRO CA  C    sing N N 276 
PRO CA  CB   sing N N 277 
PRO CA  HA   sing N N 278 
PRO C   O    doub N N 279 
PRO C   OXT  sing N N 280 
PRO CB  CG   sing N N 281 
PRO CB  HB2  sing N N 282 
PRO CB  HB3  sing N N 283 
PRO CG  CD   sing N N 284 
PRO CG  HG2  sing N N 285 
PRO CG  HG3  sing N N 286 
PRO CD  HD2  sing N N 287 
PRO CD  HD3  sing N N 288 
PRO OXT HXT  sing N N 289 
SER N   CA   sing N N 290 
SER N   H    sing N N 291 
SER N   H2   sing N N 292 
SER CA  C    sing N N 293 
SER CA  CB   sing N N 294 
SER CA  HA   sing N N 295 
SER C   O    doub N N 296 
SER C   OXT  sing N N 297 
SER CB  OG   sing N N 298 
SER CB  HB2  sing N N 299 
SER CB  HB3  sing N N 300 
SER OG  HG   sing N N 301 
SER OXT HXT  sing N N 302 
SO4 S   O1   doub N N 303 
SO4 S   O2   doub N N 304 
SO4 S   O3   sing N N 305 
SO4 S   O4   sing N N 306 
THR N   CA   sing N N 307 
THR N   H    sing N N 308 
THR N   H2   sing N N 309 
THR CA  C    sing N N 310 
THR CA  CB   sing N N 311 
THR CA  HA   sing N N 312 
THR C   O    doub N N 313 
THR C   OXT  sing N N 314 
THR CB  OG1  sing N N 315 
THR CB  CG2  sing N N 316 
THR CB  HB   sing N N 317 
THR OG1 HG1  sing N N 318 
THR CG2 HG21 sing N N 319 
THR CG2 HG22 sing N N 320 
THR CG2 HG23 sing N N 321 
THR OXT HXT  sing N N 322 
TRP N   CA   sing N N 323 
TRP N   H    sing N N 324 
TRP N   H2   sing N N 325 
TRP CA  C    sing N N 326 
TRP CA  CB   sing N N 327 
TRP CA  HA   sing N N 328 
TRP C   O    doub N N 329 
TRP C   OXT  sing N N 330 
TRP CB  CG   sing N N 331 
TRP CB  HB2  sing N N 332 
TRP CB  HB3  sing N N 333 
TRP CG  CD1  doub Y N 334 
TRP CG  CD2  sing Y N 335 
TRP CD1 NE1  sing Y N 336 
TRP CD1 HD1  sing N N 337 
TRP CD2 CE2  doub Y N 338 
TRP CD2 CE3  sing Y N 339 
TRP NE1 CE2  sing Y N 340 
TRP NE1 HE1  sing N N 341 
TRP CE2 CZ2  sing Y N 342 
TRP CE3 CZ3  doub Y N 343 
TRP CE3 HE3  sing N N 344 
TRP CZ2 CH2  doub Y N 345 
TRP CZ2 HZ2  sing N N 346 
TRP CZ3 CH2  sing Y N 347 
TRP CZ3 HZ3  sing N N 348 
TRP CH2 HH2  sing N N 349 
TRP OXT HXT  sing N N 350 
TYR N   CA   sing N N 351 
TYR N   H    sing N N 352 
TYR N   H2   sing N N 353 
TYR CA  C    sing N N 354 
TYR CA  CB   sing N N 355 
TYR CA  HA   sing N N 356 
TYR C   O    doub N N 357 
TYR C   OXT  sing N N 358 
TYR CB  CG   sing N N 359 
TYR CB  HB2  sing N N 360 
TYR CB  HB3  sing N N 361 
TYR CG  CD1  doub Y N 362 
TYR CG  CD2  sing Y N 363 
TYR CD1 CE1  sing Y N 364 
TYR CD1 HD1  sing N N 365 
TYR CD2 CE2  doub Y N 366 
TYR CD2 HD2  sing N N 367 
TYR CE1 CZ   doub Y N 368 
TYR CE1 HE1  sing N N 369 
TYR CE2 CZ   sing Y N 370 
TYR CE2 HE2  sing N N 371 
TYR CZ  OH   sing N N 372 
TYR OH  HH   sing N N 373 
TYR OXT HXT  sing N N 374 
VAL N   CA   sing N N 375 
VAL N   H    sing N N 376 
VAL N   H2   sing N N 377 
VAL CA  C    sing N N 378 
VAL CA  CB   sing N N 379 
VAL CA  HA   sing N N 380 
VAL C   O    doub N N 381 
VAL C   OXT  sing N N 382 
VAL CB  CG1  sing N N 383 
VAL CB  CG2  sing N N 384 
VAL CB  HB   sing N N 385 
VAL CG1 HG11 sing N N 386 
VAL CG1 HG12 sing N N 387 
VAL CG1 HG13 sing N N 388 
VAL CG2 HG21 sing N N 389 
VAL CG2 HG22 sing N N 390 
VAL CG2 HG23 sing N N 391 
VAL OXT HXT  sing N N 392 
WLF C01 N02  sing N N 393 
WLF C01 C03  sing N N 394 
WLF C01 C04  sing N N 395 
WLF C01 C05  sing N N 396 
WLF N02 C06  sing N N 397 
WLF C03 C07  sing N N 398 
WLF C04 C08  sing N N 399 
WLF C07 C08  sing N N 400 
WLF C05 O09  doub N N 401 
WLF C05 O10  sing N N 402 
WLF C06 N11  sing N N 403 
WLF C06 O12  doub N N 404 
WLF N11 C13  sing N N 405 
WLF C13 C14  doub Y N 406 
WLF C13 C15  sing Y N 407 
WLF C14 C16  sing Y N 408 
WLF C14 C17  sing N N 409 
WLF C15 C18  doub Y N 410 
WLF C16 C19  doub Y N 411 
WLF C18 C19  sing Y N 412 
WLF C17 F20  sing N N 413 
WLF C17 F21  sing N N 414 
WLF C17 F22  sing N N 415 
WLF C19 CL23 sing N N 416 
WLF C04 H27  sing N N 417 
WLF C04 H28  sing N N 418 
WLF C07 H30  sing N N 419 
WLF C07 H29  sing N N 420 
WLF C15 H35  sing N N 421 
WLF C16 H36  sing N N 422 
WLF C18 H37  sing N N 423 
WLF N02 H24  sing N N 424 
WLF C03 H25  sing N N 425 
WLF C03 H26  sing N N 426 
WLF C08 H31  sing N N 427 
WLF C08 H32  sing N N 428 
WLF O10 H1   sing N N 429 
WLF N11 H34  sing N N 430 
# 
_pdbx_audit_support.ordinal                1 
_pdbx_audit_support.funding_organization   'F. Hoffmann-La Roche LTD' 
_pdbx_audit_support.grant_number           ? 
_pdbx_audit_support.country                Switzerland 
# 
_pdbx_deposit_group.group_id            G_1002264 
_pdbx_deposit_group.group_description   'A set of fabp crystal structures' 
_pdbx_deposit_group.group_title         'To be published' 
_pdbx_deposit_group.group_type          undefined 
# 
_pdbx_initial_refinement_model.accession_code   ? 
_pdbx_initial_refinement_model.id               1 
_pdbx_initial_refinement_model.entity_id_list   ? 
_pdbx_initial_refinement_model.type             other 
_pdbx_initial_refinement_model.source_name      ? 
_pdbx_initial_refinement_model.details          'inhouse model' 
# 
_atom_sites.entry_id                    7G0T 
_atom_sites.fract_transf_matrix[1][1]   -0.02280803 
_atom_sites.fract_transf_matrix[1][2]   0.00137917 
_atom_sites.fract_transf_matrix[1][3]   0.01634001 
_atom_sites.fract_transf_matrix[2][1]   -0.01026219 
_atom_sites.fract_transf_matrix[2][2]   -0.00621184 
_atom_sites.fract_transf_matrix[2][3]   -0.01380006 
_atom_sites.fract_transf_matrix[3][1]   0.00218036 
_atom_sites.fract_transf_matrix[3][2]   -0.01275492 
_atom_sites.fract_transf_matrix[3][3]   0.00412000 
_atom_sites.fract_transf_vector[1]      -0.223214 
_atom_sites.fract_transf_vector[2]      0.184795 
_atom_sites.fract_transf_vector[3]      -0.198124 
# 
loop_
_atom_type.symbol 
C  
CL 
F  
N  
O  
S  
# 
loop_
_atom_site.group_PDB 
_atom_site.id 
_atom_site.type_symbol 
_atom_site.label_atom_id 
_atom_site.label_alt_id 
_atom_site.label_comp_id 
_atom_site.label_asym_id 
_atom_site.label_entity_id 
_atom_site.label_seq_id 
_atom_site.pdbx_PDB_ins_code 
_atom_site.Cartn_x 
_atom_site.Cartn_y 
_atom_site.Cartn_z 
_atom_site.occupancy 
_atom_site.B_iso_or_equiv 
_atom_site.pdbx_formal_charge 
_atom_site.auth_seq_id 
_atom_site.auth_comp_id 
_atom_site.auth_asym_id 
_atom_site.auth_atom_id 
_atom_site.pdbx_PDB_model_num 
ATOM   1    N  N    . GLY A 1 1   ? -2.287  -26.389 -1.756  1.00 50.07 ? -3  GLY A N    1 
ATOM   2    C  CA   . GLY A 1 1   ? -1.015  -26.223 -0.997  1.00 43.51 ? -3  GLY A CA   1 
ATOM   3    C  C    . GLY A 1 1   ? -0.532  -24.780 -1.049  1.00 44.45 ? -3  GLY A C    1 
ATOM   4    O  O    . GLY A 1 1   ? -1.333  -23.854 -1.109  1.00 39.48 ? -3  GLY A O    1 
ATOM   5    N  N    . SER A 1 2   ? 0.786   -24.589 -1.039  1.00 39.40 ? -2  SER A N    1 
ATOM   6    C  CA   . SER A 1 2   ? 1.388   -23.248 -0.957  1.00 34.72 ? -2  SER A CA   1 
ATOM   7    C  C    . SER A 1 2   ? 1.237   -22.406 -2.197  1.00 31.82 ? -2  SER A C    1 
ATOM   8    O  O    . SER A 1 2   ? 1.066   -22.939 -3.296  1.00 33.88 ? -2  SER A O    1 
ATOM   9    C  CB   . SER A 1 2   ? 2.870   -23.347 -0.618  1.00 31.28 ? -2  SER A CB   1 
ATOM   10   O  OG   . SER A 1 2   ? 3.080   -24.157 0.523   1.00 36.19 ? -2  SER A OG   1 
ATOM   11   N  N    . HIS A 1 3   ? 1.329   -21.080 -2.008  1.00 28.51 ? -1  HIS A N    1 
ATOM   12   C  CA   . HIS A 1 3   ? 1.299   -20.080 -3.082  1.00 28.93 ? -1  HIS A CA   1 
ATOM   13   C  C    . HIS A 1 3   ? 2.303   -19.021 -2.737  1.00 26.55 ? -1  HIS A C    1 
ATOM   14   O  O    . HIS A 1 3   ? 2.601   -18.824 -1.551  1.00 25.24 ? -1  HIS A O    1 
ATOM   15   C  CB   . HIS A 1 3   ? -0.079  -19.422 -3.184  1.00 32.09 ? -1  HIS A CB   1 
ATOM   16   C  CG   . HIS A 1 3   ? -1.134  -20.368 -3.640  1.00 34.08 ? -1  HIS A CG   1 
ATOM   17   N  ND1  . HIS A 1 3   ? -1.979  -21.019 -2.769  1.00 37.08 ? -1  HIS A ND1  1 
ATOM   18   C  CD2  . HIS A 1 3   ? -1.431  -20.835 -4.878  1.00 37.93 ? -1  HIS A CD2  1 
ATOM   19   C  CE1  . HIS A 1 3   ? -2.777  -21.823 -3.454  1.00 39.15 ? -1  HIS A CE1  1 
ATOM   20   N  NE2  . HIS A 1 3   ? -2.461  -21.733 -4.734  1.00 37.31 ? -1  HIS A NE2  1 
ATOM   21   N  N    . MET A 1 4   ? 2.803   -18.331 -3.750  1.00 25.97 ? 0   MET A N    1 
ATOM   22   C  CA   . MET A 1 4   ? 3.763   -17.238 -3.552  1.00 26.76 ? 0   MET A CA   1 
ATOM   23   C  C    . MET A 1 4   ? 3.298   -16.127 -2.595  1.00 27.53 ? 0   MET A C    1 
ATOM   24   O  O    . MET A 1 4   ? 4.101   -15.619 -1.810  1.00 29.83 ? 0   MET A O    1 
ATOM   25   C  CB   . MET A 1 4   ? 4.140   -16.603 -4.895  1.00 30.52 ? 0   MET A CB   1 
ATOM   26   C  CG   . MET A 1 4   ? 5.343   -15.696 -4.818  1.00 29.80 ? 0   MET A CG   1 
ATOM   27   S  SD   . MET A 1 4   ? 6.868   -16.625 -4.378  1.00 31.68 ? 0   MET A SD   1 
ATOM   28   C  CE   . MET A 1 4   ? 6.873   -17.814 -5.626  1.00 20.35 ? 0   MET A CE   1 
ATOM   29   N  N    . CYS A 1 5   ? 2.024   -15.748 -2.640  1.00 24.51 ? 1   CYS A N    1 
ATOM   30   C  CA   . CYS A 1 5   ? 1.491   -14.753 -1.698  1.00 25.35 ? 1   CYS A CA   1 
ATOM   31   C  C    . CYS A 1 5   ? 1.342   -15.167 -0.227  1.00 21.55 ? 1   CYS A C    1 
ATOM   32   O  O    . CYS A 1 5   ? 1.024   -14.297 0.626   1.00 21.60 ? 1   CYS A O    1 
ATOM   33   C  CB   . CYS A 1 5   ? 0.171   -14.218 -2.205  1.00 27.83 ? 1   CYS A CB   1 
ATOM   34   S  SG   . CYS A 1 5   ? 0.403   -13.251 -3.701  1.00 36.25 ? 1   CYS A SG   1 
ATOM   35   N  N    . ASP A 1 6   ? 1.564   -16.453 0.097   1.00 21.39 ? 2   ASP A N    1 
ATOM   36   C  CA   . ASP A 1 6   ? 1.448   -16.914 1.458   1.00 21.18 ? 2   ASP A CA   1 
ATOM   37   C  C    . ASP A 1 6   ? 2.309   -16.058 2.381   1.00 20.60 ? 2   ASP A C    1 
ATOM   38   O  O    . ASP A 1 6   ? 1.884   -15.799 3.458   1.00 19.51 ? 2   ASP A O    1 
ATOM   39   C  CB   . ASP A 1 6   ? 1.910   -18.378 1.623   1.00 23.57 ? 2   ASP A CB   1 
ATOM   40   C  CG   . ASP A 1 6   ? 1.066   -19.381 0.817   1.00 30.53 ? 2   ASP A CG   1 
ATOM   41   O  OD1  . ASP A 1 6   ? -0.031  -19.044 0.349   1.00 31.29 ? 2   ASP A OD1  1 
ATOM   42   O  OD2  . ASP A 1 6   ? 1.520   -20.544 0.701   1.00 35.71 ? 2   ASP A OD2  1 
ATOM   43   N  N    . ALA A 1 7   ? 3.484   -15.607 1.949   1.00 22.07 ? 3   ALA A N    1 
ATOM   44   C  CA   . ALA A 1 7   ? 4.408   -14.869 2.831   1.00 22.70 ? 3   ALA A CA   1 
ATOM   45   C  C    . ALA A 1 7   ? 3.852   -13.501 3.277   1.00 20.24 ? 3   ALA A C    1 
ATOM   46   O  O    . ALA A 1 7   ? 4.307   -12.941 4.303   1.00 19.46 ? 3   ALA A O    1 
ATOM   47   C  CB   . ALA A 1 7   ? 5.767   -14.700 2.149   1.00 24.34 ? 3   ALA A CB   1 
ATOM   48   N  N    . PHE A 1 8   ? 2.872   -12.952 2.526   1.00 19.02 ? 4   PHE A N    1 
ATOM   49   C  CA   . PHE A 1 8   ? 2.262   -11.633 2.875   1.00 17.40 ? 4   PHE A CA   1 
ATOM   50   C  C    . PHE A 1 8   ? 1.045   -11.772 3.776   1.00 16.33 ? 4   PHE A C    1 
ATOM   51   O  O    . PHE A 1 8   ? 0.624   -10.820 4.425   1.00 15.90 ? 4   PHE A O    1 
ATOM   52   C  CB   . PHE A 1 8   ? 1.820   -10.926 1.559   1.00 17.91 ? 4   PHE A CB   1 
ATOM   53   C  CG   . PHE A 1 8   ? 2.968   -10.583 0.644   1.00 19.38 ? 4   PHE A CG   1 
ATOM   54   C  CD1  . PHE A 1 8   ? 3.835   -9.538  0.993   1.00 21.50 ? 4   PHE A CD1  1 
ATOM   55   C  CD2  . PHE A 1 8   ? 3.165   -11.245 -0.559  1.00 21.17 ? 4   PHE A CD2  1 
ATOM   56   C  CE1  . PHE A 1 8   ? 4.932   -9.173  0.194   1.00 19.63 ? 4   PHE A CE1  1 
ATOM   57   C  CE2  . PHE A 1 8   ? 4.235   -10.885 -1.377  1.00 20.41 ? 4   PHE A CE2  1 
ATOM   58   C  CZ   . PHE A 1 8   ? 5.115   -9.834  -1.020  1.00 18.97 ? 4   PHE A CZ   1 
ATOM   59   N  N    . VAL A 1 9   ? 0.477   -12.966 3.865   1.00 16.88 ? 5   VAL A N    1 
ATOM   60   C  CA   . VAL A 1 9   ? -0.815  -13.115 4.552   1.00 15.97 ? 5   VAL A CA   1 
ATOM   61   C  C    . VAL A 1 9   ? -0.568  -12.898 6.033   1.00 19.13 ? 5   VAL A C    1 
ATOM   62   O  O    . VAL A 1 9   ? 0.434   -13.382 6.592   1.00 20.29 ? 5   VAL A O    1 
ATOM   63   C  CB   . VAL A 1 9   ? -1.401  -14.499 4.271   1.00 15.74 ? 5   VAL A CB   1 
ATOM   64   C  CG1  . VAL A 1 9   ? -2.619  -14.788 5.152   1.00 19.13 ? 5   VAL A CG1  1 
ATOM   65   C  CG2  . VAL A 1 9   ? -1.728  -14.607 2.741   1.00 16.62 ? 5   VAL A CG2  1 
ATOM   66   N  N    . GLY A 1 10  ? -1.509  -12.232 6.684   1.00 18.48 ? 6   GLY A N    1 
ATOM   67   C  CA   . GLY A 1 10  ? -1.326  -11.896 8.077   1.00 19.74 ? 6   GLY A CA   1 
ATOM   68   C  C    . GLY A 1 10  ? -1.787  -10.483 8.412   1.00 19.32 ? 6   GLY A C    1 
ATOM   69   O  O    . GLY A 1 10  ? -2.297  -9.718  7.586   1.00 16.68 ? 6   GLY A O    1 
ATOM   70   N  N    . THR A 1 11  ? -1.706  -10.209 9.708   1.00 19.79 ? 7   THR A N    1 
ATOM   71   C  CA   . THR A 1 11  ? -1.873  -8.862  10.248  1.00 19.69 ? 7   THR A CA   1 
ATOM   72   C  C    . THR A 1 11  ? -0.529  -8.226  10.565  1.00 18.19 ? 7   THR A C    1 
ATOM   73   O  O    . THR A 1 11  ? 0.326   -8.788  11.266  1.00 21.17 ? 7   THR A O    1 
ATOM   74   C  CB   . THR A 1 11  ? -2.749  -8.925  11.499  1.00 19.92 ? 7   THR A CB   1 
ATOM   75   O  OG1  . THR A 1 11  ? -3.960  -9.581  11.127  1.00 25.47 ? 7   THR A OG1  1 
ATOM   76   C  CG2  . THR A 1 11  ? -3.075  -7.553  12.038  1.00 22.23 ? 7   THR A CG2  1 
ATOM   77   N  N    . TRP A 1 12  ? -0.377  -7.000  10.049  1.00 17.05 ? 8   TRP A N    1 
ATOM   78   C  CA   . TRP A 1 12  ? 0.910   -6.280  10.053  1.00 16.43 ? 8   TRP A CA   1 
ATOM   79   C  C    . TRP A 1 12  ? 0.618   -4.917  10.680  1.00 17.32 ? 8   TRP A C    1 
ATOM   80   O  O    . TRP A 1 12  ? -0.473  -4.384  10.527  1.00 17.61 ? 8   TRP A O    1 
ATOM   81   C  CB   . TRP A 1 12  ? 1.481   -6.128  8.628   1.00 16.34 ? 8   TRP A CB   1 
ATOM   82   C  CG   . TRP A 1 12  ? 1.694   -7.407  7.881   1.00 18.09 ? 8   TRP A CG   1 
ATOM   83   C  CD1  . TRP A 1 12  ? 0.792   -8.066  7.071   1.00 20.51 ? 8   TRP A CD1  1 
ATOM   84   C  CD2  . TRP A 1 12  ? 2.895   -8.157  7.857   1.00 18.43 ? 8   TRP A CD2  1 
ATOM   85   N  NE1  . TRP A 1 12  ? 1.385   -9.240  6.572   1.00 18.77 ? 8   TRP A NE1  1 
ATOM   86   C  CE2  . TRP A 1 12  ? 2.671   -9.315  7.049   1.00 18.58 ? 8   TRP A CE2  1 
ATOM   87   C  CE3  . TRP A 1 12  ? 4.153   -7.997  8.479   1.00 19.24 ? 8   TRP A CE3  1 
ATOM   88   C  CZ2  . TRP A 1 12  ? 3.668   -10.272 6.829   1.00 19.04 ? 8   TRP A CZ2  1 
ATOM   89   C  CZ3  . TRP A 1 12  ? 5.139   -8.917  8.236   1.00 19.32 ? 8   TRP A CZ3  1 
ATOM   90   C  CH2  . TRP A 1 12  ? 4.889   -10.068 7.435   1.00 18.68 ? 8   TRP A CH2  1 
ATOM   91   N  N    . LYS A 1 13  ? 1.574   -4.423  11.472  1.00 19.02 ? 9   LYS A N    1 
ATOM   92   C  CA   . LYS A 1 13  ? 1.503   -3.081  12.058  1.00 20.24 ? 9   LYS A CA   1 
ATOM   93   C  C    . LYS A 1 13  ? 2.720   -2.223  11.643  1.00 19.75 ? 9   LYS A C    1 
ATOM   94   O  O    . LYS A 1 13  ? 3.842   -2.703  11.576  1.00 19.48 ? 9   LYS A O    1 
ATOM   95   C  CB   . LYS A 1 13  ? 1.413   -3.192  13.598  1.00 24.10 ? 9   LYS A CB   1 
ATOM   96   C  CG   . LYS A 1 13  ? 2.642   -3.769  14.285  1.00 29.52 ? 9   LYS A CG   1 
ATOM   97   C  CD   . LYS A 1 13  ? 2.333   -4.007  15.769  1.00 38.01 ? 9   LYS A CD   1 
ATOM   98   C  CE   . LYS A 1 13  ? 3.586   -4.262  16.598  1.00 42.80 ? 9   LYS A CE   1 
ATOM   99   N  NZ   . LYS A 1 13  ? 4.072   -5.657  16.449  1.00 51.46 ? 9   LYS A NZ   1 
ATOM   100  N  N    . LEU A 1 14  ? 2.458   -0.942  11.369  1.00 16.86 ? 10  LEU A N    1 
ATOM   101  C  CA   . LEU A 1 14  ? 3.502   0.001   10.955  1.00 17.61 ? 10  LEU A CA   1 
ATOM   102  C  C    . LEU A 1 14  ? 4.523   0.174   12.062  1.00 18.64 ? 10  LEU A C    1 
ATOM   103  O  O    . LEU A 1 14  ? 4.170   0.375   13.185  1.00 20.55 ? 10  LEU A O    1 
ATOM   104  C  CB   . LEU A 1 14  ? 2.894   1.343   10.607  1.00 18.30 ? 10  LEU A CB   1 
ATOM   105  C  CG   . LEU A 1 14  ? 3.922   2.301   9.984   1.00 18.10 ? 10  LEU A CG   1 
ATOM   106  C  CD1  . LEU A 1 14  ? 4.373   1.886   8.603   1.00 18.66 ? 10  LEU A CD1  1 
ATOM   107  C  CD2  . LEU A 1 14  ? 3.357   3.718   9.979   1.00 19.12 ? 10  LEU A CD2  1 
ATOM   108  N  N    . VAL A 1 15  ? 5.793   0.030   11.763  1.00 19.01 ? 11  VAL A N    1 
ATOM   109  C  CA   . VAL A 1 15  ? 6.769   0.325   12.819  1.00 22.24 ? 11  VAL A CA   1 
ATOM   110  C  C    . VAL A 1 15  ? 7.805   1.377   12.424  1.00 23.17 ? 11  VAL A C    1 
ATOM   111  O  O    . VAL A 1 15  ? 8.532   1.893   13.294  1.00 26.41 ? 11  VAL A O    1 
ATOM   112  C  CB   . VAL A 1 15  ? 7.529   -0.895  13.327  1.00 21.89 ? 11  VAL A CB   1 
ATOM   113  C  CG1  . VAL A 1 15  ? 6.556   -1.939  13.869  1.00 23.21 ? 11  VAL A CG1  1 
ATOM   114  C  CG2  . VAL A 1 15  ? 8.405   -1.457  12.223  1.00 20.49 ? 11  VAL A CG2  1 
ATOM   115  N  N    . SER A 1 16  ? 7.926   1.671   11.151  1.00 21.36 ? 12  SER A N    1 
ATOM   116  C  CA   . SER A 1 16  ? 8.683   2.868   10.793  1.00 20.96 ? 12  SER A CA   1 
ATOM   117  C  C    . SER A 1 16  ? 8.264   3.450   9.456   1.00 18.58 ? 12  SER A C    1 
ATOM   118  O  O    . SER A 1 16  ? 7.595   2.785   8.653   1.00 17.77 ? 12  SER A O    1 
ATOM   119  C  CB   . SER A 1 16  ? 10.180  2.626   10.861  1.00 20.96 ? 12  SER A CB   1 
ATOM   120  O  OG   . SER A 1 16  ? 10.577  1.837   9.766   1.00 25.12 ? 12  SER A OG   1 
ATOM   121  N  N    . SER A 1 17  ? 8.608   4.724   9.279   1.00 18.71 ? 13  SER A N    1 
ATOM   122  C  CA   . SER A 1 17  ? 8.211   5.498   8.090   1.00 21.14 ? 13  SER A CA   1 
ATOM   123  C  C    . SER A 1 17  ? 9.378   6.435   7.721   1.00 21.84 ? 13  SER A C    1 
ATOM   124  O  O    . SER A 1 17  ? 10.046  7.009   8.605   1.00 21.89 ? 13  SER A O    1 
ATOM   125  C  CB   . SER A 1 17  ? 6.936   6.302   8.394   1.00 20.29 ? 13  SER A CB   1 
ATOM   126  O  OG   . SER A 1 17  ? 6.472   6.972   7.243   1.00 21.56 ? 13  SER A OG   1 
ATOM   127  N  N    . GLU A 1 18  ? 9.688   6.485   6.447   1.00 20.12 ? 14  GLU A N    1 
ATOM   128  C  CA   . GLU A 1 18  ? 10.690  7.411   5.944   1.00 22.97 ? 14  GLU A CA   1 
ATOM   129  C  C    . GLU A 1 18  ? 10.172  8.158   4.729   1.00 21.70 ? 14  GLU A C    1 
ATOM   130  O  O    . GLU A 1 18  ? 9.645   7.551   3.808   1.00 21.26 ? 14  GLU A O    1 
ATOM   131  C  CB   . GLU A 1 18  ? 11.883  6.574   5.606   1.00 26.00 ? 14  GLU A CB   1 
ATOM   132  C  CG   . GLU A 1 18  ? 13.099  7.270   5.081   1.00 33.64 ? 14  GLU A CG   1 
ATOM   133  C  CD   . GLU A 1 18  ? 14.130  6.202   4.759   1.00 41.68 ? 14  GLU A CD   1 
ATOM   134  O  OE1  . GLU A 1 18  ? 14.838  5.719   5.672   1.00 48.19 ? 14  GLU A OE1  1 
ATOM   135  O  OE2  . GLU A 1 18  ? 14.194  5.792   3.593   1.00 44.96 ? 14  GLU A OE2  1 
ATOM   136  N  N    . ASN A 1 19  ? 10.305  9.480   4.740   1.00 21.60 ? 15  ASN A N    1 
ATOM   137  C  CA   A ASN A 1 19  ? 9.975   10.322  3.582   0.50 22.17 ? 15  ASN A CA   1 
ATOM   138  C  CA   B ASN A 1 19  ? 9.972   10.358  3.596   0.50 20.01 ? 15  ASN A CA   1 
ATOM   139  C  C    . ASN A 1 19  ? 8.502   10.267  3.162   1.00 21.16 ? 15  ASN A C    1 
ATOM   140  O  O    . ASN A 1 19  ? 8.181   10.560  2.000   1.00 22.33 ? 15  ASN A O    1 
ATOM   141  C  CB   A ASN A 1 19  ? 10.876  9.981   2.384   0.50 25.49 ? 15  ASN A CB   1 
ATOM   142  C  CB   B ASN A 1 19  ? 10.926  10.139  2.394   0.50 19.30 ? 15  ASN A CB   1 
ATOM   143  C  CG   A ASN A 1 19  ? 12.346  10.154  2.696   0.50 29.46 ? 15  ASN A CG   1 
ATOM   144  C  CG   B ASN A 1 19  ? 11.047  11.372  1.487   0.50 19.00 ? 15  ASN A CG   1 
ATOM   145  O  OD1  A ASN A 1 19  ? 12.742  11.143  3.308   0.50 32.80 ? 15  ASN A OD1  1 
ATOM   146  O  OD1  B ASN A 1 19  ? 10.981  11.274  0.257   0.50 16.52 ? 15  ASN A OD1  1 
ATOM   147  N  ND2  A ASN A 1 19  ? 13.159  9.191   2.296   0.50 29.93 ? 15  ASN A ND2  1 
ATOM   148  N  ND2  B ASN A 1 19  ? 11.235  12.532  2.094   0.50 18.65 ? 15  ASN A ND2  1 
ATOM   149  N  N    . PHE A 1 20  ? 7.605   9.878   4.096   1.00 20.18 ? 16  PHE A N    1 
ATOM   150  C  CA   . PHE A 1 20  ? 6.166   9.718   3.717   1.00 19.47 ? 16  PHE A CA   1 
ATOM   151  C  C    . PHE A 1 20  ? 5.499   11.083  3.446   1.00 19.62 ? 16  PHE A C    1 
ATOM   152  O  O    . PHE A 1 20  ? 4.620   11.214  2.557   1.00 17.32 ? 16  PHE A O    1 
ATOM   153  C  CB   . PHE A 1 20  ? 5.370   8.885   4.765   1.00 19.10 ? 16  PHE A CB   1 
ATOM   154  C  CG   . PHE A 1 20  ? 3.978   8.463   4.320   1.00 19.52 ? 16  PHE A CG   1 
ATOM   155  C  CD1  . PHE A 1 20  ? 3.790   7.766   3.141   1.00 21.27 ? 16  PHE A CD1  1 
ATOM   156  C  CD2  . PHE A 1 20  ? 2.855   8.763   5.108   1.00 22.72 ? 16  PHE A CD2  1 
ATOM   157  C  CE1  . PHE A 1 20  ? 2.522   7.387   2.708   1.00 21.55 ? 16  PHE A CE1  1 
ATOM   158  C  CE2  . PHE A 1 20  ? 1.582   8.394   4.673   1.00 23.70 ? 16  PHE A CE2  1 
ATOM   159  C  CZ   . PHE A 1 20  ? 1.424   7.716   3.474   1.00 24.36 ? 16  PHE A CZ   1 
ATOM   160  N  N    . ASP A 1 21  ? 5.911   12.099  4.210   1.00 18.26 ? 17  ASP A N    1 
ATOM   161  C  CA   . ASP A 1 21  ? 5.324   13.424  3.995   1.00 19.91 ? 17  ASP A CA   1 
ATOM   162  C  C    . ASP A 1 21  ? 5.622   13.924  2.587   1.00 19.90 ? 17  ASP A C    1 
ATOM   163  O  O    . ASP A 1 21  ? 4.710   14.410  1.887   1.00 19.29 ? 17  ASP A O    1 
ATOM   164  C  CB   . ASP A 1 21  ? 5.845   14.428  5.043   1.00 22.25 ? 17  ASP A CB   1 
ATOM   165  C  CG   . ASP A 1 21  ? 5.086   15.753  4.994   1.00 26.48 ? 17  ASP A CG   1 
ATOM   166  O  OD1  . ASP A 1 21  ? 3.875   15.760  5.269   1.00 20.93 ? 17  ASP A OD1  1 
ATOM   167  O  OD2  . ASP A 1 21  ? 5.737   16.788  4.657   1.00 27.93 ? 17  ASP A OD2  1 
ATOM   168  N  N    . ASP A 1 22  ? 6.865   13.743  2.171   1.00 22.45 ? 18  ASP A N    1 
ATOM   169  C  CA   . ASP A 1 22  ? 7.326   14.217  0.864   1.00 23.26 ? 18  ASP A CA   1 
ATOM   170  C  C    . ASP A 1 22  ? 6.629   13.407  -0.247  1.00 22.88 ? 18  ASP A C    1 
ATOM   171  O  O    . ASP A 1 22  ? 6.221   13.978  -1.257  1.00 20.47 ? 18  ASP A O    1 
ATOM   172  C  CB   . ASP A 1 22  ? 8.855   14.146  0.734   1.00 27.10 ? 18  ASP A CB   1 
ATOM   173  C  CG   . ASP A 1 22  ? 9.567   15.380  1.311   1.00 31.85 ? 18  ASP A CG   1 
ATOM   174  O  OD1  . ASP A 1 22  ? 8.878   16.391  1.661   1.00 33.80 ? 18  ASP A OD1  1 
ATOM   175  O  OD2  . ASP A 1 22  ? 10.811  15.315  1.420   1.00 39.05 ? 18  ASP A OD2  1 
ATOM   176  N  N    . TYR A 1 23  ? 6.432   12.101  -0.030  1.00 19.59 ? 19  TYR A N    1 
ATOM   177  C  CA   . TYR A 1 23  ? 5.669   11.274  -0.988  1.00 18.83 ? 19  TYR A CA   1 
ATOM   178  C  C    . TYR A 1 23  ? 4.177   11.768  -1.071  1.00 18.11 ? 19  TYR A C    1 
ATOM   179  O  O    . TYR A 1 23  ? 3.587   11.908  -2.158  1.00 17.74 ? 19  TYR A O    1 
ATOM   180  C  CB   . TYR A 1 23  ? 5.780   9.747   -0.642  1.00 17.60 ? 19  TYR A CB   1 
ATOM   181  C  CG   . TYR A 1 23  ? 4.857   8.911   -1.447  1.00 18.08 ? 19  TYR A CG   1 
ATOM   182  C  CD1  . TYR A 1 23  ? 5.194   8.521   -2.717  1.00 17.75 ? 19  TYR A CD1  1 
ATOM   183  C  CD2  . TYR A 1 23  ? 3.580   8.515   -0.929  1.00 18.00 ? 19  TYR A CD2  1 
ATOM   184  C  CE1  . TYR A 1 23  ? 4.287   7.761   -3.478  1.00 18.08 ? 19  TYR A CE1  1 
ATOM   185  C  CE2  . TYR A 1 23  ? 2.669   7.768   -1.682  1.00 17.14 ? 19  TYR A CE2  1 
ATOM   186  C  CZ   . TYR A 1 23  ? 3.037   7.409   -2.964  1.00 17.22 ? 19  TYR A CZ   1 
ATOM   187  O  OH   . TYR A 1 23  ? 2.218   6.634   -3.759  1.00 18.02 ? 19  TYR A OH   1 
ATOM   188  N  N    . MET A 1 24  ? 3.547   12.021  0.078   1.00 17.23 ? 20  MET A N    1 
ATOM   189  C  CA   . MET A 1 24  ? 2.152   12.434  0.031   1.00 18.68 ? 20  MET A CA   1 
ATOM   190  C  C    . MET A 1 24  ? 2.112   13.799  -0.690  1.00 20.55 ? 20  MET A C    1 
ATOM   191  O  O    . MET A 1 24  ? 1.198   14.032  -1.479  1.00 21.95 ? 20  MET A O    1 
ATOM   192  C  CB   . MET A 1 24  ? 1.527   12.544  1.419   1.00 17.03 ? 20  MET A CB   1 
ATOM   193  C  CG   . MET A 1 24  ? 1.188   11.202  2.095   1.00 17.26 ? 20  MET A CG   1 
ATOM   194  S  SD   . MET A 1 24  ? 0.234   11.477  3.596   1.00 19.08 ? 20  MET A SD   1 
ATOM   195  C  CE   . MET A 1 24  ? 1.527   12.025  4.671   1.00 19.74 ? 20  MET A CE   1 
ATOM   196  N  N    . LYS A 1 25  ? 3.101   14.681  -0.443  1.00 20.63 ? 21  LYS A N    1 
ATOM   197  C  CA   . LYS A 1 25  ? 3.135   15.981  -1.159  1.00 22.33 ? 21  LYS A CA   1 
ATOM   198  C  C    . LYS A 1 25  ? 3.076   15.754  -2.661  1.00 23.95 ? 21  LYS A C    1 
ATOM   199  O  O    . LYS A 1 25  ? 2.312   16.406  -3.365  1.00 23.31 ? 21  LYS A O    1 
ATOM   200  C  CB   . LYS A 1 25  ? 4.428   16.739  -0.854  1.00 22.97 ? 21  LYS A CB   1 
ATOM   201  C  CG   . LYS A 1 25  ? 4.345   17.525  0.420   1.00 27.80 ? 21  LYS A CG   1 
ATOM   202  C  CD   . LYS A 1 25  ? 5.587   18.383  0.620   1.00 31.07 ? 21  LYS A CD   1 
ATOM   203  C  CE   . LYS A 1 25  ? 5.648   18.886  2.060   1.00 32.25 ? 21  LYS A CE   1 
ATOM   204  N  NZ   . LYS A 1 25  ? 6.804   19.794  2.377   1.00 35.94 ? 21  LYS A NZ   1 
ATOM   205  N  N    . GLU A 1 26  ? 3.910   14.825  -3.142  1.00 23.65 ? 22  GLU A N    1 
ATOM   206  C  CA   . GLU A 1 26  ? 4.105   14.567  -4.557  1.00 25.09 ? 22  GLU A CA   1 
ATOM   207  C  C    . GLU A 1 26  ? 2.831   14.045  -5.207  1.00 25.70 ? 22  GLU A C    1 
ATOM   208  O  O    . GLU A 1 26  ? 2.491   14.402  -6.314  1.00 25.99 ? 22  GLU A O    1 
ATOM   209  C  CB   . GLU A 1 26  ? 5.227   13.552  -4.753  1.00 26.51 ? 22  GLU A CB   1 
ATOM   210  C  CG   . GLU A 1 26  ? 5.842   13.598  -6.134  1.00 32.01 ? 22  GLU A CG   1 
ATOM   211  C  CD   . GLU A 1 26  ? 6.542   14.912  -6.423  1.00 33.89 ? 22  GLU A CD   1 
ATOM   212  O  OE1  . GLU A 1 26  ? 7.041   15.594  -5.493  1.00 37.96 ? 22  GLU A OE1  1 
ATOM   213  O  OE2  . GLU A 1 26  ? 6.592   15.256  -7.604  1.00 38.60 ? 22  GLU A OE2  1 
ATOM   214  N  N    . VAL A 1 27  ? 2.109   13.226  -4.470  1.00 22.06 ? 23  VAL A N    1 
ATOM   215  C  CA   . VAL A 1 27  ? 0.874   12.662  -4.936  1.00 24.50 ? 23  VAL A CA   1 
ATOM   216  C  C    . VAL A 1 27  ? -0.262  13.707  -4.911  1.00 23.70 ? 23  VAL A C    1 
ATOM   217  O  O    . VAL A 1 27  ? -1.277  13.524  -5.583  1.00 25.54 ? 23  VAL A O    1 
ATOM   218  C  CB   . VAL A 1 27  ? 0.584   11.406  -4.084  1.00 25.81 ? 23  VAL A CB   1 
ATOM   219  C  CG1  . VAL A 1 27  ? -0.884  11.099  -3.996  1.00 28.45 ? 23  VAL A CG1  1 
ATOM   220  C  CG2  . VAL A 1 27  ? 1.411   10.245  -4.624  1.00 27.30 ? 23  VAL A CG2  1 
ATOM   221  N  N    . GLY A 1 28  ? -0.078  14.803  -4.169  1.00 22.45 ? 24  GLY A N    1 
ATOM   222  C  CA   . GLY A 1 28  ? -1.050  15.899  -4.192  1.00 23.44 ? 24  GLY A CA   1 
ATOM   223  C  C    . GLY A 1 28  ? -1.827  16.112  -2.906  1.00 21.79 ? 24  GLY A C    1 
ATOM   224  O  O    . GLY A 1 28  ? -2.760  16.887  -2.876  1.00 20.56 ? 24  GLY A O    1 
ATOM   225  N  N    . VAL A 1 29  ? -1.369  15.507  -1.805  1.00 19.17 ? 25  VAL A N    1 
ATOM   226  C  CA   . VAL A 1 29  ? -2.165  15.535  -0.594  1.00 18.58 ? 25  VAL A CA   1 
ATOM   227  C  C    . VAL A 1 29  ? -1.941  16.928  0.055   1.00 16.63 ? 25  VAL A C    1 
ATOM   228  O  O    . VAL A 1 29  ? -0.794  17.391  0.144   1.00 18.01 ? 25  VAL A O    1 
ATOM   229  C  CB   . VAL A 1 29  ? -1.697  14.443  0.411   1.00 19.61 ? 25  VAL A CB   1 
ATOM   230  C  CG1  . VAL A 1 29  ? -2.563  14.518  1.658   1.00 16.60 ? 25  VAL A CG1  1 
ATOM   231  C  CG2  . VAL A 1 29  ? -1.808  13.058  -0.233  1.00 18.73 ? 25  VAL A CG2  1 
ATOM   232  N  N    . GLY A 1 30  ? -3.036  17.531  0.515   1.00 19.35 ? 26  GLY A N    1 
ATOM   233  C  CA   . GLY A 1 30  ? -3.003  18.819  1.208   1.00 17.63 ? 26  GLY A CA   1 
ATOM   234  C  C    . GLY A 1 30  ? -2.306  18.813  2.560   1.00 18.45 ? 26  GLY A C    1 
ATOM   235  O  O    . GLY A 1 30  ? -2.157  17.776  3.194   1.00 18.09 ? 26  GLY A O    1 
ATOM   236  N  N    . PHE A 1 31  ? -1.952  19.992  3.066   1.00 15.78 ? 27  PHE A N    1 
ATOM   237  C  CA   . PHE A 1 31  ? -1.329  20.118  4.386   1.00 17.02 ? 27  PHE A CA   1 
ATOM   238  C  C    . PHE A 1 31  ? -2.070  19.411  5.525   1.00 16.45 ? 27  PHE A C    1 
ATOM   239  O  O    . PHE A 1 31  ? -1.414  18.676  6.311   1.00 17.35 ? 27  PHE A O    1 
ATOM   240  C  CB   . PHE A 1 31  ? -1.168  21.583  4.738   1.00 16.76 ? 27  PHE A CB   1 
ATOM   241  C  CG   . PHE A 1 31  ? -0.532  21.824  6.100   1.00 17.06 ? 27  PHE A CG   1 
ATOM   242  C  CD1  . PHE A 1 31  ? -1.377  21.942  7.219   1.00 17.75 ? 27  PHE A CD1  1 
ATOM   243  C  CD2  . PHE A 1 31  ? 0.837   21.969  6.267   1.00 15.21 ? 27  PHE A CD2  1 
ATOM   244  C  CE1  . PHE A 1 31  ? -0.873  22.173  8.501   1.00 17.71 ? 27  PHE A CE1  1 
ATOM   245  C  CE2  . PHE A 1 31  ? 1.361   22.215  7.539   1.00 16.93 ? 27  PHE A CE2  1 
ATOM   246  C  CZ   . PHE A 1 31  ? 0.514   22.310  8.665   1.00 16.58 ? 27  PHE A CZ   1 
ATOM   247  N  N    . ALA A 1 32  ? -3.362  19.677  5.693   1.00 16.29 ? 28  ALA A N    1 
ATOM   248  C  CA   . ALA A 1 32  ? -4.086  19.187  6.889   1.00 15.91 ? 28  ALA A CA   1 
ATOM   249  C  C    . ALA A 1 32  ? -4.168  17.652  6.865   1.00 17.95 ? 28  ALA A C    1 
ATOM   250  O  O    . ALA A 1 32  ? -3.945  16.999  7.890   1.00 19.13 ? 28  ALA A O    1 
ATOM   251  C  CB   . ALA A 1 32  ? -5.497  19.765  7.010   1.00 17.67 ? 28  ALA A CB   1 
ATOM   252  N  N    . THR A 1 33  ? -4.555  17.128  5.711   1.00 17.74 ? 29  THR A N    1 
ATOM   253  C  CA   . THR A 1 33  ? -4.554  15.664  5.472   1.00 18.03 ? 29  THR A CA   1 
ATOM   254  C  C    . THR A 1 33  ? -3.161  15.017  5.688   1.00 17.28 ? 29  THR A C    1 
ATOM   255  O  O    . THR A 1 33  ? -3.055  14.003  6.388   1.00 18.47 ? 29  THR A O    1 
ATOM   256  C  CB   . THR A 1 33  ? -5.151  15.356  4.102   1.00 16.37 ? 29  THR A CB   1 
ATOM   257  O  OG1  . THR A 1 33  ? -6.513  15.811  4.083   1.00 19.37 ? 29  THR A OG1  1 
ATOM   258  C  CG2  . THR A 1 33  ? -5.150  13.831  3.812   1.00 18.90 ? 29  THR A CG2  1 
ATOM   259  N  N    . ARG A 1 34  ? -2.075  15.641  5.215   1.00 16.62 ? 30  ARG A N    1 
ATOM   260  C  CA   . ARG A 1 34  ? -0.763  15.084  5.460   1.00 17.69 ? 30  ARG A CA   1 
ATOM   261  C  C    . ARG A 1 34  ? -0.426  15.081  6.955   1.00 18.22 ? 30  ARG A C    1 
ATOM   262  O  O    . ARG A 1 34  ? 0.181   14.143  7.440   1.00 16.96 ? 30  ARG A O    1 
ATOM   263  C  CB   . ARG A 1 34  ? 0.362   15.832  4.701   1.00 18.29 ? 30  ARG A CB   1 
ATOM   264  C  CG   . ARG A 1 34  ? 0.392   15.747  3.190   1.00 19.10 ? 30  ARG A CG   1 
ATOM   265  C  CD   . ARG A 1 34  ? 1.771   16.079  2.631   1.00 22.14 ? 30  ARG A CD   1 
ATOM   266  N  NE   . ARG A 1 34  ? 2.367   17.245  3.293   1.00 24.47 ? 30  ARG A NE   1 
ATOM   267  C  CZ   . ARG A 1 34  ? 2.023   18.495  2.989   1.00 24.29 ? 30  ARG A CZ   1 
ATOM   268  N  NH1  . ARG A 1 34  ? 1.100   18.690  2.048   1.00 23.42 ? 30  ARG A NH1  1 
ATOM   269  N  NH2  . ARG A 1 34  ? 2.587   19.541  3.616   1.00 25.54 ? 30  ARG A NH2  1 
ATOM   270  N  N    . LYS A 1 35  ? -0.744  16.164  7.660   1.00 17.96 ? 31  LYS A N    1 
ATOM   271  C  CA   . LYS A 1 35  ? -0.389  16.222  9.098   1.00 20.96 ? 31  LYS A CA   1 
ATOM   272  C  C    . LYS A 1 35  ? -1.122  15.122  9.831   1.00 20.10 ? 31  LYS A C    1 
ATOM   273  O  O    . LYS A 1 35  ? -0.508  14.384  10.639  1.00 21.54 ? 31  LYS A O    1 
ATOM   274  C  CB   . LYS A 1 35  ? -0.719  17.583  9.726   1.00 25.18 ? 31  LYS A CB   1 
ATOM   275  C  CG   . LYS A 1 35  ? 0.174   18.717  9.271   1.00 27.56 ? 31  LYS A CG   1 
ATOM   276  C  CD   . LYS A 1 35  ? 1.655   18.419  9.260   1.00 28.58 ? 31  LYS A CD   1 
ATOM   277  C  CE   . LYS A 1 35  ? 2.183   18.483  7.836   1.00 36.89 ? 31  LYS A CE   1 
ATOM   278  N  NZ   . LYS A 1 35  ? 3.677   18.554  7.786   1.00 42.93 ? 31  LYS A NZ   1 
ATOM   279  N  N    . VAL A 1 36  ? -2.424  14.998  9.569   1.00 22.82 ? 32  VAL A N    1 
ATOM   280  C  CA   . VAL A 1 36  ? -3.233  13.939  10.220  1.00 23.08 ? 32  VAL A CA   1 
ATOM   281  C  C    . VAL A 1 36  ? -2.846  12.504  9.818   1.00 23.67 ? 32  VAL A C    1 
ATOM   282  O  O    . VAL A 1 36  ? -2.692  11.623  10.671  1.00 21.74 ? 32  VAL A O    1 
ATOM   283  C  CB   . VAL A 1 36  ? -4.741  14.214  10.073  1.00 24.43 ? 32  VAL A CB   1 
ATOM   284  C  CG1  . VAL A 1 36  ? -5.559  12.965  10.411  1.00 29.80 ? 32  VAL A CG1  1 
ATOM   285  C  CG2  . VAL A 1 36  ? -5.117  15.413  10.949  1.00 24.94 ? 32  VAL A CG2  1 
ATOM   286  N  N    . ALA A 1 37  ? -2.625  12.276  8.534   1.00 21.43 ? 33  ALA A N    1 
ATOM   287  C  CA   . ALA A 1 37  ? -2.251  10.974  8.009   1.00 21.64 ? 33  ALA A CA   1 
ATOM   288  C  C    . ALA A 1 37  ? -0.887  10.564  8.500   1.00 22.41 ? 33  ALA A C    1 
ATOM   289  O  O    . ALA A 1 37  ? -0.665  9.384   8.739   1.00 21.87 ? 33  ALA A O    1 
ATOM   290  C  CB   . ALA A 1 37  ? -2.275  10.994  6.465   1.00 21.42 ? 33  ALA A CB   1 
ATOM   291  N  N    . GLY A 1 38  ? 0.024   11.540  8.669   1.00 20.43 ? 34  GLY A N    1 
ATOM   292  C  CA   . GLY A 1 38  ? 1.335   11.326  9.217   1.00 20.95 ? 34  GLY A CA   1 
ATOM   293  C  C    . GLY A 1 38  ? 1.367   10.824  10.639  1.00 20.62 ? 34  GLY A C    1 
ATOM   294  O  O    . GLY A 1 38  ? 2.335   10.148  11.003  1.00 21.81 ? 34  GLY A O    1 
ATOM   295  N  N    . MET A 1 39  ? 0.323   11.101  11.447  1.00 18.73 ? 35  MET A N    1 
ATOM   296  C  CA   . MET A 1 39  ? 0.258   10.572  12.810  1.00 17.55 ? 35  MET A CA   1 
ATOM   297  C  C    . MET A 1 39  ? -0.137  9.100   12.843  1.00 18.19 ? 35  MET A C    1 
ATOM   298  O  O    . MET A 1 39  ? 0.228   8.414   13.771  1.00 17.52 ? 35  MET A O    1 
ATOM   299  C  CB   . MET A 1 39  ? -0.718  11.343  13.688  1.00 18.68 ? 35  MET A CB   1 
ATOM   300  C  CG   . MET A 1 39  ? -0.279  12.818  13.845  1.00 17.74 ? 35  MET A CG   1 
ATOM   301  S  SD   . MET A 1 39  ? 1.200   12.928  14.864  1.00 20.94 ? 35  MET A SD   1 
ATOM   302  C  CE   . MET A 1 39  ? 0.613   12.300  16.377  1.00 18.12 ? 35  MET A CE   1 
ATOM   303  N  N    . ALA A 1 40  ? -0.839  8.637   11.793  1.00 16.50 ? 36  ALA A N    1 
ATOM   304  C  CA   . ALA A 1 40  ? -1.414  7.286   11.802  1.00 16.82 ? 36  ALA A CA   1 
ATOM   305  C  C    . ALA A 1 40  ? -0.399  6.126   11.936  1.00 18.09 ? 36  ALA A C    1 
ATOM   306  O  O    . ALA A 1 40  ? 0.733   6.151   11.399  1.00 17.73 ? 36  ALA A O    1 
ATOM   307  C  CB   . ALA A 1 40  ? -2.329  7.085   10.594  1.00 14.99 ? 36  ALA A CB   1 
ATOM   308  N  N    . LYS A 1 41  ? -0.802  5.099   12.686  1.00 19.30 ? 37  LYS A N    1 
ATOM   309  C  CA   . LYS A 1 41  ? 0.007   3.856   12.807  1.00 19.88 ? 37  LYS A CA   1 
ATOM   310  C  C    . LYS A 1 41  ? -0.921  2.738   12.319  1.00 19.37 ? 37  LYS A C    1 
ATOM   311  O  O    . LYS A 1 41  ? -1.516  2.027   13.120  1.00 20.87 ? 37  LYS A O    1 
ATOM   312  C  CB   . LYS A 1 41  ? 0.478   3.601   14.244  1.00 22.98 ? 37  LYS A CB   1 
ATOM   313  C  CG   . LYS A 1 41  ? 1.462   4.657   14.735  1.00 29.75 ? 37  LYS A CG   1 
ATOM   314  C  CD   . LYS A 1 41  ? 2.802   4.493   13.993  1.00 41.93 ? 37  LYS A CD   1 
ATOM   315  C  CE   . LYS A 1 41  ? 3.837   5.580   14.289  1.00 45.65 ? 37  LYS A CE   1 
ATOM   316  N  NZ   . LYS A 1 41  ? 4.958   5.462   13.304  1.00 49.64 ? 37  LYS A NZ   1 
ATOM   317  N  N    . PRO A 1 42  ? -1.051  2.618   10.991  1.00 18.76 ? 38  PRO A N    1 
ATOM   318  C  CA   . PRO A 1 42  ? -2.012  1.699   10.428  1.00 18.22 ? 38  PRO A CA   1 
ATOM   319  C  C    . PRO A 1 42  ? -1.625  0.251   10.663  1.00 18.37 ? 38  PRO A C    1 
ATOM   320  O  O    . PRO A 1 42  ? -0.444  -0.088  10.774  1.00 16.32 ? 38  PRO A O    1 
ATOM   321  C  CB   . PRO A 1 42  ? -1.957  1.980   8.928   1.00 19.48 ? 38  PRO A CB   1 
ATOM   322  C  CG   . PRO A 1 42  ? -0.764  2.849   8.655   1.00 20.35 ? 38  PRO A CG   1 
ATOM   323  C  CD   . PRO A 1 42  ? -0.166  3.256   9.986   1.00 18.32 ? 38  PRO A CD   1 
ATOM   324  N  N    . ASN A 1 43  ? -2.649  -0.571  10.707  1.00 17.82 ? 39  ASN A N    1 
ATOM   325  C  CA   . ASN A 1 43  ? -2.520  -2.018  10.532  1.00 22.48 ? 39  ASN A CA   1 
ATOM   326  C  C    . ASN A 1 43  ? -2.890  -2.366  9.091   1.00 22.48 ? 39  ASN A C    1 
ATOM   327  O  O    . ASN A 1 43  ? -3.685  -1.653  8.445   1.00 25.10 ? 39  ASN A O    1 
ATOM   328  C  CB   . ASN A 1 43  ? -3.514  -2.724  11.462  1.00 25.46 ? 39  ASN A CB   1 
ATOM   329  C  CG   . ASN A 1 43  ? -3.171  -2.536  12.935  1.00 32.47 ? 39  ASN A CG   1 
ATOM   330  O  OD1  . ASN A 1 43  ? -4.063  -2.267  13.745  1.00 42.47 ? 39  ASN A OD1  1 
ATOM   331  N  ND2  . ASN A 1 43  ? -1.878  -2.615  13.289  1.00 31.65 ? 39  ASN A ND2  1 
ATOM   332  N  N    . MET A 1 44  ? -2.353  -3.475  8.610   1.00 20.64 ? 40  MET A N    1 
ATOM   333  C  CA   . MET A 1 44  ? -2.548  -3.897  7.238   1.00 20.13 ? 40  MET A CA   1 
ATOM   334  C  C    . MET A 1 44  ? -2.823  -5.397  7.326   1.00 22.03 ? 40  MET A C    1 
ATOM   335  O  O    . MET A 1 44  ? -1.998  -6.145  7.885   1.00 19.89 ? 40  MET A O    1 
ATOM   336  C  CB   . MET A 1 44  ? -1.292  -3.667  6.428   1.00 19.20 ? 40  MET A CB   1 
ATOM   337  C  CG   . MET A 1 44  ? -1.534  -3.925  4.957   1.00 20.04 ? 40  MET A CG   1 
ATOM   338  S  SD   . MET A 1 44  ? -0.111  -3.915  3.925   1.00 29.13 ? 40  MET A SD   1 
ATOM   339  C  CE   . MET A 1 44  ? 0.912   -2.626  4.646   1.00 30.20 ? 40  MET A CE   1 
ATOM   340  N  N    . ILE A 1 45  ? -4.011  -5.812  6.878   1.00 20.58 ? 41  ILE A N    1 
ATOM   341  C  CA   . ILE A 1 45  ? -4.478  -7.200  7.048   1.00 19.53 ? 41  ILE A CA   1 
ATOM   342  C  C    . ILE A 1 45  ? -4.563  -7.790  5.666   1.00 18.20 ? 41  ILE A C    1 
ATOM   343  O  O    . ILE A 1 45  ? -5.334  -7.250  4.833   1.00 17.23 ? 41  ILE A O    1 
ATOM   344  C  CB   . ILE A 1 45  ? -5.884  -7.323  7.649   1.00 21.79 ? 41  ILE A CB   1 
ATOM   345  C  CG1  . ILE A 1 45  ? -5.898  -6.864  9.114   1.00 27.67 ? 41  ILE A CG1  1 
ATOM   346  C  CG2  . ILE A 1 45  ? -6.283  -8.777  7.729   1.00 23.64 ? 41  ILE A CG2  1 
ATOM   347  C  CD1  . ILE A 1 45  ? -6.307  -5.418  9.327   1.00 35.10 ? 41  ILE A CD1  1 
ATOM   348  N  N    . ILE A 1 46  ? -3.734  -8.799  5.398   1.00 16.49 ? 42  ILE A N    1 
ATOM   349  C  CA   . ILE A 1 46  ? -3.711  -9.351  4.037   1.00 14.93 ? 42  ILE A CA   1 
ATOM   350  C  C    . ILE A 1 46  ? -4.261  -10.749 4.095   1.00 15.56 ? 42  ILE A C    1 
ATOM   351  O  O    . ILE A 1 46  ? -3.812  -11.545 4.915   1.00 17.29 ? 42  ILE A O    1 
ATOM   352  C  CB   . ILE A 1 46  ? -2.293  -9.300  3.451   1.00 15.08 ? 42  ILE A CB   1 
ATOM   353  C  CG1  . ILE A 1 46  ? -1.838  -7.832  3.411   1.00 15.48 ? 42  ILE A CG1  1 
ATOM   354  C  CG2  . ILE A 1 46  ? -2.274  -9.981  2.072   1.00 16.10 ? 42  ILE A CG2  1 
ATOM   355  C  CD1  . ILE A 1 46  ? -0.361  -7.663  3.065   1.00 16.60 ? 42  ILE A CD1  1 
ATOM   356  N  N    . SER A 1 47  ? -5.209  -11.053 3.212   1.00 15.13 ? 43  SER A N    1 
ATOM   357  C  CA   . SER A 1 47  ? -5.788  -12.398 3.230   1.00 15.77 ? 43  SER A CA   1 
ATOM   358  C  C    . SER A 1 47  ? -6.067  -12.840 1.800   1.00 15.23 ? 43  SER A C    1 
ATOM   359  O  O    . SER A 1 47  ? -6.138  -11.992 0.909   1.00 16.64 ? 43  SER A O    1 
ATOM   360  C  CB   . SER A 1 47  ? -7.093  -12.423 4.053   1.00 16.46 ? 43  SER A CB   1 
ATOM   361  O  OG   . SER A 1 47  ? -8.119  -11.582 3.524   1.00 19.04 ? 43  SER A OG   1 
ATOM   362  N  N    . VAL A 1 48  ? -6.207  -14.163 1.600   1.00 17.57 ? 44  VAL A N    1 
ATOM   363  C  CA   . VAL A 1 48  ? -6.410  -14.702 0.266   1.00 17.79 ? 44  VAL A CA   1 
ATOM   364  C  C    . VAL A 1 48  ? -7.552  -15.702 0.309   1.00 18.91 ? 44  VAL A C    1 
ATOM   365  O  O    . VAL A 1 48  ? -7.639  -16.514 1.200   1.00 18.06 ? 44  VAL A O    1 
ATOM   366  C  CB   . VAL A 1 48  ? -5.128  -15.397 -0.281  1.00 19.12 ? 44  VAL A CB   1 
ATOM   367  C  CG1  . VAL A 1 48  ? -5.386  -16.033 -1.657  1.00 21.22 ? 44  VAL A CG1  1 
ATOM   368  C  CG2  . VAL A 1 48  ? -3.936  -14.434 -0.352  1.00 20.27 ? 44  VAL A CG2  1 
ATOM   369  N  N    . ASN A 1 49  ? -8.451  -15.629 -0.676  1.00 18.01 ? 45  ASN A N    1 
ATOM   370  C  CA   . ASN A 1 49  ? -9.514  -16.615 -0.814  1.00 18.50 ? 45  ASN A CA   1 
ATOM   371  C  C    . ASN A 1 49  ? -9.576  -16.972 -2.278  1.00 19.98 ? 45  ASN A C    1 
ATOM   372  O  O    . ASN A 1 49  ? -9.976  -16.142 -3.111  1.00 17.53 ? 45  ASN A O    1 
ATOM   373  C  CB   . ASN A 1 49  ? -10.831 -16.073 -0.266  1.00 17.16 ? 45  ASN A CB   1 
ATOM   374  C  CG   . ASN A 1 49  ? -11.976 -17.029 -0.467  1.00 15.97 ? 45  ASN A CG   1 
ATOM   375  O  OD1  . ASN A 1 49  ? -11.955 -17.837 -1.417  1.00 18.03 ? 45  ASN A OD1  1 
ATOM   376  N  ND2  . ASN A 1 49  ? -12.946 -16.995 0.416   1.00 14.23 ? 45  ASN A ND2  1 
ATOM   377  N  N    . GLY A 1 50  ? -9.072  -18.181 -2.602  1.00 19.44 ? 46  GLY A N    1 
ATOM   378  C  CA   . GLY A 1 50  ? -8.928  -18.566 -3.993  1.00 20.42 ? 46  GLY A CA   1 
ATOM   379  C  C    . GLY A 1 50  ? -7.962  -17.626 -4.689  1.00 20.91 ? 46  GLY A C    1 
ATOM   380  O  O    . GLY A 1 50  ? -6.812  -17.425 -4.201  1.00 22.48 ? 46  GLY A O    1 
ATOM   381  N  N    . ASP A 1 51  ? -8.396  -17.009 -5.802  1.00 19.87 ? 47  ASP A N    1 
ATOM   382  C  CA   . ASP A 1 51  ? -7.527  -16.057 -6.521  1.00 23.52 ? 47  ASP A CA   1 
ATOM   383  C  C    . ASP A 1 51  ? -7.665  -14.600 -6.036  1.00 20.86 ? 47  ASP A C    1 
ATOM   384  O  O    . ASP A 1 51  ? -6.939  -13.709 -6.493  1.00 25.03 ? 47  ASP A O    1 
ATOM   385  C  CB   . ASP A 1 51  ? -7.800  -16.100 -8.012  1.00 24.44 ? 47  ASP A CB   1 
ATOM   386  C  CG   . ASP A 1 51  ? -7.369  -17.460 -8.650  1.00 28.48 ? 47  ASP A CG   1 
ATOM   387  O  OD1  . ASP A 1 51  ? -6.430  -18.118 -8.151  1.00 33.37 ? 47  ASP A OD1  1 
ATOM   388  O  OD2  . ASP A 1 51  ? -7.997  -17.850 -9.654  1.00 33.15 ? 47  ASP A OD2  1 
ATOM   389  N  N    . VAL A 1 52  ? -8.596  -14.393 -5.117  1.00 19.56 ? 48  VAL A N    1 
ATOM   390  C  CA   . VAL A 1 52  ? -8.897  -13.006 -4.670  1.00 16.58 ? 48  VAL A CA   1 
ATOM   391  C  C    . VAL A 1 52  ? -7.982  -12.702 -3.467  1.00 16.29 ? 48  VAL A C    1 
ATOM   392  O  O    . VAL A 1 52  ? -8.037  -13.412 -2.416  1.00 17.22 ? 48  VAL A O    1 
ATOM   393  C  CB   . VAL A 1 52  ? -10.358 -12.819 -4.250  1.00 18.91 ? 48  VAL A CB   1 
ATOM   394  C  CG1  . VAL A 1 52  ? -10.608 -11.365 -3.861  1.00 17.71 ? 48  VAL A CG1  1 
ATOM   395  C  CG2  . VAL A 1 52  ? -11.309 -13.229 -5.381  1.00 18.15 ? 48  VAL A CG2  1 
ATOM   396  N  N    . ILE A 1 53  ? -7.142  -11.682 -3.638  1.00 14.88 ? 49  ILE A N    1 
ATOM   397  C  CA   . ILE A 1 53  ? -6.332  -11.123 -2.512  1.00 15.60 ? 49  ILE A CA   1 
ATOM   398  C  C    . ILE A 1 53  ? -7.101  -9.912  -1.946  1.00 16.13 ? 49  ILE A C    1 
ATOM   399  O  O    . ILE A 1 53  ? -7.604  -9.040  -2.728  1.00 15.10 ? 49  ILE A O    1 
ATOM   400  C  CB   . ILE A 1 53  ? -4.939  -10.729 -2.985  1.00 15.27 ? 49  ILE A CB   1 
ATOM   401  C  CG1  . ILE A 1 53  ? -4.227  -11.952 -3.544  1.00 17.21 ? 49  ILE A CG1  1 
ATOM   402  C  CG2  . ILE A 1 53  ? -4.085  -10.169 -1.842  1.00 13.94 ? 49  ILE A CG2  1 
ATOM   403  C  CD1  . ILE A 1 53  ? -2.975  -11.625 -4.355  1.00 18.23 ? 49  ILE A CD1  1 
ATOM   404  N  N    . THR A 1 54  ? -7.262  -9.886  -0.603  1.00 16.28 ? 50  THR A N    1 
ATOM   405  C  CA   . THR A 1 54  ? -7.860  -8.720  0.093   1.00 15.96 ? 50  THR A CA   1 
ATOM   406  C  C    . THR A 1 54  ? -6.810  -8.058  0.979   1.00 15.14 ? 50  THR A C    1 
ATOM   407  O  O    . THR A 1 54  ? -6.196  -8.703  1.816   1.00 16.81 ? 50  THR A O    1 
ATOM   408  C  CB   . THR A 1 54  ? -9.116  -9.068  0.901   1.00 14.83 ? 50  THR A CB   1 
ATOM   409  O  OG1  . THR A 1 54  ? -10.129 -9.613  0.046   1.00 15.35 ? 50  THR A OG1  1 
ATOM   410  C  CG2  . THR A 1 54  ? -9.685  -7.864  1.593   1.00 15.14 ? 50  THR A CG2  1 
ATOM   411  N  N    . ILE A 1 55  ? -6.685  -6.737  0.855   1.00 15.03 ? 51  ILE A N    1 
ATOM   412  C  CA   . ILE A 1 55  ? -5.798  -5.952  1.720   1.00 16.71 ? 51  ILE A CA   1 
ATOM   413  C  C    . ILE A 1 55  ? -6.644  -4.900  2.403   1.00 18.26 ? 51  ILE A C    1 
ATOM   414  O  O    . ILE A 1 55  ? -7.283  -4.033  1.738   1.00 18.16 ? 51  ILE A O    1 
ATOM   415  C  CB   . ILE A 1 55  ? -4.625  -5.299  0.942   1.00 16.56 ? 51  ILE A CB   1 
ATOM   416  C  CG1  . ILE A 1 55  ? -3.837  -6.357  0.191   1.00 18.79 ? 51  ILE A CG1  1 
ATOM   417  C  CG2  . ILE A 1 55  ? -3.687  -4.530  1.897   1.00 17.69 ? 51  ILE A CG2  1 
ATOM   418  C  CD1  . ILE A 1 55  ? -2.590  -5.853  -0.515  1.00 17.41 ? 51  ILE A CD1  1 
ATOM   419  N  N    . LYS A 1 56  ? -6.681  -4.972  3.732   1.00 18.07 ? 52  LYS A N    1 
ATOM   420  C  CA   . LYS A 1 56  ? -7.277  -3.895  4.507   1.00 21.00 ? 52  LYS A CA   1 
ATOM   421  C  C    . LYS A 1 56  ? -6.180  -3.054  5.131   1.00 23.48 ? 52  LYS A C    1 
ATOM   422  O  O    . LYS A 1 56  ? -5.171  -3.572  5.587   1.00 21.60 ? 52  LYS A O    1 
ATOM   423  C  CB   . LYS A 1 56  ? -8.204  -4.439  5.587   1.00 22.47 ? 52  LYS A CB   1 
ATOM   424  C  CG   . LYS A 1 56  ? -9.396  -5.186  5.041   1.00 24.57 ? 52  LYS A CG   1 
ATOM   425  C  CD   . LYS A 1 56  ? -10.063 -6.034  6.129   1.00 27.63 ? 52  LYS A CD   1 
ATOM   426  C  CE   . LYS A 1 56  ? -11.147 -6.898  5.520   1.00 32.70 ? 52  LYS A CE   1 
ATOM   427  N  NZ   . LYS A 1 56  ? -12.093 -7.310  6.602   1.00 42.68 ? 52  LYS A NZ   1 
ATOM   428  N  N    . SER A 1 57  ? -6.366  -1.752  5.101   1.00 21.99 ? 53  SER A N    1 
ATOM   429  C  CA   . SER A 1 57  ? -5.486  -0.830  5.855   1.00 23.27 ? 53  SER A CA   1 
ATOM   430  C  C    . SER A 1 57  ? -6.355  -0.045  6.847   1.00 25.68 ? 53  SER A C    1 
ATOM   431  O  O    . SER A 1 57  ? -7.397  0.541   6.461   1.00 26.71 ? 53  SER A O    1 
ATOM   432  C  CB   . SER A 1 57  ? -4.783  0.100   4.880   1.00 26.61 ? 53  SER A CB   1 
ATOM   433  O  OG   . SER A 1 57  ? -3.951  1.033   5.569   1.00 34.74 ? 53  SER A OG   1 
ATOM   434  N  N    . GLU A 1 58  ? -5.991  -0.061  8.119   1.00 21.60 ? 54  GLU A N    1 
ATOM   435  C  CA   . GLU A 1 58  ? -6.895  0.506   9.123   1.00 23.86 ? 54  GLU A CA   1 
ATOM   436  C  C    . GLU A 1 58  ? -6.127  1.320   10.112  1.00 22.42 ? 54  GLU A C    1 
ATOM   437  O  O    . GLU A 1 58  ? -5.084  0.886   10.629  1.00 18.97 ? 54  GLU A O    1 
ATOM   438  C  CB   . GLU A 1 58  ? -7.683  -0.570  9.815   1.00 25.72 ? 54  GLU A CB   1 
ATOM   439  C  CG   . GLU A 1 58  ? -8.404  -1.437  8.798   1.00 29.48 ? 54  GLU A CG   1 
ATOM   440  C  CD   . GLU A 1 58  ? -9.344  -2.421  9.427   1.00 32.18 ? 54  GLU A CD   1 
ATOM   441  O  OE1  . GLU A 1 58  ? -9.285  -2.632  10.676  1.00 28.80 ? 54  GLU A OE1  1 
ATOM   442  O  OE2  . GLU A 1 58  ? -10.137 -2.980  8.625   1.00 31.90 ? 54  GLU A OE2  1 
ATOM   443  N  N    . SER A 1 59  ? -6.643  2.520   10.370  1.00 22.59 ? 55  SER A N    1 
ATOM   444  C  CA   . SER A 1 59  ? -6.039  3.356   11.366  1.00 22.16 ? 55  SER A CA   1 
ATOM   445  C  C    . SER A 1 59  ? -7.055  4.356   11.802  1.00 22.19 ? 55  SER A C    1 
ATOM   446  O  O    . SER A 1 59  ? -8.209  4.397   11.306  1.00 21.89 ? 55  SER A O    1 
ATOM   447  C  CB   . SER A 1 59  ? -4.852  4.119   10.779  1.00 26.17 ? 55  SER A CB   1 
ATOM   448  O  OG   . SER A 1 59  ? -5.322  5.122   9.900   1.00 26.94 ? 55  SER A OG   1 
ATOM   449  N  N    . THR A 1 60  ? -6.606  5.206   12.736  1.00 22.49 ? 56  THR A N    1 
ATOM   450  C  CA   . THR A 1 60  ? -7.489  6.226   13.268  1.00 23.87 ? 56  THR A CA   1 
ATOM   451  C  C    . THR A 1 60  ? -7.885  7.186   12.182  1.00 23.70 ? 56  THR A C    1 
ATOM   452  O  O    . THR A 1 60  ? -8.954  7.783   12.274  1.00 27.47 ? 56  THR A O    1 
ATOM   453  C  CB   . THR A 1 60  ? -6.810  7.058   14.382  1.00 24.12 ? 56  THR A CB   1 
ATOM   454  O  OG1  . THR A 1 60  ? -5.545  7.538   13.876  1.00 27.98 ? 56  THR A OG1  1 
ATOM   455  C  CG2  . THR A 1 60  ? -6.647  6.198   15.626  1.00 25.82 ? 56  THR A CG2  1 
ATOM   456  N  N    . PHE A 1 61  ? -7.005  7.378   11.186  1.00 22.95 ? 57  PHE A N    1 
ATOM   457  C  CA   . PHE A 1 61  ? -7.244  8.299   10.065  1.00 23.80 ? 57  PHE A CA   1 
ATOM   458  C  C    . PHE A 1 61  ? -8.378  7.767   9.193   1.00 23.73 ? 57  PHE A C    1 
ATOM   459  O  O    . PHE A 1 61  ? -9.348  8.466   8.920   1.00 23.84 ? 57  PHE A O    1 
ATOM   460  C  CB   . PHE A 1 61  ? -5.946  8.560   9.250   1.00 24.05 ? 57  PHE A CB   1 
ATOM   461  C  CG   . PHE A 1 61  ? -6.170  9.333   7.996   1.00 25.72 ? 57  PHE A CG   1 
ATOM   462  C  CD1  . PHE A 1 61  ? -6.714  10.629  8.044   1.00 27.08 ? 57  PHE A CD1  1 
ATOM   463  C  CD2  . PHE A 1 61  ? -5.872  8.787   6.757   1.00 24.97 ? 57  PHE A CD2  1 
ATOM   464  C  CE1  . PHE A 1 61  ? -6.982  11.342  6.869   1.00 26.57 ? 57  PHE A CE1  1 
ATOM   465  C  CE2  . PHE A 1 61  ? -6.124  9.492   5.589   1.00 29.00 ? 57  PHE A CE2  1 
ATOM   466  C  CZ   . PHE A 1 61  ? -6.682  10.770  5.635   1.00 27.57 ? 57  PHE A CZ   1 
ATOM   467  N  N    . LYS A 1 62  ? -8.299  6.504   8.792   1.00 22.04 ? 58  LYS A N    1 
ATOM   468  C  CA   . LYS A 1 62  ? -9.236  6.024   7.765   1.00 23.13 ? 58  LYS A CA   1 
ATOM   469  C  C    . LYS A 1 62  ? -9.126  4.520   7.663   1.00 24.20 ? 58  LYS A C    1 
ATOM   470  O  O    . LYS A 1 62  ? -8.067  3.921   7.961   1.00 20.20 ? 58  LYS A O    1 
ATOM   471  C  CB   . LYS A 1 62  ? -8.922  6.686   6.399   1.00 26.11 ? 58  LYS A CB   1 
ATOM   472  C  CG   . LYS A 1 62  ? -9.770  6.228   5.231   1.00 29.72 ? 58  LYS A CG   1 
ATOM   473  C  CD   . LYS A 1 62  ? -10.009 7.305   4.192   1.00 38.26 ? 58  LYS A CD   1 
ATOM   474  C  CE   . LYS A 1 62  ? -10.927 6.782   3.067   1.00 43.79 ? 58  LYS A CE   1 
ATOM   475  N  NZ   . LYS A 1 62  ? -10.978 7.608   1.799   1.00 45.13 ? 58  LYS A NZ   1 
ATOM   476  N  N    . ASN A 1 63  ? -10.216 3.902   7.237   1.00 23.83 ? 59  ASN A N    1 
ATOM   477  C  CA   . ASN A 1 63  ? -10.107 2.466   6.944   1.00 24.69 ? 59  ASN A CA   1 
ATOM   478  C  C    . ASN A 1 63  ? -10.314 2.254   5.466   1.00 24.09 ? 59  ASN A C    1 
ATOM   479  O  O    . ASN A 1 63  ? -11.292 2.779   4.883   1.00 22.84 ? 59  ASN A O    1 
ATOM   480  C  CB   . ASN A 1 63  ? -11.177 1.687   7.682   1.00 23.92 ? 59  ASN A CB   1 
ATOM   481  C  CG   . ASN A 1 63  ? -10.944 1.635   9.173   1.00 24.27 ? 59  ASN A CG   1 
ATOM   482  O  OD1  . ASN A 1 63  ? -9.815  1.650   9.628   1.00 26.69 ? 59  ASN A OD1  1 
ATOM   483  N  ND2  . ASN A 1 63  ? -12.029 1.555   9.942   1.00 30.12 ? 59  ASN A ND2  1 
ATOM   484  N  N    . THR A 1 64  ? -9.428  1.489   4.843   1.00 21.33 ? 60  THR A N    1 
ATOM   485  C  CA   . THR A 1 64  ? -9.638  1.187   3.423   1.00 20.84 ? 60  THR A CA   1 
ATOM   486  C  C    . THR A 1 64  ? -9.636  -0.342  3.185   1.00 19.24 ? 60  THR A C    1 
ATOM   487  O  O    . THR A 1 64  ? -9.136  -1.076  3.986   1.00 18.47 ? 60  THR A O    1 
ATOM   488  C  CB   . THR A 1 64  ? -8.551  1.829   2.555   1.00 22.65 ? 60  THR A CB   1 
ATOM   489  O  OG1  . THR A 1 64  ? -7.268  1.355   2.994   1.00 25.69 ? 60  THR A OG1  1 
ATOM   490  C  CG2  . THR A 1 64  ? -8.614  3.369   2.653   1.00 23.10 ? 60  THR A CG2  1 
ATOM   491  N  N    . GLU A 1 65  ? -10.203 -0.797  2.074   1.00 19.89 ? 61  GLU A N    1 
ATOM   492  C  CA   . GLU A 1 65  ? -10.166 -2.222  1.782   1.00 22.00 ? 61  GLU A CA   1 
ATOM   493  C  C    . GLU A 1 65  ? -10.152 -2.363  0.284   1.00 22.16 ? 61  GLU A C    1 
ATOM   494  O  O    . GLU A 1 65  ? -10.976 -1.700  -0.403  1.00 20.29 ? 61  GLU A O    1 
ATOM   495  C  CB   . GLU A 1 65  ? -11.416 -2.910  2.352   1.00 26.13 ? 61  GLU A CB   1 
ATOM   496  C  CG   . GLU A 1 65  ? -11.476 -4.411  2.074   1.00 28.96 ? 61  GLU A CG   1 
ATOM   497  C  CD   . GLU A 1 65  ? -12.769 -5.036  2.572   1.00 35.70 ? 61  GLU A CD   1 
ATOM   498  O  OE1  . GLU A 1 65  ? -13.184 -4.741  3.695   1.00 39.45 ? 61  GLU A OE1  1 
ATOM   499  O  OE2  . GLU A 1 65  ? -13.376 -5.835  1.856   1.00 36.22 ? 61  GLU A OE2  1 
ATOM   500  N  N    . ILE A 1 66  ? -9.194  -3.145  -0.224  1.00 18.08 ? 62  ILE A N    1 
ATOM   501  C  CA   . ILE A 1 66  ? -9.193  -3.509  -1.651  1.00 16.18 ? 62  ILE A CA   1 
ATOM   502  C  C    . ILE A 1 66  ? -9.221  -5.016  -1.789  1.00 15.95 ? 62  ILE A C    1 
ATOM   503  O  O    . ILE A 1 66  ? -8.531  -5.718  -1.017  1.00 17.11 ? 62  ILE A O    1 
ATOM   504  C  CB   . ILE A 1 66  ? -8.024  -2.925  -2.490  1.00 15.27 ? 62  ILE A CB   1 
ATOM   505  C  CG1  . ILE A 1 66  ? -6.642  -3.304  -1.906  1.00 17.12 ? 62  ILE A CG1  1 
ATOM   506  C  CG2  . ILE A 1 66  ? -8.171  -1.380  -2.578  1.00 16.15 ? 62  ILE A CG2  1 
ATOM   507  C  CD1  . ILE A 1 66  ? -5.495  -2.926  -2.824  1.00 16.98 ? 62  ILE A CD1  1 
ATOM   508  N  N    . SER A 1 67  ? -9.946  -5.481  -2.796  1.00 14.14 ? 63  SER A N    1 
ATOM   509  C  CA   . SER A 1 67  ? -9.948  -6.906  -3.155  1.00 14.27 ? 63  SER A CA   1 
ATOM   510  C  C    . SER A 1 67  ? -9.677  -6.948  -4.629  1.00 15.79 ? 63  SER A C    1 
ATOM   511  O  O    . SER A 1 67  ? -10.308 -6.152  -5.426  1.00 16.48 ? 63  SER A O    1 
ATOM   512  C  CB   . SER A 1 67  ? -11.271 -7.618  -2.855  1.00 14.75 ? 63  SER A CB   1 
ATOM   513  O  OG   . SER A 1 67  ? -11.544 -7.684  -1.445  1.00 15.79 ? 63  SER A OG   1 
ATOM   514  N  N    . PHE A 1 68  ? -8.808  -7.888  -5.034  1.00 15.14 ? 64  PHE A N    1 
ATOM   515  C  CA   . PHE A 1 68  ? -8.369  -7.967  -6.441  1.00 15.32 ? 64  PHE A CA   1 
ATOM   516  C  C    . PHE A 1 68  ? -7.796  -9.321  -6.830  1.00 16.50 ? 64  PHE A C    1 
ATOM   517  O  O    . PHE A 1 68  ? -7.465  -10.184 -5.980  1.00 16.71 ? 64  PHE A O    1 
ATOM   518  C  CB   . PHE A 1 68  ? -7.267  -6.893  -6.705  1.00 15.22 ? 64  PHE A CB   1 
ATOM   519  C  CG   . PHE A 1 68  ? -6.052  -7.071  -5.824  1.00 16.88 ? 64  PHE A CG   1 
ATOM   520  C  CD1  . PHE A 1 68  ? -6.028  -6.496  -4.549  1.00 17.71 ? 64  PHE A CD1  1 
ATOM   521  C  CD2  . PHE A 1 68  ? -4.924  -7.806  -6.265  1.00 15.29 ? 64  PHE A CD2  1 
ATOM   522  C  CE1  . PHE A 1 68  ? -4.925  -6.683  -3.693  1.00 18.38 ? 64  PHE A CE1  1 
ATOM   523  C  CE2  . PHE A 1 68  ? -3.803  -7.967  -5.448  1.00 17.03 ? 64  PHE A CE2  1 
ATOM   524  C  CZ   . PHE A 1 68  ? -3.793  -7.400  -4.164  1.00 18.50 ? 64  PHE A CZ   1 
ATOM   525  N  N    . ILE A 1 69  ? -7.646  -9.492  -8.138  1.00 16.88 ? 65  ILE A N    1 
ATOM   526  C  CA   . ILE A 1 69  ? -7.055  -10.674 -8.713  1.00 18.42 ? 65  ILE A CA   1 
ATOM   527  C  C    . ILE A 1 69  ? -5.806  -10.131 -9.379  1.00 16.91 ? 65  ILE A C    1 
ATOM   528  O  O    . ILE A 1 69  ? -5.828  -9.004  -9.938  1.00 17.79 ? 65  ILE A O    1 
ATOM   529  C  CB   . ILE A 1 69  ? -8.001  -11.314 -9.752  1.00 17.84 ? 65  ILE A CB   1 
ATOM   530  C  CG1  . ILE A 1 69  ? -9.263  -11.865 -9.044  1.00 17.52 ? 65  ILE A CG1  1 
ATOM   531  C  CG2  . ILE A 1 69  ? -7.231  -12.377 -10.544 1.00 18.32 ? 65  ILE A CG2  1 
ATOM   532  C  CD1  . ILE A 1 69  ? -10.290 -12.588 -9.934  1.00 21.16 ? 65  ILE A CD1  1 
ATOM   533  N  N    . LEU A 1 70  ? -4.714  -10.891 -9.292  1.00 17.46 ? 66  LEU A N    1 
ATOM   534  C  CA   . LEU A 1 70  ? -3.464  -10.453 -9.881  1.00 18.07 ? 66  LEU A CA   1 
ATOM   535  C  C    . LEU A 1 70  ? -3.620  -10.165 -11.371 1.00 18.04 ? 66  LEU A C    1 
ATOM   536  O  O    . LEU A 1 70  ? -4.220  -10.958 -12.105 1.00 17.38 ? 66  LEU A O    1 
ATOM   537  C  CB   . LEU A 1 70  ? -2.370  -11.469 -9.577  1.00 17.08 ? 66  LEU A CB   1 
ATOM   538  C  CG   . LEU A 1 70  ? -1.967  -11.616 -8.095  1.00 16.69 ? 66  LEU A CG   1 
ATOM   539  C  CD1  . LEU A 1 70  ? -1.062  -12.819 -7.965  1.00 18.04 ? 66  LEU A CD1  1 
ATOM   540  C  CD2  . LEU A 1 70  ? -1.194  -10.393 -7.577  1.00 16.95 ? 66  LEU A CD2  1 
ATOM   541  N  N    . GLY A 1 71  ? -3.100  -9.010  -11.799 1.00 19.26 ? 67  GLY A N    1 
ATOM   542  C  CA   . GLY A 1 71  ? -3.115  -8.619  -13.201 1.00 18.90 ? 67  GLY A CA   1 
ATOM   543  C  C    . GLY A 1 71  ? -4.416  -7.996  -13.716 1.00 21.01 ? 67  GLY A C    1 
ATOM   544  O  O    . GLY A 1 71  ? -4.473  -7.595  -14.889 1.00 25.17 ? 67  GLY A O    1 
ATOM   545  N  N    . GLN A 1 72  ? -5.472  -7.975  -12.920 1.00 19.48 ? 68  GLN A N    1 
ATOM   546  C  CA   . GLN A 1 72  ? -6.775  -7.463  -13.403 1.00 20.02 ? 68  GLN A CA   1 
ATOM   547  C  C    . GLN A 1 72  ? -6.945  -6.071  -12.840 1.00 20.39 ? 68  GLN A C    1 
ATOM   548  O  O    . GLN A 1 72  ? -7.143  -5.941  -11.637 1.00 18.80 ? 68  GLN A O    1 
ATOM   549  C  CB   . GLN A 1 72  ? -7.972  -8.309  -12.919 1.00 22.90 ? 68  GLN A CB   1 
ATOM   550  C  CG   . GLN A 1 72  ? -7.871  -9.790  -13.238 1.00 31.08 ? 68  GLN A CG   1 
ATOM   551  C  CD   . GLN A 1 72  ? -9.199  -10.545 -13.377 1.00 37.50 ? 68  GLN A CD   1 
ATOM   552  O  OE1  . GLN A 1 72  ? -10.295 -10.054 -12.992 1.00 43.12 ? 68  GLN A OE1  1 
ATOM   553  N  NE2  . GLN A 1 72  ? -9.110  -11.760 -13.944 1.00 41.50 ? 68  GLN A NE2  1 
ATOM   554  N  N    . GLU A 1 73  ? -6.976  -5.069  -13.709 1.00 20.94 ? 69  GLU A N    1 
ATOM   555  C  CA   . GLU A 1 73  ? -7.238  -3.705  -13.312 1.00 18.14 ? 69  GLU A CA   1 
ATOM   556  C  C    . GLU A 1 73  ? -8.519  -3.562  -12.509 1.00 17.18 ? 69  GLU A C    1 
ATOM   557  O  O    . GLU A 1 73  ? -9.549  -4.263  -12.777 1.00 18.52 ? 69  GLU A O    1 
ATOM   558  C  CB   . GLU A 1 73  ? -7.386  -2.814  -14.546 1.00 19.91 ? 69  GLU A CB   1 
ATOM   559  C  CG   . GLU A 1 73  ? -7.344  -1.319  -14.198 1.00 21.79 ? 69  GLU A CG   1 
ATOM   560  C  CD   . GLU A 1 73  ? -6.995  -0.450  -15.391 1.00 29.71 ? 69  GLU A CD   1 
ATOM   561  O  OE1  . GLU A 1 73  ? -7.822  -0.481  -16.314 1.00 29.92 ? 69  GLU A OE1  1 
ATOM   562  O  OE2  . GLU A 1 73  ? -5.896  0.205   -15.404 1.00 28.60 ? 69  GLU A OE2  1 
ATOM   563  N  N    . PHE A 1 74  ? -8.484  -2.634  -11.546 1.00 17.68 ? 70  PHE A N    1 
ATOM   564  C  CA   . PHE A 1 74  ? -9.637  -2.336  -10.696 1.00 16.76 ? 70  PHE A CA   1 
ATOM   565  C  C    . PHE A 1 74  ? -9.695  -0.863  -10.303 1.00 17.70 ? 70  PHE A C    1 
ATOM   566  O  O    . PHE A 1 74  ? -8.655  -0.154  -10.404 1.00 18.70 ? 70  PHE A O    1 
ATOM   567  C  CB   . PHE A 1 74  ? -9.693  -3.305  -9.485  1.00 17.02 ? 70  PHE A CB   1 
ATOM   568  C  CG   . PHE A 1 74  ? -8.561  -3.126  -8.531  1.00 16.48 ? 70  PHE A CG   1 
ATOM   569  C  CD1  . PHE A 1 74  ? -7.330  -3.795  -8.743  1.00 18.65 ? 70  PHE A CD1  1 
ATOM   570  C  CD2  . PHE A 1 74  ? -8.719  -2.339  -7.419  1.00 17.31 ? 70  PHE A CD2  1 
ATOM   571  C  CE1  . PHE A 1 74  ? -6.291  -3.594  -7.838  1.00 17.98 ? 70  PHE A CE1  1 
ATOM   572  C  CE2  . PHE A 1 74  ? -7.669  -2.147  -6.505  1.00 17.83 ? 70  PHE A CE2  1 
ATOM   573  C  CZ   . PHE A 1 74  ? -6.477  -2.786  -6.720  1.00 18.13 ? 70  PHE A CZ   1 
ATOM   574  N  N    . ASP A 1 75  ? -10.897 -0.411  -9.883  1.00 19.03 ? 71  ASP A N    1 
ATOM   575  C  CA   . ASP A 1 75  ? -11.148 0.957   -9.399  1.00 19.64 ? 71  ASP A CA   1 
ATOM   576  C  C    . ASP A 1 75  ? -10.822 1.001   -7.934  1.00 21.19 ? 71  ASP A C    1 
ATOM   577  O  O    . ASP A 1 75  ? -11.267 0.138   -7.184  1.00 19.52 ? 71  ASP A O    1 
ATOM   578  C  CB   . ASP A 1 75  ? -12.646 1.323   -9.577  1.00 21.15 ? 71  ASP A CB   1 
ATOM   579  C  CG   . ASP A 1 75  ? -13.003 1.510   -11.012 1.00 22.46 ? 71  ASP A CG   1 
ATOM   580  O  OD1  . ASP A 1 75  ? -12.301 2.317   -11.672 1.00 25.71 ? 71  ASP A OD1  1 
ATOM   581  O  OD2  . ASP A 1 75  ? -13.980 0.881   -11.514 1.00 25.01 ? 71  ASP A OD2  1 
ATOM   582  N  N    . GLU A 1 76  ? -10.022 1.978   -7.510  1.00 21.51 ? 72  GLU A N    1 
ATOM   583  C  CA   . GLU A 1 76  ? -9.677  2.127   -6.076  1.00 20.23 ? 72  GLU A CA   1 
ATOM   584  C  C    . GLU A 1 76  ? -9.875  3.588   -5.678  1.00 21.41 ? 72  GLU A C    1 
ATOM   585  O  O    . GLU A 1 76  ? -9.606  4.470   -6.457  1.00 23.97 ? 72  GLU A O    1 
ATOM   586  C  CB   . GLU A 1 76  ? -8.189  1.779   -5.808  1.00 20.36 ? 72  GLU A CB   1 
ATOM   587  C  CG   . GLU A 1 76  ? -7.684  1.835   -4.353  1.00 22.27 ? 72  GLU A CG   1 
ATOM   588  C  CD   . GLU A 1 76  ? -6.188  1.538   -4.241  1.00 22.44 ? 72  GLU A CD   1 
ATOM   589  O  OE1  . GLU A 1 76  ? -5.479  1.316   -5.277  1.00 22.44 ? 72  GLU A OE1  1 
ATOM   590  O  OE2  . GLU A 1 76  ? -5.660  1.551   -3.114  1.00 21.49 ? 72  GLU A OE2  1 
ATOM   591  N  N    . VAL A 1 77  ? -10.325 3.806   -4.458  1.00 23.79 ? 73  VAL A N    1 
ATOM   592  C  CA   . VAL A 1 77  ? -10.325 5.128   -3.841  1.00 25.55 ? 73  VAL A CA   1 
ATOM   593  C  C    . VAL A 1 77  ? -9.276  5.100   -2.738  1.00 23.36 ? 73  VAL A C    1 
ATOM   594  O  O    . VAL A 1 77  ? -9.341  4.302   -1.797  1.00 22.37 ? 73  VAL A O    1 
ATOM   595  C  CB   . VAL A 1 77  ? -11.714 5.511   -3.287  1.00 28.16 ? 73  VAL A CB   1 
ATOM   596  C  CG1  . VAL A 1 77  ? -11.637 6.810   -2.485  1.00 28.55 ? 73  VAL A CG1  1 
ATOM   597  C  CG2  . VAL A 1 77  ? -12.691 5.703   -4.449  1.00 27.67 ? 73  VAL A CG2  1 
ATOM   598  N  N    . THR A 1 78  ? -8.258  5.929   -2.867  1.00 22.26 ? 74  THR A N    1 
ATOM   599  C  CA   . THR A 1 78  ? -7.157  5.856   -1.956  1.00 21.31 ? 74  THR A CA   1 
ATOM   600  C  C    . THR A 1 78  ? -7.529  6.581   -0.664  1.00 23.07 ? 74  THR A C    1 
ATOM   601  O  O    . THR A 1 78  ? -8.605  7.186   -0.575  1.00 23.46 ? 74  THR A O    1 
ATOM   602  C  CB   . THR A 1 78  ? -5.938  6.531   -2.564  1.00 21.04 ? 74  THR A CB   1 
ATOM   603  O  OG1  . THR A 1 78  ? -6.243  7.925   -2.752  1.00 22.54 ? 74  THR A OG1  1 
ATOM   604  C  CG2  . THR A 1 78  ? -5.677  5.933   -3.902  1.00 21.07 ? 74  THR A CG2  1 
ATOM   605  N  N    . ALA A 1 79  ? -6.621  6.510   0.314   1.00 21.53 ? 75  ALA A N    1 
ATOM   606  C  CA   . ALA A 1 79  ? -6.860  7.071   1.643   1.00 23.45 ? 75  ALA A CA   1 
ATOM   607  C  C    . ALA A 1 79  ? -7.030  8.574   1.615   1.00 23.28 ? 75  ALA A C    1 
ATOM   608  O  O    . ALA A 1 79  ? -7.767  9.114   2.412   1.00 21.08 ? 75  ALA A O    1 
ATOM   609  C  CB   . ALA A 1 79  ? -5.770  6.656   2.621   1.00 22.25 ? 75  ALA A CB   1 
ATOM   610  N  N    . ASP A 1 80  ? -6.372  9.212   0.651   1.00 25.88 ? 76  ASP A N    1 
ATOM   611  C  CA   . ASP A 1 80  ? -6.472  10.647  0.388   1.00 24.58 ? 76  ASP A CA   1 
ATOM   612  C  C    . ASP A 1 80  ? -7.558  11.005  -0.636  1.00 25.75 ? 76  ASP A C    1 
ATOM   613  O  O    . ASP A 1 80  ? -7.613  12.125  -1.099  1.00 30.36 ? 76  ASP A O    1 
ATOM   614  C  CB   . ASP A 1 80  ? -5.116  11.197  -0.058  1.00 22.83 ? 76  ASP A CB   1 
ATOM   615  C  CG   . ASP A 1 80  ? -4.553  10.513  -1.298  1.00 23.63 ? 76  ASP A CG   1 
ATOM   616  O  OD1  . ASP A 1 80  ? -4.474  9.247   -1.357  1.00 24.72 ? 76  ASP A OD1  1 
ATOM   617  O  OD2  . ASP A 1 80  ? -4.128  11.262  -2.227  1.00 25.46 ? 76  ASP A OD2  1 
ATOM   618  N  N    . ASP A 1 81  ? -8.378  10.026  -1.032  1.00 27.74 ? 77  ASP A N    1 
ATOM   619  C  CA   A ASP A 1 81  ? -9.558  10.250  -1.869  0.50 27.11 ? 77  ASP A CA   1 
ATOM   620  C  CA   B ASP A 1 81  ? -9.573  10.253  -1.864  0.50 27.30 ? 77  ASP A CA   1 
ATOM   621  C  C    . ASP A 1 81  ? -9.310  10.420  -3.357  1.00 26.65 ? 77  ASP A C    1 
ATOM   622  O  O    . ASP A 1 81  ? -10.183 10.909  -4.085  1.00 29.10 ? 77  ASP A O    1 
ATOM   623  C  CB   A ASP A 1 81  ? -10.449 11.370  -1.297  0.50 29.46 ? 77  ASP A CB   1 
ATOM   624  C  CB   B ASP A 1 81  ? -10.466 11.401  -1.317  0.50 29.68 ? 77  ASP A CB   1 
ATOM   625  C  CG   A ASP A 1 81  ? -11.085 10.970  0.018   0.50 31.15 ? 77  ASP A CG   1 
ATOM   626  C  CG   B ASP A 1 81  ? -11.960 11.045  -1.322  0.50 32.47 ? 77  ASP A CG   1 
ATOM   627  O  OD1  A ASP A 1 81  ? -11.423 9.772   0.168   0.50 34.35 ? 77  ASP A OD1  1 
ATOM   628  O  OD1  B ASP A 1 81  ? -12.337 10.010  -1.921  0.50 33.03 ? 77  ASP A OD1  1 
ATOM   629  O  OD2  A ASP A 1 81  ? -11.231 11.835  0.909   0.50 33.52 ? 77  ASP A OD2  1 
ATOM   630  O  OD2  B ASP A 1 81  ? -12.763 11.799  -0.726  0.50 34.25 ? 77  ASP A OD2  1 
ATOM   631  N  N    . ARG A 1 82  ? -8.125  10.018  -3.829  1.00 26.00 ? 78  ARG A N    1 
ATOM   632  C  CA   . ARG A 1 82  ? -7.929  9.899   -5.276  1.00 23.34 ? 78  ARG A CA   1 
ATOM   633  C  C    . ARG A 1 82  ? -8.756  8.716   -5.776  1.00 27.23 ? 78  ARG A C    1 
ATOM   634  O  O    . ARG A 1 82  ? -8.786  7.668   -5.128  1.00 25.39 ? 78  ARG A O    1 
ATOM   635  C  CB   . ARG A 1 82  ? -6.466  9.684   -5.646  1.00 24.79 ? 78  ARG A CB   1 
ATOM   636  C  CG   . ARG A 1 82  ? -5.581  10.922  -5.571  1.00 24.74 ? 78  ARG A CG   1 
ATOM   637  C  CD   . ARG A 1 82  ? -4.125  10.519  -5.666  1.00 23.24 ? 78  ARG A CD   1 
ATOM   638  N  NE   . ARG A 1 82  ? -3.640  9.743   -4.505  1.00 22.63 ? 78  ARG A NE   1 
ATOM   639  C  CZ   . ARG A 1 82  ? -2.945  8.615   -4.572  1.00 20.69 ? 78  ARG A CZ   1 
ATOM   640  N  NH1  . ARG A 1 82  ? -2.568  8.087   -5.751  1.00 22.12 ? 78  ARG A NH1  1 
ATOM   641  N  NH2  . ARG A 1 82  ? -2.571  8.033   -3.427  1.00 21.23 ? 78  ARG A NH2  1 
ATOM   642  N  N    . LYS A 1 83  ? -9.485  8.907   -6.879  1.00 25.97 ? 79  LYS A N    1 
ATOM   643  C  CA   . LYS A 1 83  ? -10.157 7.796   -7.556  1.00 25.14 ? 79  LYS A CA   1 
ATOM   644  C  C    . LYS A 1 83  ? -9.159  7.345   -8.613  1.00 23.36 ? 79  LYS A C    1 
ATOM   645  O  O    . LYS A 1 83  ? -8.898  8.093   -9.552  1.00 25.18 ? 79  LYS A O    1 
ATOM   646  C  CB   . LYS A 1 83  ? -11.464 8.238   -8.215  1.00 28.40 ? 79  LYS A CB   1 
ATOM   647  C  CG   . LYS A 1 83  ? -12.374 9.136   -7.400  1.00 36.88 ? 79  LYS A CG   1 
ATOM   648  C  CD   . LYS A 1 83  ? -12.910 8.506   -6.133  1.00 38.83 ? 79  LYS A CD   1 
ATOM   649  C  CE   . LYS A 1 83  ? -13.884 9.464   -5.477  1.00 49.84 ? 79  LYS A CE   1 
ATOM   650  N  NZ   . LYS A 1 83  ? -14.452 8.915   -4.213  1.00 51.56 ? 79  LYS A NZ   1 
ATOM   651  N  N    . VAL A 1 84  ? -8.580  6.143   -8.460  1.00 19.89 ? 80  VAL A N    1 
ATOM   652  C  CA   . VAL A 1 84  ? -7.479  5.704   -9.352  1.00 18.31 ? 80  VAL A CA   1 
ATOM   653  C  C    . VAL A 1 84  ? -7.845  4.367   -10.029 1.00 18.10 ? 80  VAL A C    1 
ATOM   654  O  O    . VAL A 1 84  ? -8.751  3.681   -9.589  1.00 20.28 ? 80  VAL A O    1 
ATOM   655  C  CB   . VAL A 1 84  ? -6.097  5.552   -8.602  1.00 18.27 ? 80  VAL A CB   1 
ATOM   656  C  CG1  . VAL A 1 84  ? -5.611  6.876   -7.955  1.00 18.88 ? 80  VAL A CG1  1 
ATOM   657  C  CG2  . VAL A 1 84  ? -6.140  4.425   -7.544  1.00 17.08 ? 80  VAL A CG2  1 
ATOM   658  N  N    . LYS A 1 85  ? -7.109  4.024   -11.073 1.00 19.87 ? 81  LYS A N    1 
ATOM   659  C  CA   . LYS A 1 85  ? -7.170  2.730   -11.743 1.00 19.14 ? 81  LYS A CA   1 
ATOM   660  C  C    . LYS A 1 85  ? -5.917  1.958   -11.333 1.00 20.83 ? 81  LYS A C    1 
ATOM   661  O  O    . LYS A 1 85  ? -4.785  2.404   -11.613 1.00 19.35 ? 81  LYS A O    1 
ATOM   662  C  CB   . LYS A 1 85  ? -7.164  2.882   -13.251 1.00 20.44 ? 81  LYS A CB   1 
ATOM   663  C  CG   . LYS A 1 85  ? -8.359  3.641   -13.783 1.00 24.17 ? 81  LYS A CG   1 
ATOM   664  C  CD   . LYS A 1 85  ? -9.676  2.918   -13.591 1.00 25.78 ? 81  LYS A CD   1 
ATOM   665  C  CE   . LYS A 1 85  ? -10.739 3.679   -14.401 1.00 29.08 ? 81  LYS A CE   1 
ATOM   666  N  NZ   . LYS A 1 85  ? -12.144 3.307   -14.105 1.00 32.74 ? 81  LYS A NZ   1 
ATOM   667  N  N    . SER A 1 86  ? -6.129  0.802   -10.696 1.00 18.48 ? 82  SER A N    1 
ATOM   668  C  CA   . SER A 1 86  ? -5.024  0.126   -9.993  1.00 16.97 ? 82  SER A CA   1 
ATOM   669  C  C    . SER A 1 86  ? -4.864  -1.260  -10.608 1.00 17.38 ? 82  SER A C    1 
ATOM   670  O  O    . SER A 1 86  ? -5.846  -1.884  -11.010 1.00 18.66 ? 82  SER A O    1 
ATOM   671  C  CB   . SER A 1 86  ? -5.379  0.035   -8.525  1.00 16.65 ? 82  SER A CB   1 
ATOM   672  O  OG   . SER A 1 86  ? -5.168  1.294   -7.919  1.00 18.56 ? 82  SER A OG   1 
ATOM   673  N  N    . THR A 1 87  ? -3.615  -1.691  -10.735 1.00 19.43 ? 83  THR A N    1 
ATOM   674  C  CA   . THR A 1 87  ? -3.328  -3.051  -11.176 1.00 18.29 ? 83  THR A CA   1 
ATOM   675  C  C    . THR A 1 87  ? -2.224  -3.537  -10.266 1.00 17.14 ? 83  THR A C    1 
ATOM   676  O  O    . THR A 1 87  ? -1.204  -2.834  -10.086 1.00 17.13 ? 83  THR A O    1 
ATOM   677  C  CB   . THR A 1 87  ? -2.849  -3.084  -12.633 1.00 19.98 ? 83  THR A CB   1 
ATOM   678  O  OG1  . THR A 1 87  ? -3.829  -2.453  -13.496 1.00 23.44 ? 83  THR A OG1  1 
ATOM   679  C  CG2  . THR A 1 87  ? -2.599  -4.527  -13.107 1.00 22.42 ? 83  THR A CG2  1 
ATOM   680  N  N    . ILE A 1 88  ? -2.429  -4.748  -9.738  1.00 17.14 ? 84  ILE A N    1 
ATOM   681  C  CA   . ILE A 1 88  ? -1.439  -5.354  -8.826  1.00 16.19 ? 84  ILE A CA   1 
ATOM   682  C  C    . ILE A 1 88  ? -1.005  -6.667  -9.452  1.00 17.22 ? 84  ILE A C    1 
ATOM   683  O  O    . ILE A 1 88  ? -1.853  -7.479  -9.859  1.00 15.80 ? 84  ILE A O    1 
ATOM   684  C  CB   . ILE A 1 88  ? -1.961  -5.509  -7.389  1.00 16.19 ? 84  ILE A CB   1 
ATOM   685  C  CG1  . ILE A 1 88  ? -2.307  -4.113  -6.798  1.00 15.94 ? 84  ILE A CG1  1 
ATOM   686  C  CG2  . ILE A 1 88  ? -0.930  -6.262  -6.484  1.00 16.20 ? 84  ILE A CG2  1 
ATOM   687  C  CD1  . ILE A 1 88  ? -2.993  -4.146  -5.429  1.00 16.06 ? 84  ILE A CD1  1 
ATOM   688  N  N    . THR A 1 89  ? 0.311   -6.850  -9.570  1.00 18.27 ? 85  THR A N    1 
ATOM   689  C  CA   . THR A 1 89  ? 0.866   -8.050  -10.117 1.00 19.29 ? 85  THR A CA   1 
ATOM   690  C  C    . THR A 1 89  ? 1.955   -8.549  -9.183  1.00 17.48 ? 85  THR A C    1 
ATOM   691  O  O    . THR A 1 89  ? 2.474   -7.830  -8.326  1.00 18.98 ? 85  THR A O    1 
ATOM   692  C  CB   . THR A 1 89  ? 1.557   -7.834  -11.489 1.00 21.07 ? 85  THR A CB   1 
ATOM   693  O  OG1  . THR A 1 89  ? 2.457   -6.714  -11.376 1.00 26.48 ? 85  THR A OG1  1 
ATOM   694  C  CG2  . THR A 1 89  ? 0.523   -7.608  -12.669 1.00 22.06 ? 85  THR A CG2  1 
ATOM   695  N  N    . LEU A 1 90  ? 2.321   -9.798  -9.395  1.00 21.00 ? 86  LEU A N    1 
ATOM   696  C  CA   . LEU A 1 90  ? 3.441   -10.354 -8.683  1.00 21.88 ? 86  LEU A CA   1 
ATOM   697  C  C    . LEU A 1 90  ? 4.633   -10.358 -9.591  1.00 22.24 ? 86  LEU A C    1 
ATOM   698  O  O    . LEU A 1 90  ? 4.578   -10.917 -10.709 1.00 25.75 ? 86  LEU A O    1 
ATOM   699  C  CB   . LEU A 1 90  ? 3.039   -11.753 -8.243  1.00 25.75 ? 86  LEU A CB   1 
ATOM   700  C  CG   . LEU A 1 90  ? 3.616   -12.466 -7.048  1.00 29.82 ? 86  LEU A CG   1 
ATOM   701  C  CD1  . LEU A 1 90  ? 3.707   -11.638 -5.774  1.00 27.04 ? 86  LEU A CD1  1 
ATOM   702  C  CD2  . LEU A 1 90  ? 2.712   -13.693 -6.893  1.00 27.69 ? 86  LEU A CD2  1 
ATOM   703  N  N    . ASP A 1 91  ? 5.699   -9.686  -9.174  1.00 21.77 ? 87  ASP A N    1 
ATOM   704  C  CA   . ASP A 1 91  ? 6.942   -9.786  -9.902  1.00 23.31 ? 87  ASP A CA   1 
ATOM   705  C  C    . ASP A 1 91  ? 7.911   -10.632 -9.054  1.00 22.62 ? 87  ASP A C    1 
ATOM   706  O  O    . ASP A 1 91  ? 8.525   -10.126 -8.093  1.00 23.01 ? 87  ASP A O    1 
ATOM   707  C  CB   . ASP A 1 91  ? 7.503   -8.417  -10.223 1.00 30.62 ? 87  ASP A CB   1 
ATOM   708  C  CG   . ASP A 1 91  ? 8.884   -8.470  -10.820 1.00 33.92 ? 87  ASP A CG   1 
ATOM   709  O  OD1  . ASP A 1 91  ? 9.217   -9.453  -11.527 1.00 37.91 ? 87  ASP A OD1  1 
ATOM   710  O  OD2  . ASP A 1 91  ? 9.669   -7.532  -10.533 1.00 38.27 ? 87  ASP A OD2  1 
ATOM   711  N  N    . GLY A 1 92  ? 7.978   -11.911 -9.413  1.00 23.21 ? 88  GLY A N    1 
ATOM   712  C  CA   . GLY A 1 92  ? 8.690   -12.913 -8.631  1.00 24.24 ? 88  GLY A CA   1 
ATOM   713  C  C    . GLY A 1 92  ? 7.931   -13.057 -7.319  1.00 22.64 ? 88  GLY A C    1 
ATOM   714  O  O    . GLY A 1 92  ? 6.832   -13.636 -7.256  1.00 26.20 ? 88  GLY A O    1 
ATOM   715  N  N    . GLY A 1 93  ? 8.532   -12.552 -6.265  1.00 18.78 ? 89  GLY A N    1 
ATOM   716  C  CA   . GLY A 1 93  ? 7.880   -12.620 -4.958  1.00 20.16 ? 89  GLY A CA   1 
ATOM   717  C  C    . GLY A 1 93  ? 7.530   -11.235 -4.427  1.00 21.25 ? 89  GLY A C    1 
ATOM   718  O  O    . GLY A 1 93  ? 7.214   -11.129 -3.220  1.00 21.77 ? 89  GLY A O    1 
ATOM   719  N  N    . VAL A 1 94  ? 7.546   -10.197 -5.303  1.00 20.60 ? 90  VAL A N    1 
ATOM   720  C  CA   . VAL A 1 94  ? 7.213   -8.784  -4.952  1.00 18.76 ? 90  VAL A CA   1 
ATOM   721  C  C    . VAL A 1 94  ? 5.841   -8.413  -5.524  1.00 19.16 ? 90  VAL A C    1 
ATOM   722  O  O    . VAL A 1 94  ? 5.588   -8.627  -6.715  1.00 20.05 ? 90  VAL A O    1 
ATOM   723  C  CB   . VAL A 1 94  ? 8.281   -7.822  -5.512  1.00 20.92 ? 90  VAL A CB   1 
ATOM   724  C  CG1  . VAL A 1 94  ? 7.962   -6.353  -5.208  1.00 21.51 ? 90  VAL A CG1  1 
ATOM   725  C  CG2  . VAL A 1 94  ? 9.644   -8.203  -4.898  1.00 21.56 ? 90  VAL A CG2  1 
ATOM   726  N  N    . LEU A 1 95  ? 4.960   -7.899  -4.669  1.00 17.93 ? 91  LEU A N    1 
ATOM   727  C  CA   . LEU A 1 95  ? 3.608   -7.434  -5.134  1.00 18.54 ? 91  LEU A CA   1 
ATOM   728  C  C    . LEU A 1 95  ? 3.823   -5.997  -5.588  1.00 18.33 ? 91  LEU A C    1 
ATOM   729  O  O    . LEU A 1 95  ? 4.265   -5.138  -4.807  1.00 17.56 ? 91  LEU A O    1 
ATOM   730  C  CB   . LEU A 1 95  ? 2.602   -7.453  -3.988  1.00 20.66 ? 91  LEU A CB   1 
ATOM   731  C  CG   . LEU A 1 95  ? 1.977   -8.815  -3.641  1.00 20.04 ? 91  LEU A CG   1 
ATOM   732  C  CD1  . LEU A 1 95  ? 1.207   -8.722  -2.311  1.00 21.66 ? 91  LEU A CD1  1 
ATOM   733  C  CD2  . LEU A 1 95  ? 1.011   -9.324  -4.708  1.00 21.83 ? 91  LEU A CD2  1 
ATOM   734  N  N    . VAL A 1 96  ? 3.506   -5.752  -6.842  1.00 19.86 ? 92  VAL A N    1 
ATOM   735  C  CA   . VAL A 1 96  ? 3.747   -4.445  -7.492  1.00 19.49 ? 92  VAL A CA   1 
ATOM   736  C  C    . VAL A 1 96  ? 2.378   -3.833  -7.824  1.00 20.07 ? 92  VAL A C    1 
ATOM   737  O  O    . VAL A 1 96  ? 1.615   -4.406  -8.595  1.00 18.35 ? 92  VAL A O    1 
ATOM   738  C  CB   . VAL A 1 96  ? 4.536   -4.627  -8.800  1.00 20.17 ? 92  VAL A CB   1 
ATOM   739  C  CG1  . VAL A 1 96  ? 4.730   -3.261  -9.505  1.00 22.03 ? 92  VAL A CG1  1 
ATOM   740  C  CG2  . VAL A 1 96  ? 5.864   -5.294  -8.495  1.00 20.29 ? 92  VAL A CG2  1 
ATOM   741  N  N    . HIS A 1 97  ? 2.101   -2.671  -7.247  1.00 18.51 ? 93  HIS A N    1 
ATOM   742  C  CA   . HIS A 1 97  ? 0.779   -2.037  -7.305  1.00 19.12 ? 93  HIS A CA   1 
ATOM   743  C  C    . HIS A 1 97  ? 0.950   -0.677  -8.010  1.00 20.87 ? 93  HIS A C    1 
ATOM   744  O  O    . HIS A 1 97  ? 1.648   0.198   -7.479  1.00 20.59 ? 93  HIS A O    1 
ATOM   745  C  CB   . HIS A 1 97  ? 0.283   -1.839  -5.869  1.00 17.16 ? 93  HIS A CB   1 
ATOM   746  C  CG   . HIS A 1 97  ? -1.031  -1.145  -5.750  1.00 19.15 ? 93  HIS A CG   1 
ATOM   747  N  ND1  . HIS A 1 97  ? -1.628  -0.905  -4.536  1.00 20.34 ? 93  HIS A ND1  1 
ATOM   748  C  CD2  . HIS A 1 97  ? -1.856  -0.617  -6.681  1.00 20.74 ? 93  HIS A CD2  1 
ATOM   749  C  CE1  . HIS A 1 97  ? -2.778  -0.280  -4.717  1.00 20.81 ? 93  HIS A CE1  1 
ATOM   750  N  NE2  . HIS A 1 97  ? -2.938  -0.101  -6.015  1.00 19.75 ? 93  HIS A NE2  1 
ATOM   751  N  N    . VAL A 1 98  ? 0.360   -0.545  -9.204  1.00 21.53 ? 94  VAL A N    1 
ATOM   752  C  CA   . VAL A 1 98  ? 0.489   0.675   -10.024 1.00 22.02 ? 94  VAL A CA   1 
ATOM   753  C  C    . VAL A 1 98  ? -0.825  1.408   -9.926  1.00 19.77 ? 94  VAL A C    1 
ATOM   754  O  O    . VAL A 1 98  ? -1.849  0.790   -10.162 1.00 17.81 ? 94  VAL A O    1 
ATOM   755  C  CB   . VAL A 1 98  ? 0.805   0.399   -11.501 1.00 24.46 ? 94  VAL A CB   1 
ATOM   756  C  CG1  . VAL A 1 98  ? 0.891   1.729   -12.252 1.00 27.61 ? 94  VAL A CG1  1 
ATOM   757  C  CG2  . VAL A 1 98  ? 2.124   -0.355  -11.623 1.00 29.95 ? 94  VAL A CG2  1 
ATOM   758  N  N    . GLN A 1 99  ? -0.811  2.692   -9.532  1.00 20.81 ? 95  GLN A N    1 
ATOM   759  C  CA   . GLN A 1 99  ? -2.077  3.468   -9.490  1.00 20.41 ? 95  GLN A CA   1 
ATOM   760  C  C    . GLN A 1 99  ? -1.981  4.565   -10.528 1.00 21.55 ? 95  GLN A C    1 
ATOM   761  O  O    . GLN A 1 99  ? -0.983  5.312   -10.524 1.00 20.89 ? 95  GLN A O    1 
ATOM   762  C  CB   . GLN A 1 99  ? -2.264  4.125   -8.124  1.00 19.85 ? 95  GLN A CB   1 
ATOM   763  C  CG   . GLN A 1 99  ? -2.476  3.163   -6.985  1.00 21.01 ? 95  GLN A CG   1 
ATOM   764  C  CD   . GLN A 1 99  ? -2.558  3.889   -5.666  1.00 22.46 ? 95  GLN A CD   1 
ATOM   765  O  OE1  . GLN A 1 99  ? -2.020  4.999   -5.494  1.00 23.42 ? 95  GLN A OE1  1 
ATOM   766  N  NE2  . GLN A 1 99  ? -3.199  3.269   -4.714  1.00 23.14 ? 95  GLN A NE2  1 
ATOM   767  N  N    . LYS A 1 100 ? -3.003  4.659   -11.404 1.00 20.28 ? 96  LYS A N    1 
ATOM   768  C  CA   . LYS A 1 100 ? -3.036  5.677   -12.475 1.00 23.83 ? 96  LYS A CA   1 
ATOM   769  C  C    . LYS A 1 100 ? -4.259  6.608   -12.284 1.00 21.11 ? 96  LYS A C    1 
ATOM   770  O  O    . LYS A 1 100 ? -5.379  6.142   -12.055 1.00 20.14 ? 96  LYS A O    1 
ATOM   771  C  CB   . LYS A 1 100 ? -3.246  5.007   -13.834 1.00 25.05 ? 96  LYS A CB   1 
ATOM   772  C  CG   . LYS A 1 100 ? -2.347  3.864   -14.207 1.00 31.59 ? 96  LYS A CG   1 
ATOM   773  C  CD   . LYS A 1 100 ? -1.059  4.297   -14.846 1.00 37.37 ? 96  LYS A CD   1 
ATOM   774  C  CE   . LYS A 1 100 ? -0.506  3.166   -15.711 1.00 40.18 ? 96  LYS A CE   1 
ATOM   775  N  NZ   . LYS A 1 100 ? 0.992   3.185   -15.622 1.00 56.22 ? 96  LYS A NZ   1 
ATOM   776  N  N    . TRP A 1 101 ? -4.058  7.920   -12.403 1.00 23.81 ? 97  TRP A N    1 
ATOM   777  C  CA   . TRP A 1 101 ? -5.187  8.865   -12.351 1.00 25.85 ? 97  TRP A CA   1 
ATOM   778  C  C    . TRP A 1 101 ? -4.682  10.178  -12.983 1.00 28.69 ? 97  TRP A C    1 
ATOM   779  O  O    . TRP A 1 101 ? -3.497  10.508  -12.879 1.00 25.34 ? 97  TRP A O    1 
ATOM   780  C  CB   . TRP A 1 101 ? -5.673  9.097   -10.902 1.00 25.23 ? 97  TRP A CB   1 
ATOM   781  C  CG   . TRP A 1 101 ? -4.729  10.014  -10.051 1.00 26.88 ? 97  TRP A CG   1 
ATOM   782  C  CD1  . TRP A 1 101 ? -4.961  11.310  -9.674  1.00 25.93 ? 97  TRP A CD1  1 
ATOM   783  C  CD2  . TRP A 1 101 ? -3.420  9.690   -9.548  1.00 24.85 ? 97  TRP A CD2  1 
ATOM   784  N  NE1  . TRP A 1 101 ? -3.899  11.815  -8.956  1.00 26.22 ? 97  TRP A NE1  1 
ATOM   785  C  CE2  . TRP A 1 101 ? -2.939  10.846  -8.855  1.00 26.11 ? 97  TRP A CE2  1 
ATOM   786  C  CE3  . TRP A 1 101 ? -2.622  8.538   -9.589  1.00 24.61 ? 97  TRP A CE3  1 
ATOM   787  C  CZ2  . TRP A 1 101 ? -1.670  10.899  -8.247  1.00 27.11 ? 97  TRP A CZ2  1 
ATOM   788  C  CZ3  . TRP A 1 101 ? -1.358  8.584   -8.969  1.00 24.52 ? 97  TRP A CZ3  1 
ATOM   789  C  CH2  . TRP A 1 101 ? -0.892  9.779   -8.316  1.00 24.43 ? 97  TRP A CH2  1 
ATOM   790  N  N    . ASP A 1 102 ? -5.586  10.900  -13.659 1.00 29.62 ? 98  ASP A N    1 
ATOM   791  C  CA   . ASP A 1 102 ? -5.276  12.221  -14.239 1.00 28.18 ? 98  ASP A CA   1 
ATOM   792  C  C    . ASP A 1 102 ? -3.960  12.237  -14.985 1.00 27.39 ? 98  ASP A C    1 
ATOM   793  O  O    . ASP A 1 102 ? -3.176  13.159  -14.841 1.00 28.16 ? 98  ASP A O    1 
ATOM   794  C  CB   . ASP A 1 102 ? -5.257  13.290  -13.148 1.00 30.77 ? 98  ASP A CB   1 
ATOM   795  C  CG   . ASP A 1 102 ? -6.593  13.422  -12.459 1.00 35.55 ? 98  ASP A CG   1 
ATOM   796  O  OD1  . ASP A 1 102 ? -7.592  12.915  -13.023 1.00 43.89 ? 98  ASP A OD1  1 
ATOM   797  O  OD2  . ASP A 1 102 ? -6.677  14.044  -11.372 1.00 42.65 ? 98  ASP A OD2  1 
ATOM   798  N  N    . GLY A 1 103 ? -3.663  11.174  -15.704 1.00 24.18 ? 99  GLY A N    1 
ATOM   799  C  CA   . GLY A 1 103 ? -2.383  11.101  -16.373 1.00 25.17 ? 99  GLY A CA   1 
ATOM   800  C  C    . GLY A 1 103 ? -1.127  10.978  -15.510 1.00 28.04 ? 99  GLY A C    1 
ATOM   801  O  O    . GLY A 1 103 ? -0.002  11.035  -16.050 1.00 27.47 ? 99  GLY A O    1 
ATOM   802  N  N    . LYS A 1 104 ? -1.295  10.807  -14.188 1.00 27.32 ? 100 LYS A N    1 
ATOM   803  C  CA   . LYS A 1 104 ? -0.151  10.561  -13.286 1.00 24.76 ? 100 LYS A CA   1 
ATOM   804  C  C    . LYS A 1 104 ? -0.111  9.085   -12.933 1.00 22.99 ? 100 LYS A C    1 
ATOM   805  O  O    . LYS A 1 104 ? -1.080  8.350   -13.165 1.00 19.90 ? 100 LYS A O    1 
ATOM   806  C  CB   . LYS A 1 104 ? -0.275  11.374  -12.010 1.00 26.45 ? 100 LYS A CB   1 
ATOM   807  C  CG   . LYS A 1 104 ? -0.442  12.879  -12.272 1.00 31.20 ? 100 LYS A CG   1 
ATOM   808  C  CD   . LYS A 1 104 ? -0.872  13.558  -10.995 1.00 36.85 ? 100 LYS A CD   1 
ATOM   809  C  CE   . LYS A 1 104 ? -1.653  14.810  -11.273 1.00 41.37 ? 100 LYS A CE   1 
ATOM   810  N  NZ   . LYS A 1 104 ? -2.295  15.138  -9.977  1.00 46.51 ? 100 LYS A NZ   1 
ATOM   811  N  N    . SER A 1 105 ? 1.033   8.644   -12.418 1.00 23.34 ? 101 SER A N    1 
ATOM   812  C  CA   . SER A 1 105 ? 1.183   7.265   -11.996 1.00 22.98 ? 101 SER A CA   1 
ATOM   813  C  C    . SER A 1 105 ? 2.063   7.205   -10.737 1.00 24.62 ? 101 SER A C    1 
ATOM   814  O  O    . SER A 1 105 ? 3.093   7.891   -10.660 1.00 23.28 ? 101 SER A O    1 
ATOM   815  C  CB   . SER A 1 105 ? 1.784   6.450   -13.153 1.00 23.74 ? 101 SER A CB   1 
ATOM   816  O  OG   . SER A 1 105 ? 2.143   5.166   -12.734 1.00 26.10 ? 101 SER A OG   1 
ATOM   817  N  N    . THR A 1 106 ? 1.646   6.381   -9.787  1.00 21.48 ? 102 THR A N    1 
ATOM   818  C  CA   . THR A 1 106 ? 2.463   5.999   -8.614  1.00 21.00 ? 102 THR A CA   1 
ATOM   819  C  C    . THR A 1 106 ? 2.600   4.465   -8.484  1.00 20.72 ? 102 THR A C    1 
ATOM   820  O  O    . THR A 1 106 ? 1.646   3.747   -8.756  1.00 21.26 ? 102 THR A O    1 
ATOM   821  C  CB   . THR A 1 106 ? 1.949   6.658   -7.337  1.00 19.61 ? 102 THR A CB   1 
ATOM   822  O  OG1  . THR A 1 106 ? 2.909   6.457   -6.279  1.00 21.69 ? 102 THR A OG1  1 
ATOM   823  C  CG2  . THR A 1 106 ? 0.605   6.141   -6.938  1.00 17.92 ? 102 THR A CG2  1 
ATOM   824  N  N    . THR A 1 107 ? 3.784   3.992   -8.098  1.00 19.28 ? 103 THR A N    1 
ATOM   825  C  CA   . THR A 1 107 ? 4.018   2.533   -7.915  1.00 18.66 ? 103 THR A CA   1 
ATOM   826  C  C    . THR A 1 107 ? 4.342   2.228   -6.444  1.00 19.08 ? 103 THR A C    1 
ATOM   827  O  O    . THR A 1 107 ? 5.222   2.888   -5.838  1.00 19.11 ? 103 THR A O    1 
ATOM   828  C  CB   . THR A 1 107 ? 5.120   2.092   -8.881  1.00 20.74 ? 103 THR A CB   1 
ATOM   829  O  OG1  . THR A 1 107 ? 4.625   2.333   -10.201 1.00 24.03 ? 103 THR A OG1  1 
ATOM   830  C  CG2  . THR A 1 107 ? 5.475   0.584   -8.743  1.00 23.03 ? 103 THR A CG2  1 
ATOM   831  N  N    . ILE A 1 108 ? 3.587   1.279   -5.870  1.00 18.82 ? 104 ILE A N    1 
ATOM   832  C  CA   . ILE A 1 108 ? 3.761   0.836   -4.481  1.00 18.42 ? 104 ILE A CA   1 
ATOM   833  C  C    . ILE A 1 108 ? 4.218   -0.634  -4.539  1.00 18.11 ? 104 ILE A C    1 
ATOM   834  O  O    . ILE A 1 108 ? 3.493   -1.471  -5.057  1.00 17.47 ? 104 ILE A O    1 
ATOM   835  C  CB   . ILE A 1 108 ? 2.441   0.864   -3.725  1.00 18.76 ? 104 ILE A CB   1 
ATOM   836  C  CG1  . ILE A 1 108 ? 1.931   2.318   -3.581  1.00 18.17 ? 104 ILE A CG1  1 
ATOM   837  C  CG2  . ILE A 1 108 ? 2.654   0.230   -2.339  1.00 18.80 ? 104 ILE A CG2  1 
ATOM   838  C  CD1  . ILE A 1 108 ? 0.407   2.378   -3.646  1.00 20.56 ? 104 ILE A CD1  1 
ATOM   839  N  N    . LYS A 1 109 ? 5.408   -0.938  -4.019  1.00 17.68 ? 105 LYS A N    1 
ATOM   840  C  CA   . LYS A 1 109 ? 5.854   -2.347  -4.032  1.00 17.97 ? 105 LYS A CA   1 
ATOM   841  C  C    . LYS A 1 109 ? 5.811   -2.889  -2.610  1.00 17.53 ? 105 LYS A C    1 
ATOM   842  O  O    . LYS A 1 109 ? 6.215   -2.207  -1.701  1.00 18.83 ? 105 LYS A O    1 
ATOM   843  C  CB   . LYS A 1 109 ? 7.277   -2.467  -4.571  1.00 20.36 ? 105 LYS A CB   1 
ATOM   844  C  CG   . LYS A 1 109 ? 7.355   -2.200  -6.062  1.00 24.77 ? 105 LYS A CG   1 
ATOM   845  C  CD   . LYS A 1 109 ? 8.784   -2.272  -6.532  1.00 27.80 ? 105 LYS A CD   1 
ATOM   846  C  CE   . LYS A 1 109 ? 8.771   -2.406  -8.037  1.00 33.66 ? 105 LYS A CE   1 
ATOM   847  N  NZ   . LYS A 1 109 ? 10.127  -2.202  -8.582  1.00 37.26 ? 105 LYS A NZ   1 
ATOM   848  N  N    . ARG A 1 110 ? 5.306   -4.094  -2.428  1.00 16.56 ? 106 ARG A N    1 
ATOM   849  C  CA   . ARG A 1 110 ? 5.255   -4.716  -1.079  1.00 17.08 ? 106 ARG A CA   1 
ATOM   850  C  C    . ARG A 1 110 ? 6.193   -5.935  -1.161  1.00 18.40 ? 106 ARG A C    1 
ATOM   851  O  O    . ARG A 1 110 ? 6.003   -6.816  -1.998  1.00 18.69 ? 106 ARG A O    1 
ATOM   852  C  CB   . ARG A 1 110 ? 3.805   -5.105  -0.673  1.00 18.48 ? 106 ARG A CB   1 
ATOM   853  C  CG   . ARG A 1 110 ? 2.891   -3.878  -0.468  1.00 22.34 ? 106 ARG A CG   1 
ATOM   854  C  CD   . ARG A 1 110 ? 1.433   -4.301  -0.296  1.00 24.20 ? 106 ARG A CD   1 
ATOM   855  N  NE   . ARG A 1 110 ? 0.515   -3.155  -0.143  1.00 26.87 ? 106 ARG A NE   1 
ATOM   856  C  CZ   . ARG A 1 110 ? -0.022  -2.471  -1.150  1.00 25.50 ? 106 ARG A CZ   1 
ATOM   857  N  NH1  . ARG A 1 110 ? 0.266   -2.749  -2.416  1.00 29.61 ? 106 ARG A NH1  1 
ATOM   858  N  NH2  . ARG A 1 110 ? -0.866  -1.482  -0.879  1.00 32.77 ? 106 ARG A NH2  1 
ATOM   859  N  N    . LYS A 1 111 ? 7.205   -5.986  -0.299  1.00 19.79 ? 107 LYS A N    1 
ATOM   860  C  CA   . LYS A 1 111 ? 8.081   -7.151  -0.296  1.00 22.51 ? 107 LYS A CA   1 
ATOM   861  C  C    . LYS A 1 111 ? 8.345   -7.677  1.114   1.00 20.79 ? 107 LYS A C    1 
ATOM   862  O  O    . LYS A 1 111 ? 8.215   -6.944  2.084   1.00 19.56 ? 107 LYS A O    1 
ATOM   863  C  CB   . LYS A 1 111 ? 9.407   -6.820  -0.969  1.00 27.09 ? 107 LYS A CB   1 
ATOM   864  C  CG   . LYS A 1 111 ? 10.024  -5.541  -0.536  1.00 30.67 ? 107 LYS A CG   1 
ATOM   865  C  CD   . LYS A 1 111 ? 11.148  -5.141  -1.499  1.00 37.46 ? 107 LYS A CD   1 
ATOM   866  C  CE   . LYS A 1 111 ? 10.646  -4.890  -2.916  1.00 41.20 ? 107 LYS A CE   1 
ATOM   867  N  NZ   . LYS A 1 111 ? 10.785  -3.503  -3.460  1.00 41.84 ? 107 LYS A NZ   1 
ATOM   868  N  N    . ARG A 1 112 ? 8.681   -8.955  1.189   1.00 17.62 ? 108 ARG A N    1 
ATOM   869  C  CA   . ARG A 1 112 ? 9.189   -9.530  2.444   1.00 17.97 ? 108 ARG A CA   1 
ATOM   870  C  C    . ARG A 1 112 ? 10.657  -9.395  2.574   1.00 17.28 ? 108 ARG A C    1 
ATOM   871  O  O    . ARG A 1 112 ? 11.396  -9.800  1.673   1.00 18.39 ? 108 ARG A O    1 
ATOM   872  C  CB   . ARG A 1 112 ? 8.769   -11.005 2.597   1.00 17.73 ? 108 ARG A CB   1 
ATOM   873  C  CG   . ARG A 1 112 ? 7.292   -11.180 2.952   1.00 19.74 ? 108 ARG A CG   1 
ATOM   874  C  CD   . ARG A 1 112 ? 6.885   -10.698 4.354   1.00 18.55 ? 108 ARG A CD   1 
ATOM   875  N  NE   . ARG A 1 112 ? 7.861   -11.093 5.396   1.00 20.85 ? 108 ARG A NE   1 
ATOM   876  C  CZ   . ARG A 1 112 ? 7.799   -12.251 6.051   1.00 24.37 ? 108 ARG A CZ   1 
ATOM   877  N  NH1  . ARG A 1 112 ? 6.806   -13.118 5.794   1.00 20.00 ? 108 ARG A NH1  1 
ATOM   878  N  NH2  . ARG A 1 112 ? 8.726   -12.565 6.948   1.00 24.75 ? 108 ARG A NH2  1 
ATOM   879  N  N    . GLU A 1 113 ? 11.128  -8.826  3.697   1.00 18.11 ? 109 GLU A N    1 
ATOM   880  C  CA   . GLU A 1 113 ? 12.559  -8.670  3.935   1.00 18.04 ? 109 GLU A CA   1 
ATOM   881  C  C    . GLU A 1 113 ? 12.758  -8.996  5.413   1.00 16.58 ? 109 GLU A C    1 
ATOM   882  O  O    . GLU A 1 113 ? 12.182  -8.306  6.340   1.00 17.50 ? 109 GLU A O    1 
ATOM   883  C  CB   . GLU A 1 113 ? 13.044  -7.241  3.692   1.00 19.38 ? 109 GLU A CB   1 
ATOM   884  C  CG   . GLU A 1 113 ? 12.905  -6.763  2.256   1.00 27.05 ? 109 GLU A CG   1 
ATOM   885  C  CD   . GLU A 1 113 ? 13.388  -5.340  2.029   1.00 32.97 ? 109 GLU A CD   1 
ATOM   886  O  OE1  . GLU A 1 113 ? 14.304  -4.882  2.777   1.00 34.44 ? 109 GLU A OE1  1 
ATOM   887  O  OE2  . GLU A 1 113 ? 12.853  -4.697  1.078   1.00 34.29 ? 109 GLU A OE2  1 
ATOM   888  N  N    . ASP A 1 114 ? 13.489  -10.079 5.650   1.00 18.18 ? 110 ASP A N    1 
ATOM   889  C  CA   . ASP A 1 114 ? 13.546  -10.690 7.018   1.00 17.74 ? 110 ASP A CA   1 
ATOM   890  C  C    . ASP A 1 114 ? 12.131  -10.867 7.553   1.00 18.39 ? 110 ASP A C    1 
ATOM   891  O  O    . ASP A 1 114 ? 11.262  -11.342 6.824   1.00 16.02 ? 110 ASP A O    1 
ATOM   892  C  CB   . ASP A 1 114 ? 14.486  -9.897  7.946   1.00 21.21 ? 110 ASP A CB   1 
ATOM   893  C  CG   . ASP A 1 114 ? 15.845  -9.702  7.314   1.00 24.42 ? 110 ASP A CG   1 
ATOM   894  O  OD1  . ASP A 1 114 ? 16.389  -10.663 6.735   1.00 26.55 ? 110 ASP A OD1  1 
ATOM   895  O  OD2  . ASP A 1 114 ? 16.392  -8.582  7.391   1.00 26.42 ? 110 ASP A OD2  1 
ATOM   896  N  N    . ASP A 1 115 ? 11.873  -10.470 8.794   1.00 17.03 ? 111 ASP A N    1 
ATOM   897  C  CA   . ASP A 1 115 ? 10.529  -10.662 9.375   1.00 20.11 ? 111 ASP A CA   1 
ATOM   898  C  C    . ASP A 1 115 ? 9.559   -9.506  9.062   1.00 21.69 ? 111 ASP A C    1 
ATOM   899  O  O    . ASP A 1 115 ? 8.439   -9.471  9.636   1.00 23.76 ? 111 ASP A O    1 
ATOM   900  C  CB   . ASP A 1 115 ? 10.630  -10.736 10.901  1.00 22.02 ? 111 ASP A CB   1 
ATOM   901  C  CG   . ASP A 1 115 ? 11.082  -12.113 11.382  1.00 26.48 ? 111 ASP A CG   1 
ATOM   902  O  OD1  . ASP A 1 115 ? 10.781  -13.107 10.678  1.00 30.45 ? 111 ASP A OD1  1 
ATOM   903  O  OD2  . ASP A 1 115 ? 11.731  -12.173 12.452  1.00 28.48 ? 111 ASP A OD2  1 
ATOM   904  N  N    . LYS A 1 116 ? 9.998   -8.578  8.197   1.00 19.47 ? 112 LYS A N    1 
ATOM   905  C  CA   . LYS A 1 116 ? 9.250   -7.349  7.914   1.00 17.50 ? 112 LYS A CA   1 
ATOM   906  C  C    . LYS A 1 116 ? 8.502   -7.469  6.625   1.00 18.52 ? 112 LYS A C    1 
ATOM   907  O  O    . LYS A 1 116 ? 8.883   -8.224  5.757   1.00 17.76 ? 112 LYS A O    1 
ATOM   908  C  CB   . LYS A 1 116 ? 10.232  -6.201  7.818   1.00 21.67 ? 112 LYS A CB   1 
ATOM   909  C  CG   . LYS A 1 116 ? 10.797  -5.865  9.200   1.00 24.66 ? 112 LYS A CG   1 
ATOM   910  C  CD   . LYS A 1 116 ? 12.190  -5.267  9.107   1.00 33.08 ? 112 LYS A CD   1 
ATOM   911  C  CE   . LYS A 1 116 ? 12.757  -5.034  10.524  1.00 39.18 ? 112 LYS A CE   1 
ATOM   912  N  NZ   . LYS A 1 116 ? 12.096  -5.885  11.589  1.00 40.11 ? 112 LYS A NZ   1 
ATOM   913  N  N    . LEU A 1 117 ? 7.462   -6.667  6.501   1.00 16.75 ? 113 LEU A N    1 
ATOM   914  C  CA   . LEU A 1 117 ? 6.839   -6.402  5.197   1.00 16.95 ? 113 LEU A CA   1 
ATOM   915  C  C    . LEU A 1 117 ? 7.146   -4.930  4.911   1.00 17.21 ? 113 LEU A C    1 
ATOM   916  O  O    . LEU A 1 117 ? 6.722   -4.024  5.662   1.00 16.75 ? 113 LEU A O    1 
ATOM   917  C  CB   . LEU A 1 117 ? 5.346   -6.680  5.271   1.00 17.39 ? 113 LEU A CB   1 
ATOM   918  C  CG   . LEU A 1 117 ? 4.614   -6.674  3.915   1.00 20.05 ? 113 LEU A CG   1 
ATOM   919  C  CD1  . LEU A 1 117 ? 3.262   -7.332  4.030   1.00 21.39 ? 113 LEU A CD1  1 
ATOM   920  C  CD2  . LEU A 1 117 ? 4.429   -5.248  3.472   1.00 21.31 ? 113 LEU A CD2  1 
ATOM   921  N  N    . VAL A 1 118 ? 7.915   -4.737  3.847   1.00 16.36 ? 114 VAL A N    1 
ATOM   922  C  CA   . VAL A 1 118 ? 8.486   -3.405  3.467   1.00 17.38 ? 114 VAL A CA   1 
ATOM   923  C  C    . VAL A 1 118 ? 7.660   -2.878  2.317   1.00 18.61 ? 114 VAL A C    1 
ATOM   924  O  O    . VAL A 1 118 ? 7.426   -3.598  1.370   1.00 16.41 ? 114 VAL A O    1 
ATOM   925  C  CB   . VAL A 1 118 ? 10.007  -3.500  3.188   1.00 18.26 ? 114 VAL A CB   1 
ATOM   926  C  CG1  . VAL A 1 118 ? 10.605  -2.200  2.632   1.00 19.70 ? 114 VAL A CG1  1 
ATOM   927  C  CG2  . VAL A 1 118 ? 10.727  -3.858  4.501   1.00 18.55 ? 114 VAL A CG2  1 
ATOM   928  N  N    . VAL A 1 119 ? 7.212   -1.634  2.432   1.00 18.91 ? 115 VAL A N    1 
ATOM   929  C  CA   . VAL A 1 119 ? 6.351   -1.024  1.421   1.00 18.69 ? 115 VAL A CA   1 
ATOM   930  C  C    . VAL A 1 119 ? 7.170   0.166   0.867   1.00 19.75 ? 115 VAL A C    1 
ATOM   931  O  O    . VAL A 1 119 ? 7.514   1.067   1.646   1.00 21.45 ? 115 VAL A O    1 
ATOM   932  C  CB   . VAL A 1 119 ? 5.034   -0.535  2.068   1.00 19.27 ? 115 VAL A CB   1 
ATOM   933  C  CG1  . VAL A 1 119 ? 4.104   0.096   1.034   1.00 18.57 ? 115 VAL A CG1  1 
ATOM   934  C  CG2  . VAL A 1 119 ? 4.298   -1.703  2.705   1.00 19.29 ? 115 VAL A CG2  1 
ATOM   935  N  N    . GLU A 1 120 ? 7.473   0.166   -0.437  1.00 20.60 ? 116 GLU A N    1 
ATOM   936  C  CA   . GLU A 1 120 ? 8.185   1.243   -1.122  1.00 22.97 ? 116 GLU A CA   1 
ATOM   937  C  C    . GLU A 1 120 ? 7.187   1.944   -2.069  1.00 20.33 ? 116 GLU A C    1 
ATOM   938  O  O    . GLU A 1 120 ? 6.584   1.276   -2.915  1.00 20.28 ? 116 GLU A O    1 
ATOM   939  C  CB   . GLU A 1 120 ? 9.386   0.715   -1.932  1.00 26.83 ? 116 GLU A CB   1 
ATOM   940  C  CG   . GLU A 1 120 ? 10.636  0.445   -1.119  1.00 37.56 ? 116 GLU A CG   1 
ATOM   941  C  CD   . GLU A 1 120 ? 11.370  -0.827  -1.526  1.00 46.46 ? 116 GLU A CD   1 
ATOM   942  O  OE1  . GLU A 1 120 ? 11.225  -1.292  -2.691  1.00 51.77 ? 116 GLU A OE1  1 
ATOM   943  O  OE2  . GLU A 1 120 ? 12.102  -1.364  -0.669  1.00 50.53 ? 116 GLU A OE2  1 
ATOM   944  N  N    . CYS A 1 121 ? 7.011   3.255   -1.859  1.00 19.76 ? 117 CYS A N    1 
ATOM   945  C  CA   . CYS A 1 121 ? 6.041   4.094   -2.563  1.00 20.87 ? 117 CYS A CA   1 
ATOM   946  C  C    . CYS A 1 121 ? 6.886   5.053   -3.389  1.00 20.62 ? 117 CYS A C    1 
ATOM   947  O  O    . CYS A 1 121 ? 7.751   5.720   -2.851  1.00 21.16 ? 117 CYS A O    1 
ATOM   948  C  CB   . CYS A 1 121 ? 5.198   4.845   -1.506  1.00 23.85 ? 117 CYS A CB   1 
ATOM   949  S  SG   . CYS A 1 121 ? 4.300   3.668   -0.432  1.00 27.74 ? 117 CYS A SG   1 
ATOM   950  N  N    . VAL A 1 122 ? 6.670   5.076   -4.701  1.00 21.27 ? 118 VAL A N    1 
ATOM   951  C  CA   . VAL A 1 122 ? 7.403   5.976   -5.609  1.00 22.82 ? 118 VAL A CA   1 
ATOM   952  C  C    . VAL A 1 122 ? 6.426   6.817   -6.433  1.00 23.02 ? 118 VAL A C    1 
ATOM   953  O  O    . VAL A 1 122 ? 5.468   6.287   -7.006  1.00 20.86 ? 118 VAL A O    1 
ATOM   954  C  CB   . VAL A 1 122 ? 8.333   5.174   -6.545  1.00 25.25 ? 118 VAL A CB   1 
ATOM   955  C  CG1  . VAL A 1 122 ? 9.097   6.088   -7.515  1.00 27.81 ? 118 VAL A CG1  1 
ATOM   956  C  CG2  . VAL A 1 122 ? 9.324   4.411   -5.673  1.00 28.28 ? 118 VAL A CG2  1 
ATOM   957  N  N    . MET A 1 123 ? 6.636   8.119   -6.420  1.00 21.09 ? 119 MET A N    1 
ATOM   958  C  CA   . MET A 1 123 ? 5.892   9.062   -7.296  1.00 26.35 ? 119 MET A CA   1 
ATOM   959  C  C    . MET A 1 123 ? 6.934   10.019  -7.858  1.00 27.21 ? 119 MET A C    1 
ATOM   960  O  O    . MET A 1 123 ? 7.521   10.785  -7.102  1.00 26.51 ? 119 MET A O    1 
ATOM   961  C  CB   . MET A 1 123 ? 4.905   9.862   -6.447  1.00 27.27 ? 119 MET A CB   1 
ATOM   962  C  CG   . MET A 1 123 ? 4.250   11.076  -7.146  1.00 30.10 ? 119 MET A CG   1 
ATOM   963  S  SD   . MET A 1 123 ? 3.005   10.506  -8.270  1.00 32.83 ? 119 MET A SD   1 
ATOM   964  C  CE   . MET A 1 123 ? 2.470   11.931  -9.219  1.00 27.83 ? 119 MET A CE   1 
ATOM   965  N  N    . LYS A 1 124 ? 7.174   9.963   -9.175  1.00 31.94 ? 120 LYS A N    1 
ATOM   966  C  CA   . LYS A 1 124 ? 8.207   10.825  -9.833  1.00 31.86 ? 120 LYS A CA   1 
ATOM   967  C  C    . LYS A 1 124 ? 9.567   10.681  -9.111  1.00 33.09 ? 120 LYS A C    1 
ATOM   968  O  O    . LYS A 1 124 ? 10.029  9.559   -8.842  1.00 28.80 ? 120 LYS A O    1 
ATOM   969  C  CB   . LYS A 1 124 ? 7.712   12.284  -9.948  1.00 33.85 ? 120 LYS A CB   1 
ATOM   970  C  CG   . LYS A 1 124 ? 6.594   12.429  -10.976 1.00 43.33 ? 120 LYS A CG   1 
ATOM   971  C  CD   . LYS A 1 124 ? 5.774   13.709  -10.834 1.00 50.41 ? 120 LYS A CD   1 
ATOM   972  C  CE   . LYS A 1 124 ? 6.287   14.797  -11.770 1.00 56.69 ? 120 LYS A CE   1 
ATOM   973  N  NZ   . LYS A 1 124 ? 5.331   15.939  -11.913 1.00 65.97 ? 120 LYS A NZ   1 
ATOM   974  N  N    . GLY A 1 125 ? 10.205  11.783  -8.746  1.00 31.11 ? 121 GLY A N    1 
ATOM   975  C  CA   . GLY A 1 125 ? 11.500  11.630  -8.020  1.00 34.59 ? 121 GLY A CA   1 
ATOM   976  C  C    . GLY A 1 125 ? 11.481  10.948  -6.636  1.00 35.36 ? 121 GLY A C    1 
ATOM   977  O  O    . GLY A 1 125 ? 12.532  10.697  -6.026  1.00 37.35 ? 121 GLY A O    1 
ATOM   978  N  N    . VAL A 1 126 ? 10.298  10.647  -6.136  1.00 28.74 ? 122 VAL A N    1 
ATOM   979  C  CA   . VAL A 1 126 ? 10.088  10.727  -4.711  1.00 27.95 ? 122 VAL A CA   1 
ATOM   980  C  C    . VAL A 1 126 ? 9.724   9.371   -4.145  1.00 27.66 ? 122 VAL A C    1 
ATOM   981  O  O    . VAL A 1 126 ? 8.732   8.791   -4.545  1.00 27.71 ? 122 VAL A O    1 
ATOM   982  C  CB   . VAL A 1 126 ? 9.019   11.810  -4.391  1.00 29.76 ? 122 VAL A CB   1 
ATOM   983  C  CG1  . VAL A 1 126 ? 8.817   11.987  -2.887  1.00 28.59 ? 122 VAL A CG1  1 
ATOM   984  C  CG2  . VAL A 1 126 ? 9.393   13.149  -5.062  1.00 30.53 ? 122 VAL A CG2  1 
ATOM   985  N  N    . THR A 1 127 ? 10.524  8.896   -3.189  1.00 25.30 ? 123 THR A N    1 
ATOM   986  C  CA   . THR A 1 127 ? 10.427  7.511   -2.666  1.00 25.69 ? 123 THR A CA   1 
ATOM   987  C  C    . THR A 1 127 ? 10.146  7.589   -1.175  1.00 25.14 ? 123 THR A C    1 
ATOM   988  O  O    . THR A 1 127 ? 10.727  8.443   -0.477  1.00 25.01 ? 123 THR A O    1 
ATOM   989  C  CB   . THR A 1 127 ? 11.710  6.660   -3.004  1.00 26.62 ? 123 THR A CB   1 
ATOM   990  O  OG1  . THR A 1 127 ? 11.857  6.539   -4.435  1.00 30.34 ? 123 THR A OG1  1 
ATOM   991  C  CG2  . THR A 1 127 ? 11.624  5.233   -2.472  1.00 30.33 ? 123 THR A CG2  1 
ATOM   992  N  N    . SER A 1 128 ? 9.219   6.761   -0.711  1.00 20.40 ? 124 SER A N    1 
ATOM   993  C  CA   . SER A 1 128 ? 8.978   6.617   0.744   1.00 19.38 ? 124 SER A CA   1 
ATOM   994  C  C    . SER A 1 128 ? 8.982   5.151   1.078   1.00 18.90 ? 124 SER A C    1 
ATOM   995  O  O    . SER A 1 128 ? 8.473   4.339   0.300   1.00 20.75 ? 124 SER A O    1 
ATOM   996  C  CB   . SER A 1 128 ? 7.634   7.207   1.128   1.00 18.97 ? 124 SER A CB   1 
ATOM   997  O  OG   . SER A 1 128 ? 7.264   6.883   2.475   1.00 22.47 ? 124 SER A OG   1 
ATOM   998  N  N    . THR A 1 129 ? 9.553   4.817   2.233   1.00 18.41 ? 125 THR A N    1 
ATOM   999  C  CA   . THR A 1 129 ? 9.599   3.432   2.681   1.00 19.74 ? 125 THR A CA   1 
ATOM   1000 C  C    . THR A 1 129 ? 8.834   3.313   3.994   1.00 19.00 ? 125 THR A C    1 
ATOM   1001 O  O    . THR A 1 129 ? 9.088   4.049   4.981   1.00 19.40 ? 125 THR A O    1 
ATOM   1002 C  CB   . THR A 1 129 ? 11.046  2.963   2.884   1.00 20.77 ? 125 THR A CB   1 
ATOM   1003 O  OG1  . THR A 1 129 ? 11.763  3.080   1.642   1.00 23.34 ? 125 THR A OG1  1 
ATOM   1004 C  CG2  . THR A 1 129 ? 11.003  1.492   3.261   1.00 22.23 ? 125 THR A CG2  1 
ATOM   1005 N  N    . ARG A 1 130 ? 7.866   2.400   4.016   1.00 18.12 ? 126 ARG A N    1 
ATOM   1006 C  CA   . ARG A 1 130 ? 7.095   2.123   5.201   1.00 18.58 ? 126 ARG A CA   1 
ATOM   1007 C  C    . ARG A 1 130 ? 7.254   0.677   5.639   1.00 19.60 ? 126 ARG A C    1 
ATOM   1008 O  O    . ARG A 1 130 ? 6.911   -0.228  4.868   1.00 21.92 ? 126 ARG A O    1 
ATOM   1009 C  CB   . ARG A 1 130 ? 5.644   2.489   4.928   1.00 18.99 ? 126 ARG A CB   1 
ATOM   1010 C  CG   . ARG A 1 130 ? 5.627   3.958   5.378   1.00 24.96 ? 126 ARG A CG   1 
ATOM   1011 C  CD   . ARG A 1 130 ? 4.562   4.742   4.843   1.00 23.51 ? 126 ARG A CD   1 
ATOM   1012 N  NE   . ARG A 1 130 ? 3.330   4.605   5.604   1.00 22.45 ? 126 ARG A NE   1 
ATOM   1013 C  CZ   . ARG A 1 130 ? 2.933   5.334   6.621   1.00 20.94 ? 126 ARG A CZ   1 
ATOM   1014 N  NH1  . ARG A 1 130 ? 3.718   6.244   7.223   1.00 21.78 ? 126 ARG A NH1  1 
ATOM   1015 N  NH2  . ARG A 1 130 ? 1.693   5.103   7.067   1.00 23.80 ? 126 ARG A NH2  1 
ATOM   1016 N  N    . VAL A 1 131 ? 7.792   0.486   6.845   1.00 18.05 ? 127 VAL A N    1 
ATOM   1017 C  CA   . VAL A 1 131 ? 8.129   -0.856  7.328   1.00 18.22 ? 127 VAL A CA   1 
ATOM   1018 C  C    . VAL A 1 131 ? 7.084   -1.351  8.319   1.00 17.31 ? 127 VAL A C    1 
ATOM   1019 O  O    . VAL A 1 131 ? 6.753   -0.604  9.264   1.00 18.10 ? 127 VAL A O    1 
ATOM   1020 C  CB   . VAL A 1 131 ? 9.490   -0.900  8.034   1.00 17.73 ? 127 VAL A CB   1 
ATOM   1021 C  CG1  . VAL A 1 131 ? 9.715   -2.333  8.538   1.00 18.41 ? 127 VAL A CG1  1 
ATOM   1022 C  CG2  . VAL A 1 131 ? 10.589  -0.441  7.092   1.00 21.59 ? 127 VAL A CG2  1 
ATOM   1023 N  N    . TYR A 1 132 ? 6.552   -2.582  8.075   1.00 17.48 ? 128 TYR A N    1 
ATOM   1024 C  CA   . TYR A 1 132 ? 5.517   -3.227  8.947   1.00 15.91 ? 128 TYR A CA   1 
ATOM   1025 C  C    . TYR A 1 132 ? 6.080   -4.516  9.554   1.00 17.97 ? 128 TYR A C    1 
ATOM   1026 O  O    . TYR A 1 132 ? 6.895   -5.206  8.904   1.00 19.19 ? 128 TYR A O    1 
ATOM   1027 C  CB   . TYR A 1 132 ? 4.296   -3.643  8.106   1.00 17.08 ? 128 TYR A CB   1 
ATOM   1028 C  CG   . TYR A 1 132 ? 3.462   -2.468  7.621   1.00 16.76 ? 128 TYR A CG   1 
ATOM   1029 C  CD1  . TYR A 1 132 ? 3.879   -1.673  6.563   1.00 17.09 ? 128 TYR A CD1  1 
ATOM   1030 C  CD2  . TYR A 1 132 ? 2.281   -2.135  8.264   1.00 17.35 ? 128 TYR A CD2  1 
ATOM   1031 C  CE1  . TYR A 1 132 ? 3.126   -0.568  6.136   1.00 18.80 ? 128 TYR A CE1  1 
ATOM   1032 C  CE2  . TYR A 1 132 ? 1.526   -1.026  7.861   1.00 17.06 ? 128 TYR A CE2  1 
ATOM   1033 C  CZ   . TYR A 1 132 ? 1.933   -0.262  6.791   1.00 18.12 ? 128 TYR A CZ   1 
ATOM   1034 O  OH   . TYR A 1 132 ? 1.138   0.793   6.389   1.00 21.90 ? 128 TYR A OH   1 
ATOM   1035 N  N    . GLU A 1 133 ? 5.624   -4.858  10.756  1.00 19.09 ? 129 GLU A N    1 
ATOM   1036 C  CA   A GLU A 1 133 ? 5.994   -6.134  11.361  0.50 19.27 ? 129 GLU A CA   1 
ATOM   1037 C  CA   B GLU A 1 133 ? 5.993   -6.134  11.376  0.50 19.72 ? 129 GLU A CA   1 
ATOM   1038 C  C    . GLU A 1 133 ? 4.735   -6.863  11.749  1.00 18.27 ? 129 GLU A C    1 
ATOM   1039 O  O    . GLU A 1 133 ? 3.674   -6.274  11.792  1.00 17.00 ? 129 GLU A O    1 
ATOM   1040 C  CB   A GLU A 1 133 ? 6.951   -5.909  12.546  0.50 20.60 ? 129 GLU A CB   1 
ATOM   1041 C  CB   B GLU A 1 133 ? 6.896   -5.918  12.604  0.50 21.72 ? 129 GLU A CB   1 
ATOM   1042 C  CG   A GLU A 1 133 ? 8.305   -5.351  12.101  0.50 22.97 ? 129 GLU A CG   1 
ATOM   1043 C  CG   B GLU A 1 133 ? 6.171   -5.684  13.916  0.50 26.05 ? 129 GLU A CG   1 
ATOM   1044 C  CD   A GLU A 1 133 ? 9.283   -5.161  13.235  0.50 25.34 ? 129 GLU A CD   1 
ATOM   1045 C  CD   B GLU A 1 133 ? 7.129   -5.348  15.051  0.50 28.38 ? 129 GLU A CD   1 
ATOM   1046 O  OE1  A GLU A 1 133 ? 8.880   -5.333  14.405  0.50 27.51 ? 129 GLU A OE1  1 
ATOM   1047 O  OE1  B GLU A 1 133 ? 8.259   -4.906  14.769  0.50 30.98 ? 129 GLU A OE1  1 
ATOM   1048 O  OE2  A GLU A 1 133 ? 10.452  -4.807  12.954  0.50 26.05 ? 129 GLU A OE2  1 
ATOM   1049 O  OE2  B GLU A 1 133 ? 6.758   -5.526  16.219  0.50 31.90 ? 129 GLU A OE2  1 
ATOM   1050 N  N    . ARG A 1 134 ? 4.845   -8.162  12.014  1.00 19.58 ? 130 ARG A N    1 
ATOM   1051 C  CA   . ARG A 1 134 ? 3.667   -8.936  12.354  1.00 21.31 ? 130 ARG A CA   1 
ATOM   1052 C  C    . ARG A 1 134 ? 3.061   -8.414  13.633  1.00 20.52 ? 130 ARG A C    1 
ATOM   1053 O  O    . ARG A 1 134 ? 3.798   -8.130  14.598  1.00 22.89 ? 130 ARG A O    1 
ATOM   1054 C  CB   . ARG A 1 134 ? 4.036   -10.410 12.533  1.00 22.21 ? 130 ARG A CB   1 
ATOM   1055 C  CG   . ARG A 1 134 ? 4.315   -11.096 11.213  1.00 22.24 ? 130 ARG A CG   1 
ATOM   1056 C  CD   . ARG A 1 134 ? 3.710   -12.483 11.144  1.00 23.74 ? 130 ARG A CD   1 
ATOM   1057 N  NE   . ARG A 1 134 ? 4.219   -13.100 9.905   1.00 26.06 ? 130 ARG A NE   1 
ATOM   1058 C  CZ   . ARG A 1 134 ? 3.492   -13.284 8.821   1.00 25.28 ? 130 ARG A CZ   1 
ATOM   1059 N  NH1  . ARG A 1 134 ? 2.218   -12.967 8.855   1.00 21.50 ? 130 ARG A NH1  1 
ATOM   1060 N  NH2  . ARG A 1 134 ? 4.027   -13.842 7.719   1.00 24.40 ? 130 ARG A NH2  1 
ATOM   1061 N  N    . ALA A 1 135 ? 1.728   -8.348  13.668  1.00 22.41 ? 131 ALA A N    1 
ATOM   1062 C  CA   . ALA A 1 135 ? 1.005   -7.852  14.845  1.00 29.84 ? 131 ALA A CA   1 
ATOM   1063 C  C    . ALA A 1 135 ? 0.905   -8.913  15.941  1.00 37.80 ? 131 ALA A C    1 
ATOM   1064 O  O    . ALA A 1 135 ? 1.024   -10.137 15.718  1.00 37.58 ? 131 ALA A O    1 
ATOM   1065 C  CB   . ALA A 1 135 ? -0.359  -7.287  14.499  1.00 29.34 ? 131 ALA A CB   1 
ATOM   1066 O  OXT  . ALA A 1 135 ? 0.764   -8.505  17.106  1.00 41.71 ? 131 ALA A OXT  1 
HETATM 1067 C  C01  . WLF B 2 .   ? 0.257   2.634   2.841   1.00 35.27 ? 201 WLF A C01  1 
HETATM 1068 C  C04  . WLF B 2 .   ? 1.077   3.380   1.821   1.00 34.00 ? 201 WLF A C04  1 
HETATM 1069 C  C05  . WLF B 2 .   ? 0.739   2.954   4.246   1.00 35.44 ? 201 WLF A C05  1 
HETATM 1070 C  C06  . WLF B 2 .   ? -1.896  4.160   2.591   1.00 36.67 ? 201 WLF A C06  1 
HETATM 1071 C  C07  . WLF B 2 .   ? 0.353   1.314   0.862   1.00 33.63 ? 201 WLF A C07  1 
HETATM 1072 O  O12  . WLF B 2 .   ? -3.119  4.237   2.360   1.00 37.18 ? 201 WLF A O12  1 
HETATM 1073 C  C13  . WLF B 2 .   ? -1.729  6.658   2.818   1.00 32.54 ? 201 WLF A C13  1 
HETATM 1074 C  C15  . WLF B 2 .   ? -2.197  7.055   4.087   1.00 29.02 ? 201 WLF A C15  1 
HETATM 1075 C  C16  . WLF B 2 .   ? -2.440  8.770   1.801   1.00 33.81 ? 201 WLF A C16  1 
HETATM 1076 C  C17  . WLF B 2 .   ? -1.369  7.126   0.285   1.00 39.62 ? 201 WLF A C17  1 
HETATM 1077 C  C18  . WLF B 2 .   ? -2.820  8.300   4.182   1.00 31.18 ? 201 WLF A C18  1 
HETATM 1078 C  C19  . WLF B 2 .   ? -2.936  9.151   3.053   1.00 30.01 ? 201 WLF A C19  1 
HETATM 1079 N  N02  . WLF B 2 .   ? -1.193  2.860   2.625   1.00 34.77 ? 201 WLF A N02  1 
HETATM 1080 C  C03  . WLF B 2 .   ? 0.418   1.189   2.400   1.00 33.51 ? 201 WLF A C03  1 
HETATM 1081 C  C08  . WLF B 2 .   ? 0.851   2.711   0.523   1.00 33.44 ? 201 WLF A C08  1 
HETATM 1082 O  O09  . WLF B 2 .   ? 0.092   3.765   5.003   1.00 34.25 ? 201 WLF A O09  1 
HETATM 1083 O  O10  . WLF B 2 .   ? 1.782   2.455   4.699   1.00 30.10 ? 201 WLF A O10  1 
HETATM 1084 N  N11  . WLF B 2 .   ? -1.119  5.347   2.801   1.00 33.08 ? 201 WLF A N11  1 
HETATM 1085 C  C14  . WLF B 2 .   ? -1.840  7.509   1.670   1.00 34.38 ? 201 WLF A C14  1 
HETATM 1086 F  F20  . WLF B 2 .   ? -0.491  6.123   0.351   1.00 50.62 ? 201 WLF A F20  1 
HETATM 1087 F  F21  . WLF B 2 .   ? -2.436  6.731   -0.436  1.00 44.89 ? 201 WLF A F21  1 
HETATM 1088 F  F22  . WLF B 2 .   ? -0.854  8.194   -0.387  1.00 41.93 ? 201 WLF A F22  1 
HETATM 1089 CL CL23 . WLF B 2 .   ? -3.667  10.735  3.195   1.00 29.56 ? 201 WLF A CL23 1 
HETATM 1090 S  S    . SO4 C 3 .   ? 7.360   -15.547 8.724   1.00 47.08 ? 202 SO4 A S    1 
HETATM 1091 O  O1   . SO4 C 3 .   ? 8.645   -14.819 8.925   1.00 37.15 ? 202 SO4 A O1   1 
HETATM 1092 O  O2   . SO4 C 3 .   ? 6.735   -15.449 7.367   1.00 47.79 ? 202 SO4 A O2   1 
HETATM 1093 O  O3   . SO4 C 3 .   ? 7.609   -16.988 8.960   1.00 49.84 ? 202 SO4 A O3   1 
HETATM 1094 O  O4   . SO4 C 3 .   ? 6.450   -15.068 9.789   1.00 47.09 ? 202 SO4 A O4   1 
HETATM 1095 C  C    . FMT D 4 .   ? 5.648   5.472   -11.597 1.00 25.36 ? 203 FMT A C    1 
HETATM 1096 O  O1   . FMT D 4 .   ? 6.309   5.590   -10.526 1.00 34.95 ? 203 FMT A O1   1 
HETATM 1097 O  O2   . FMT D 4 .   ? 4.509   4.825   -11.524 1.00 29.66 ? 203 FMT A O2   1 
HETATM 1098 S  S    . DMS E 5 .   ? -3.060  -16.787 -5.304  1.00 50.54 ? 204 DMS A S    1 
HETATM 1099 O  O    . DMS E 5 .   ? -1.815  -16.451 -6.041  1.00 49.08 ? 204 DMS A O    1 
HETATM 1100 C  C1   . DMS E 5 .   ? -2.724  -17.201 -3.691  1.00 45.79 ? 204 DMS A C1   1 
HETATM 1101 C  C2   . DMS E 5 .   ? -3.879  -15.313 -5.045  1.00 43.07 ? 204 DMS A C2   1 
HETATM 1102 S  S    . SO4 F 3 .   ? 7.668   10.621  7.541   1.00 41.82 ? 205 SO4 A S    1 
HETATM 1103 O  O1   . SO4 F 3 .   ? 8.845   11.021  8.357   1.00 41.02 ? 205 SO4 A O1   1 
HETATM 1104 O  O2   . SO4 F 3 .   ? 7.412   11.759  6.624   1.00 30.64 ? 205 SO4 A O2   1 
HETATM 1105 O  O3   . SO4 F 3 .   ? 6.504   10.409  8.449   1.00 39.01 ? 205 SO4 A O3   1 
HETATM 1106 O  O4   . SO4 F 3 .   ? 7.962   9.320   6.849   1.00 29.17 ? 205 SO4 A O4   1 
HETATM 1107 O  O    . HOH G 6 .   ? -10.806 -8.677  -11.402 1.00 25.51 ? 301 HOH A O    1 
HETATM 1108 O  O    . HOH G 6 .   ? 2.150   -3.647  -3.698  1.00 17.46 ? 302 HOH A O    1 
HETATM 1109 O  O    . HOH G 6 .   ? -3.388  8.810   14.008  1.00 26.09 ? 303 HOH A O    1 
HETATM 1110 O  O    . HOH G 6 .   ? 12.660  6.042   1.600   1.00 34.57 ? 304 HOH A O    1 
HETATM 1111 O  O    . HOH G 6 .   ? -3.031  14.433  -7.596  1.00 40.22 ? 305 HOH A O    1 
HETATM 1112 O  O    . HOH G 6 .   ? 1.559   -15.721 6.611   1.00 37.03 ? 306 HOH A O    1 
HETATM 1113 O  O    . HOH G 6 .   ? -13.136 -5.728  -0.823  1.00 30.31 ? 307 HOH A O    1 
HETATM 1114 O  O    . HOH G 6 .   ? 7.305   -9.308  11.969  1.00 24.52 ? 308 HOH A O    1 
HETATM 1115 O  O    . HOH G 6 .   ? 3.419   7.243   12.199  1.00 39.34 ? 309 HOH A O    1 
HETATM 1116 O  O    . HOH G 6 .   ? -4.022  11.208  12.877  1.00 20.86 ? 310 HOH A O    1 
HETATM 1117 O  O    . HOH G 6 .   ? 0.549   -16.129 -4.984  1.00 32.07 ? 311 HOH A O    1 
HETATM 1118 O  O    . HOH G 6 .   ? -4.809  -13.393 -7.995  1.00 20.24 ? 312 HOH A O    1 
HETATM 1119 O  O    . HOH G 6 .   ? 5.370   9.093   -11.213 1.00 35.72 ? 313 HOH A O    1 
HETATM 1120 O  O    . HOH G 6 .   ? -0.762  5.839   -3.316  1.00 24.10 ? 314 HOH A O    1 
HETATM 1121 O  O    . HOH G 6 .   ? -1.647  -0.166  6.146   1.00 26.40 ? 315 HOH A O    1 
HETATM 1122 O  O    . HOH G 6 .   ? 1.925   8.327   15.826  1.00 31.61 ? 316 HOH A O    1 
HETATM 1123 O  O    . HOH G 6 .   ? 16.636  -12.948 5.368   1.00 24.01 ? 317 HOH A O    1 
HETATM 1124 O  O    . HOH G 6 .   ? -11.941 -5.281  -12.144 1.00 25.76 ? 318 HOH A O    1 
HETATM 1125 O  O    . HOH G 6 .   ? -4.131  13.685  -3.379  1.00 35.72 ? 319 HOH A O    1 
HETATM 1126 O  O    . HOH G 6 .   ? -3.716  -3.012  -16.124 1.00 38.77 ? 320 HOH A O    1 
HETATM 1127 O  O    . HOH G 6 .   ? -9.658  -13.167 1.987   1.00 25.85 ? 321 HOH A O    1 
HETATM 1128 O  O    . HOH G 6 .   ? -1.653  -17.098 -0.564  1.00 33.86 ? 322 HOH A O    1 
HETATM 1129 O  O    . HOH G 6 .   ? -4.187  5.143   7.446   1.00 35.81 ? 323 HOH A O    1 
HETATM 1130 O  O    . HOH G 6 .   ? 8.915   -10.329 -1.256  1.00 22.35 ? 324 HOH A O    1 
HETATM 1131 O  O    . HOH G 6 .   ? 11.290  10.632  7.222   1.00 35.97 ? 325 HOH A O    1 
HETATM 1132 O  O    . HOH G 6 .   ? 1.121   7.329   8.842   1.00 23.48 ? 326 HOH A O    1 
HETATM 1133 O  O    . HOH G 6 .   ? -4.745  4.357   0.174   1.00 25.08 ? 327 HOH A O    1 
HETATM 1134 O  O    . HOH G 6 .   ? -3.855  0.525   -13.380 1.00 28.83 ? 328 HOH A O    1 
HETATM 1135 O  O    . HOH G 6 .   ? 3.130   10.422  -12.461 1.00 34.52 ? 329 HOH A O    1 
HETATM 1136 O  O    . HOH G 6 .   ? 5.879   -15.360 -9.181  1.00 28.47 ? 330 HOH A O    1 
HETATM 1137 O  O    . HOH G 6 .   ? -6.871  2.333   -0.757  1.00 38.57 ? 331 HOH A O    1 
HETATM 1138 O  O    . HOH G 6 .   ? -10.896 -6.091  -8.128  1.00 20.11 ? 332 HOH A O    1 
HETATM 1139 O  O    . HOH G 6 .   ? -10.798 -1.775  6.222   1.00 25.73 ? 333 HOH A O    1 
HETATM 1140 O  O    . HOH G 6 .   ? 3.058   13.866  7.118   1.00 27.93 ? 334 HOH A O    1 
HETATM 1141 O  O    . HOH G 6 .   ? -5.460  -19.375 -2.749  1.00 32.24 ? 335 HOH A O    1 
HETATM 1142 O  O    . HOH G 6 .   ? -5.598  16.449  0.336   1.00 39.06 ? 336 HOH A O    1 
HETATM 1143 O  O    . HOH G 6 .   ? -7.968  -8.999  4.579   1.00 19.89 ? 337 HOH A O    1 
HETATM 1144 O  O    . HOH G 6 .   ? -0.357  -0.436  14.157  1.00 35.48 ? 338 HOH A O    1 
HETATM 1145 O  O    . HOH G 6 .   ? -9.880  -12.358 -0.504  1.00 21.72 ? 339 HOH A O    1 
HETATM 1146 O  O    . HOH G 6 .   ? -11.309 4.599   -10.360 1.00 32.05 ? 340 HOH A O    1 
HETATM 1147 O  O    . HOH G 6 .   ? 1.243   -4.183  -11.593 1.00 23.10 ? 341 HOH A O    1 
HETATM 1148 O  O    . HOH G 6 .   ? -5.802  -15.831 3.842   1.00 20.98 ? 342 HOH A O    1 
HETATM 1149 O  O    . HOH G 6 .   ? 2.283   14.391  11.080  1.00 26.92 ? 343 HOH A O    1 
HETATM 1150 O  O    . HOH G 6 .   ? -2.769  4.070   -2.029  1.00 35.58 ? 344 HOH A O    1 
HETATM 1151 O  O    . HOH G 6 .   ? 5.689   0.734   -12.292 1.00 36.97 ? 345 HOH A O    1 
HETATM 1152 O  O    . HOH G 6 .   ? -4.869  -6.188  -9.937  1.00 18.03 ? 346 HOH A O    1 
HETATM 1153 O  O    . HOH G 6 .   ? 0.737   -11.956 13.543  1.00 33.51 ? 347 HOH A O    1 
HETATM 1154 O  O    . HOH G 6 .   ? -11.991 1.891   -16.574 1.00 43.07 ? 348 HOH A O    1 
HETATM 1155 O  O    . HOH G 6 .   ? 14.050  -9.846  0.607   1.00 38.38 ? 349 HOH A O    1 
HETATM 1156 O  O    . HOH G 6 .   ? 0.600   -11.833 10.932  1.00 27.59 ? 350 HOH A O    1 
HETATM 1157 O  O    . HOH G 6 .   ? -12.827 5.105   7.247   1.00 29.82 ? 351 HOH A O    1 
HETATM 1158 O  O    . HOH G 6 .   ? 12.549  -0.217  10.187  1.00 36.05 ? 352 HOH A O    1 
HETATM 1159 O  O    . HOH G 6 .   ? -8.910  -7.309  -9.801  1.00 21.63 ? 353 HOH A O    1 
HETATM 1160 O  O    . HOH G 6 .   ? 12.900  10.323  -2.351  1.00 30.94 ? 354 HOH A O    1 
HETATM 1161 O  O    . HOH G 6 .   ? 6.513   -8.485  15.543  1.00 35.33 ? 355 HOH A O    1 
HETATM 1162 O  O    . HOH G 6 .   ? 8.374   -16.506 5.223   1.00 40.42 ? 356 HOH A O    1 
HETATM 1163 O  O    . HOH G 6 .   ? -2.379  7.781   -15.694 1.00 36.33 ? 357 HOH A O    1 
HETATM 1164 O  O    . HOH G 6 .   ? -9.776  -2.449  -17.202 1.00 34.64 ? 358 HOH A O    1 
HETATM 1165 O  O    . HOH G 6 .   ? 0.238   18.939  -2.097  1.00 42.48 ? 359 HOH A O    1 
HETATM 1166 O  O    . HOH G 6 .   ? -8.192  9.573   -13.730 1.00 40.06 ? 360 HOH A O    1 
HETATM 1167 O  O    . HOH G 6 .   ? -6.952  -2.831  12.432  1.00 33.57 ? 361 HOH A O    1 
HETATM 1168 O  O    . HOH G 6 .   ? 9.109   7.490   -10.700 1.00 35.58 ? 362 HOH A O    1 
HETATM 1169 O  O    . HOH G 6 .   ? 13.225  -8.682  10.691  1.00 31.15 ? 363 HOH A O    1 
HETATM 1170 O  O    . HOH G 6 .   ? -4.801  8.470   -16.007 1.00 30.02 ? 364 HOH A O    1 
HETATM 1171 O  O    . HOH G 6 .   ? -11.186 -17.422 -6.674  1.00 24.52 ? 365 HOH A O    1 
HETATM 1172 O  O    . HOH G 6 .   ? -5.824  18.588  3.325   1.00 25.14 ? 366 HOH A O    1 
HETATM 1173 O  O    . HOH G 6 .   ? 9.029   13.593  4.194   1.00 30.61 ? 367 HOH A O    1 
HETATM 1174 O  O    . HOH G 6 .   ? 10.949  3.329   7.218   1.00 26.19 ? 368 HOH A O    1 
HETATM 1175 O  O    . HOH G 6 .   ? 9.902   -5.717  -8.185  1.00 38.98 ? 369 HOH A O    1 
HETATM 1176 O  O    . HOH G 6 .   ? -12.767 -15.162 2.822   1.00 25.50 ? 370 HOH A O    1 
HETATM 1177 O  O    . HOH G 6 .   ? 0.834   -11.322 -11.558 1.00 26.20 ? 371 HOH A O    1 
HETATM 1178 O  O    . HOH G 6 .   ? 17.253  -11.942 9.368   1.00 31.16 ? 372 HOH A O    1 
HETATM 1179 O  O    . HOH G 6 .   ? -0.032  15.199  -7.925  1.00 39.35 ? 373 HOH A O    1 
HETATM 1180 O  O    . HOH G 6 .   ? 7.932   1.238   -5.691  1.00 33.53 ? 374 HOH A O    1 
HETATM 1181 O  O    . HOH G 6 .   ? -12.603 0.974   1.259   1.00 40.86 ? 375 HOH A O    1 
HETATM 1182 O  O    . HOH G 6 .   ? 9.611   6.168   11.835  1.00 27.34 ? 376 HOH A O    1 
HETATM 1183 O  O    . HOH G 6 .   ? -6.680  -5.580  -16.770 1.00 34.05 ? 377 HOH A O    1 
HETATM 1184 O  O    . HOH G 6 .   ? -6.337  6.603   -15.012 1.00 39.41 ? 378 HOH A O    1 
HETATM 1185 O  O    . HOH G 6 .   ? -6.004  -11.878 -14.524 1.00 41.13 ? 379 HOH A O    1 
HETATM 1186 O  O    . HOH G 6 .   ? 3.873   -10.383 17.032  1.00 40.12 ? 380 HOH A O    1 
HETATM 1187 O  O    . HOH G 6 .   ? 2.686   18.056  -6.061  1.00 37.04 ? 381 HOH A O    1 
HETATM 1188 O  O    . HOH G 6 .   ? -1.582  -6.656  -15.879 1.00 41.75 ? 382 HOH A O    1 
HETATM 1189 O  O    . HOH G 6 .   ? 4.159   12.042  12.878  1.00 38.93 ? 383 HOH A O    1 
HETATM 1190 O  O    . HOH G 6 .   ? -8.994  11.761  -8.315  1.00 32.53 ? 384 HOH A O    1 
HETATM 1191 O  O    . HOH G 6 .   ? 14.348  -10.362 11.717  1.00 33.80 ? 385 HOH A O    1 
HETATM 1192 O  O    . HOH G 6 .   ? -5.495  -1.329  1.200   1.00 34.22 ? 386 HOH A O    1 
HETATM 1193 O  O    . HOH G 6 .   ? -2.755  1.174   -1.426  1.00 38.01 ? 387 HOH A O    1 
HETATM 1194 O  O    . HOH G 6 .   ? -12.844 -10.531 1.707   1.00 37.56 ? 388 HOH A O    1 
HETATM 1195 O  O    . HOH G 6 .   ? 7.755   21.128  -0.581  1.00 38.50 ? 389 HOH A O    1 
HETATM 1196 O  O    . HOH G 6 .   ? 9.206   14.639  6.585   1.00 44.18 ? 390 HOH A O    1 
HETATM 1197 O  O    . HOH G 6 .   ? -11.338 1.022   -2.406  1.00 34.69 ? 391 HOH A O    1 
HETATM 1198 O  O    . HOH G 6 .   ? -9.607  -9.548  7.259   1.00 44.84 ? 392 HOH A O    1 
HETATM 1199 O  O    . HOH G 6 .   ? 11.725  -12.060 -5.099  1.00 38.54 ? 393 HOH A O    1 
HETATM 1200 O  O    . HOH G 6 .   ? -5.138  -11.532 13.754  1.00 42.44 ? 394 HOH A O    1 
HETATM 1201 O  O    . HOH G 6 .   ? 7.641   -14.109 -1.401  1.00 41.57 ? 395 HOH A O    1 
HETATM 1202 O  O    . HOH G 6 .   ? -8.118  15.640  7.270   1.00 38.99 ? 396 HOH A O    1 
HETATM 1203 O  O    . HOH G 6 .   ? -4.325  -15.767 -10.020 1.00 36.20 ? 397 HOH A O    1 
HETATM 1204 O  O    . HOH G 6 .   ? -11.449 -16.470 -9.367  1.00 31.83 ? 398 HOH A O    1 
HETATM 1205 O  O    . HOH G 6 .   ? -10.178 -15.453 3.716   1.00 34.24 ? 399 HOH A O    1 
HETATM 1206 O  O    . HOH G 6 .   ? 16.946  8.495   3.618   1.00 46.66 ? 400 HOH A O    1 
HETATM 1207 O  O    . HOH G 6 .   ? -5.029  14.480  -5.606  1.00 41.87 ? 401 HOH A O    1 
HETATM 1208 O  O    . HOH G 6 .   ? 16.711  11.086  3.707   1.00 43.03 ? 402 HOH A O    1 
HETATM 1209 O  O    . HOH G 6 .   ? -0.608  -11.491 -13.761 1.00 42.99 ? 403 HOH A O    1 
# 
